data_1BMG
# 
_entry.id   1BMG 
# 
_audit_conform.dict_name       mmcif_pdbx.dic 
_audit_conform.dict_version    5.399 
_audit_conform.dict_location   http://mmcif.pdb.org/dictionaries/ascii/mmcif_pdbx.dic 
# 
loop_
_database_2.database_id 
_database_2.database_code 
_database_2.pdbx_database_accession 
_database_2.pdbx_DOI 
PDB   1BMG         pdb_00001bmg 10.2210/pdb1bmg/pdb 
WWPDB D_1000171912 ?            ?                   
# 
loop_
_pdbx_audit_revision_history.ordinal 
_pdbx_audit_revision_history.data_content_type 
_pdbx_audit_revision_history.major_revision 
_pdbx_audit_revision_history.minor_revision 
_pdbx_audit_revision_history.revision_date 
1 'Structure model' 1 0 1995-10-15 
2 'Structure model' 1 1 2008-03-24 
3 'Structure model' 1 2 2011-07-13 
4 'Structure model' 1 3 2017-11-29 
5 'Structure model' 1 4 2019-07-17 
6 'Structure model' 1 5 2024-11-20 
# 
_pdbx_audit_revision_details.ordinal             1 
_pdbx_audit_revision_details.revision_ordinal    1 
_pdbx_audit_revision_details.data_content_type   'Structure model' 
_pdbx_audit_revision_details.provider            repository 
_pdbx_audit_revision_details.type                'Initial release' 
_pdbx_audit_revision_details.description         ? 
_pdbx_audit_revision_details.details             ? 
# 
loop_
_pdbx_audit_revision_group.ordinal 
_pdbx_audit_revision_group.revision_ordinal 
_pdbx_audit_revision_group.data_content_type 
_pdbx_audit_revision_group.group 
1 2 'Structure model' 'Version format compliance' 
2 3 'Structure model' 'Version format compliance' 
3 4 'Structure model' 'Derived calculations'      
4 4 'Structure model' Other                       
5 5 'Structure model' 'Data collection'           
6 5 'Structure model' 'Refinement description'    
7 6 'Structure model' 'Data collection'           
8 6 'Structure model' 'Database references'       
9 6 'Structure model' 'Structure summary'         
# 
loop_
_pdbx_audit_revision_category.ordinal 
_pdbx_audit_revision_category.revision_ordinal 
_pdbx_audit_revision_category.data_content_type 
_pdbx_audit_revision_category.category 
1 4 'Structure model' pdbx_database_status      
2 4 'Structure model' struct_conf               
3 5 'Structure model' software                  
4 6 'Structure model' chem_comp_atom            
5 6 'Structure model' chem_comp_bond            
6 6 'Structure model' database_2                
7 6 'Structure model' pdbx_entry_details        
8 6 'Structure model' pdbx_modification_feature 
# 
loop_
_pdbx_audit_revision_item.ordinal 
_pdbx_audit_revision_item.revision_ordinal 
_pdbx_audit_revision_item.data_content_type 
_pdbx_audit_revision_item.item 
1 4 'Structure model' '_pdbx_database_status.process_site'  
2 5 'Structure model' '_software.classification'            
3 5 'Structure model' '_software.name'                      
4 5 'Structure model' '_software.version'                   
5 6 'Structure model' '_database_2.pdbx_DOI'                
6 6 'Structure model' '_database_2.pdbx_database_accession' 
# 
_pdbx_database_status.status_code                     REL 
_pdbx_database_status.entry_id                        1BMG 
_pdbx_database_status.recvd_initial_deposition_date   1995-07-18 
_pdbx_database_status.deposit_site                    ? 
_pdbx_database_status.process_site                    BNL 
_pdbx_database_status.status_code_sf                  REL 
_pdbx_database_status.status_code_mr                  ? 
_pdbx_database_status.SG_entry                        ? 
_pdbx_database_status.pdb_format_compatible           Y 
_pdbx_database_status.status_code_cs                  ? 
_pdbx_database_status.methods_development_category    ? 
_pdbx_database_status.status_code_nmr_data            ? 
# 
loop_
_audit_author.name 
_audit_author.pdbx_ordinal 
'Becker, J.W.'       1 
'Reeke Junior, G.N.' 2 
# 
loop_
_citation.id 
_citation.title 
_citation.journal_abbrev 
_citation.journal_volume 
_citation.page_first 
_citation.page_last 
_citation.year 
_citation.journal_id_ASTM 
_citation.country 
_citation.journal_id_ISSN 
_citation.journal_id_CSD 
_citation.book_publisher 
_citation.pdbx_database_id_PubMed 
_citation.pdbx_database_id_DOI 
primary 'Three-dimensional structure of beta 2-microglobulin.'       Proc.Natl.Acad.Sci.USA 82  4225 4229 1985 PNASA6 US 0027-8424 
0040 ? 3889925 10.1073/pnas.82.12.4225 
1       'Complete Amino Acid Sequence of Bovine Beta2-Microglobulin' J.Biol.Chem.           257 2619 ?    1982 JBCHA3 US 0021-9258 
0071 ? ?       ?                       
2       'Crystallographic Studies of Bovine Beta2-Microglobulin'     Proc.Natl.Acad.Sci.USA 74  3345 ?    1977 PNASA6 US 0027-8424 
0040 ? ?       ?                       
# 
loop_
_citation_author.citation_id 
_citation_author.name 
_citation_author.ordinal 
_citation_author.identifier_ORCID 
primary 'Becker, J.W.'     1 ? 
primary 'Reeke Jr., G.N.'  2 ? 
1       'Groves, M.L.'     3 ? 
1       'Greenberg, R.'    4 ? 
2       'Becker, J.W.'     5 ? 
2       'Ziffer, J.A.'     6 ? 
2       'Edelman, G.M.'    7 ? 
2       'Cunningham, B.A.' 8 ? 
# 
loop_
_entity.id 
_entity.type 
_entity.src_method 
_entity.pdbx_description 
_entity.formula_weight 
_entity.pdbx_number_of_molecules 
_entity.pdbx_ec 
_entity.pdbx_mutation 
_entity.pdbx_fragment 
_entity.details 
1 polymer nat BETA=2=-MICROGLOBULIN 11653.148 1  ? ? ? ? 
2 water   nat water                 18.015    24 ? ? ? ? 
# 
_entity_poly.entity_id                      1 
_entity_poly.type                           'polypeptide(L)' 
_entity_poly.nstd_linkage                   no 
_entity_poly.nstd_monomer                   no 
_entity_poly.pdbx_seq_one_letter_code       
;IQRPPKIQVYSRHPPEDGKPNYLNCYVYGFHPPQIEIDLLKNGEKIKSEQSDLSFSKDWSFYLLSHAEFTPNSKDQYSCR
VKHVTLEQPRIVKWDRDL
;
_entity_poly.pdbx_seq_one_letter_code_can   
;IQRPPKIQVYSRHPPEDGKPNYLNCYVYGFHPPQIEIDLLKNGEKIKSEQSDLSFSKDWSFYLLSHAEFTPNSKDQYSCR
VKHVTLEQPRIVKWDRDL
;
_entity_poly.pdbx_strand_id                 A 
_entity_poly.pdbx_target_identifier         ? 
# 
_pdbx_entity_nonpoly.entity_id   2 
_pdbx_entity_nonpoly.name        water 
_pdbx_entity_nonpoly.comp_id     HOH 
# 
loop_
_entity_poly_seq.entity_id 
_entity_poly_seq.num 
_entity_poly_seq.mon_id 
_entity_poly_seq.hetero 
1 1  ILE n 
1 2  GLN n 
1 3  ARG n 
1 4  PRO n 
1 5  PRO n 
1 6  LYS n 
1 7  ILE n 
1 8  GLN n 
1 9  VAL n 
1 10 TYR n 
1 11 SER n 
1 12 ARG n 
1 13 HIS n 
1 14 PRO n 
1 15 PRO n 
1 16 GLU n 
1 17 ASP n 
1 18 GLY n 
1 19 LYS n 
1 20 PRO n 
1 21 ASN n 
1 22 TYR n 
1 23 LEU n 
1 24 ASN n 
1 25 CYS n 
1 26 TYR n 
1 27 VAL n 
1 28 TYR n 
1 29 GLY n 
1 30 PHE n 
1 31 HIS n 
1 32 PRO n 
1 33 PRO n 
1 34 GLN n 
1 35 ILE n 
1 36 GLU n 
1 37 ILE n 
1 38 ASP n 
1 39 LEU n 
1 40 LEU n 
1 41 LYS n 
1 42 ASN n 
1 43 GLY n 
1 44 GLU n 
1 45 LYS n 
1 46 ILE n 
1 47 LYS n 
1 48 SER n 
1 49 GLU n 
1 50 GLN n 
1 51 SER n 
1 52 ASP n 
1 53 LEU n 
1 54 SER n 
1 55 PHE n 
1 56 SER n 
1 57 LYS n 
1 58 ASP n 
1 59 TRP n 
1 60 SER n 
1 61 PHE n 
1 62 TYR n 
1 63 LEU n 
1 64 LEU n 
1 65 SER n 
1 66 HIS n 
1 67 ALA n 
1 68 GLU n 
1 69 PHE n 
1 70 THR n 
1 71 PRO n 
1 72 ASN n 
1 73 SER n 
1 74 LYS n 
1 75 ASP n 
1 76 GLN n 
1 77 TYR n 
1 78 SER n 
1 79 CYS n 
1 80 ARG n 
1 81 VAL n 
1 82 LYS n 
1 83 HIS n 
1 84 VAL n 
1 85 THR n 
1 86 LEU n 
1 87 GLU n 
1 88 GLN n 
1 89 PRO n 
1 90 ARG n 
1 91 ILE n 
1 92 VAL n 
1 93 LYS n 
1 94 TRP n 
1 95 ASP n 
1 96 ARG n 
1 97 ASP n 
1 98 LEU n 
# 
_entity_src_nat.entity_id                  1 
_entity_src_nat.pdbx_src_id                1 
_entity_src_nat.pdbx_alt_source_flag       sample 
_entity_src_nat.pdbx_beg_seq_num           ? 
_entity_src_nat.pdbx_end_seq_num           ? 
_entity_src_nat.common_name                cattle 
_entity_src_nat.pdbx_organism_scientific   'Bos taurus' 
_entity_src_nat.pdbx_ncbi_taxonomy_id      9913 
_entity_src_nat.genus                      Bos 
_entity_src_nat.species                    ? 
_entity_src_nat.strain                     ? 
_entity_src_nat.tissue                     'MILK, COLOSTRUM' 
_entity_src_nat.tissue_fraction            ? 
_entity_src_nat.pdbx_secretion             ? 
_entity_src_nat.pdbx_fragment              ? 
_entity_src_nat.pdbx_variant               ? 
_entity_src_nat.pdbx_cell_line             S2 
_entity_src_nat.pdbx_atcc                  ? 
_entity_src_nat.pdbx_cellular_location     ? 
_entity_src_nat.pdbx_organ                 ? 
_entity_src_nat.pdbx_organelle             ? 
_entity_src_nat.pdbx_cell                  ? 
_entity_src_nat.pdbx_plasmid_name          ? 
_entity_src_nat.pdbx_plasmid_details       ? 
_entity_src_nat.details                    ? 
# 
loop_
_chem_comp.id 
_chem_comp.type 
_chem_comp.mon_nstd_flag 
_chem_comp.name 
_chem_comp.pdbx_synonyms 
_chem_comp.formula 
_chem_comp.formula_weight 
ALA 'L-peptide linking' y ALANINE         ? 'C3 H7 N O2'     89.093  
ARG 'L-peptide linking' y ARGININE        ? 'C6 H15 N4 O2 1' 175.209 
ASN 'L-peptide linking' y ASPARAGINE      ? 'C4 H8 N2 O3'    132.118 
ASP 'L-peptide linking' y 'ASPARTIC ACID' ? 'C4 H7 N O4'     133.103 
CYS 'L-peptide linking' y CYSTEINE        ? 'C3 H7 N O2 S'   121.158 
GLN 'L-peptide linking' y GLUTAMINE       ? 'C5 H10 N2 O3'   146.144 
GLU 'L-peptide linking' y 'GLUTAMIC ACID' ? 'C5 H9 N O4'     147.129 
GLY 'peptide linking'   y GLYCINE         ? 'C2 H5 N O2'     75.067  
HIS 'L-peptide linking' y HISTIDINE       ? 'C6 H10 N3 O2 1' 156.162 
HOH non-polymer         . WATER           ? 'H2 O'           18.015  
ILE 'L-peptide linking' y ISOLEUCINE      ? 'C6 H13 N O2'    131.173 
LEU 'L-peptide linking' y LEUCINE         ? 'C6 H13 N O2'    131.173 
LYS 'L-peptide linking' y LYSINE          ? 'C6 H15 N2 O2 1' 147.195 
PHE 'L-peptide linking' y PHENYLALANINE   ? 'C9 H11 N O2'    165.189 
PRO 'L-peptide linking' y PROLINE         ? 'C5 H9 N O2'     115.130 
SER 'L-peptide linking' y SERINE          ? 'C3 H7 N O3'     105.093 
THR 'L-peptide linking' y THREONINE       ? 'C4 H9 N O3'     119.119 
TRP 'L-peptide linking' y TRYPTOPHAN      ? 'C11 H12 N2 O2'  204.225 
TYR 'L-peptide linking' y TYROSINE        ? 'C9 H11 N O3'    181.189 
VAL 'L-peptide linking' y VALINE          ? 'C5 H11 N O2'    117.146 
# 
loop_
_pdbx_poly_seq_scheme.asym_id 
_pdbx_poly_seq_scheme.entity_id 
_pdbx_poly_seq_scheme.seq_id 
_pdbx_poly_seq_scheme.mon_id 
_pdbx_poly_seq_scheme.ndb_seq_num 
_pdbx_poly_seq_scheme.pdb_seq_num 
_pdbx_poly_seq_scheme.auth_seq_num 
_pdbx_poly_seq_scheme.pdb_mon_id 
_pdbx_poly_seq_scheme.auth_mon_id 
_pdbx_poly_seq_scheme.pdb_strand_id 
_pdbx_poly_seq_scheme.pdb_ins_code 
_pdbx_poly_seq_scheme.hetero 
A 1 1  ILE 1  1  1  ILE ILE A . n 
A 1 2  GLN 2  2  2  GLN GLN A . n 
A 1 3  ARG 3  3  3  ARG ARG A . n 
A 1 4  PRO 4  4  4  PRO PRO A . n 
A 1 5  PRO 5  5  5  PRO PRO A . n 
A 1 6  LYS 6  6  6  LYS LYS A . n 
A 1 7  ILE 7  7  7  ILE ILE A . n 
A 1 8  GLN 8  8  8  GLN GLN A . n 
A 1 9  VAL 9  9  9  VAL VAL A . n 
A 1 10 TYR 10 10 10 TYR TYR A . n 
A 1 11 SER 11 11 11 SER SER A . n 
A 1 12 ARG 12 12 12 ARG ARG A . n 
A 1 13 HIS 13 13 13 HIS HIS A . n 
A 1 14 PRO 14 14 14 PRO PRO A . n 
A 1 15 PRO 15 15 15 PRO PRO A . n 
A 1 16 GLU 16 16 16 GLU GLU A . n 
A 1 17 ASP 17 17 17 ASP ASP A . n 
A 1 18 GLY 18 18 18 GLY GLY A . n 
A 1 19 LYS 19 19 19 LYS LYS A . n 
A 1 20 PRO 20 20 20 PRO PRO A . n 
A 1 21 ASN 21 21 21 ASN ASN A . n 
A 1 22 TYR 22 22 22 TYR TYR A . n 
A 1 23 LEU 23 23 23 LEU LEU A . n 
A 1 24 ASN 24 24 24 ASN ASN A . n 
A 1 25 CYS 25 25 25 CYS CYS A . n 
A 1 26 TYR 26 26 26 TYR TYR A . n 
A 1 27 VAL 27 27 27 VAL VAL A . n 
A 1 28 TYR 28 28 28 TYR TYR A . n 
A 1 29 GLY 29 29 29 GLY GLY A . n 
A 1 30 PHE 30 30 30 PHE PHE A . n 
A 1 31 HIS 31 31 31 HIS HIS A . n 
A 1 32 PRO 32 32 32 PRO PRO A . n 
A 1 33 PRO 33 33 33 PRO PRO A . n 
A 1 34 GLN 34 34 34 GLN GLN A . n 
A 1 35 ILE 35 35 35 ILE ILE A . n 
A 1 36 GLU 36 36 36 GLU GLU A . n 
A 1 37 ILE 37 37 37 ILE ILE A . n 
A 1 38 ASP 38 38 38 ASP ASP A . n 
A 1 39 LEU 39 39 39 LEU LEU A . n 
A 1 40 LEU 40 40 40 LEU LEU A . n 
A 1 41 LYS 41 41 41 LYS LYS A . n 
A 1 42 ASN 42 42 42 ASN ASN A . n 
A 1 43 GLY 43 43 43 GLY GLY A . n 
A 1 44 GLU 44 44 44 GLU GLU A . n 
A 1 45 LYS 45 45 45 LYS LYS A . n 
A 1 46 ILE 46 46 46 ILE ILE A . n 
A 1 47 LYS 47 47 47 LYS LYS A . n 
A 1 48 SER 48 48 48 SER SER A . n 
A 1 49 GLU 49 49 49 GLU GLU A . n 
A 1 50 GLN 50 50 50 GLN GLN A . n 
A 1 51 SER 51 51 51 SER SER A . n 
A 1 52 ASP 52 52 52 ASP ASP A . n 
A 1 53 LEU 53 53 53 LEU LEU A . n 
A 1 54 SER 54 54 54 SER SER A . n 
A 1 55 PHE 55 55 55 PHE PHE A . n 
A 1 56 SER 56 56 56 SER SER A . n 
A 1 57 LYS 57 57 57 LYS LYS A . n 
A 1 58 ASP 58 58 58 ASP ASP A . n 
A 1 59 TRP 59 59 59 TRP TRP A . n 
A 1 60 SER 60 60 60 SER SER A . n 
A 1 61 PHE 61 61 61 PHE PHE A . n 
A 1 62 TYR 62 62 62 TYR TYR A . n 
A 1 63 LEU 63 63 63 LEU LEU A . n 
A 1 64 LEU 64 64 64 LEU LEU A . n 
A 1 65 SER 65 65 65 SER SER A . n 
A 1 66 HIS 66 66 66 HIS HIS A . n 
A 1 67 ALA 67 67 67 ALA ALA A . n 
A 1 68 GLU 68 68 68 GLU GLU A . n 
A 1 69 PHE 69 69 69 PHE PHE A . n 
A 1 70 THR 70 70 70 THR THR A . n 
A 1 71 PRO 71 71 71 PRO PRO A . n 
A 1 72 ASN 72 72 72 ASN ASN A . n 
A 1 73 SER 73 73 73 SER SER A . n 
A 1 74 LYS 74 74 74 LYS LYS A . n 
A 1 75 ASP 75 75 75 ASP ASP A . n 
A 1 76 GLN 76 76 76 GLN GLN A . n 
A 1 77 TYR 77 77 77 TYR TYR A . n 
A 1 78 SER 78 78 78 SER SER A . n 
A 1 79 CYS 79 79 79 CYS CYS A . n 
A 1 80 ARG 80 80 80 ARG ARG A . n 
A 1 81 VAL 81 81 81 VAL VAL A . n 
A 1 82 LYS 82 82 82 LYS LYS A . n 
A 1 83 HIS 83 83 83 HIS HIS A . n 
A 1 84 VAL 84 84 84 VAL VAL A . n 
A 1 85 THR 85 85 85 THR THR A . n 
A 1 86 LEU 86 86 86 LEU LEU A . n 
A 1 87 GLU 87 87 87 GLU GLU A . n 
A 1 88 GLN 88 88 88 GLN GLN A . n 
A 1 89 PRO 89 89 89 PRO PRO A . n 
A 1 90 ARG 90 90 90 ARG ARG A . n 
A 1 91 ILE 91 91 91 ILE ILE A . n 
A 1 92 VAL 92 92 92 VAL VAL A . n 
A 1 93 LYS 93 93 93 LYS LYS A . n 
A 1 94 TRP 94 94 94 TRP TRP A . n 
A 1 95 ASP 95 95 95 ASP ASP A . n 
A 1 96 ARG 96 96 96 ARG ARG A . n 
A 1 97 ASP 97 97 97 ASP ASP A . n 
A 1 98 LEU 98 98 98 LEU LEU A . n 
# 
loop_
_pdbx_nonpoly_scheme.asym_id 
_pdbx_nonpoly_scheme.entity_id 
_pdbx_nonpoly_scheme.mon_id 
_pdbx_nonpoly_scheme.ndb_seq_num 
_pdbx_nonpoly_scheme.pdb_seq_num 
_pdbx_nonpoly_scheme.auth_seq_num 
_pdbx_nonpoly_scheme.pdb_mon_id 
_pdbx_nonpoly_scheme.auth_mon_id 
_pdbx_nonpoly_scheme.pdb_strand_id 
_pdbx_nonpoly_scheme.pdb_ins_code 
B 2 HOH 1  201 201 HOH HOH A . 
B 2 HOH 2  202 202 HOH HOH A . 
B 2 HOH 3  203 203 HOH HOH A . 
B 2 HOH 4  204 204 HOH HOH A . 
B 2 HOH 5  205 205 HOH HOH A . 
B 2 HOH 6  206 206 HOH HOH A . 
B 2 HOH 7  207 207 HOH HOH A . 
B 2 HOH 8  208 208 HOH HOH A . 
B 2 HOH 9  210 210 HOH HOH A . 
B 2 HOH 10 212 212 HOH HOH A . 
B 2 HOH 11 213 213 HOH HOH A . 
B 2 HOH 12 214 214 HOH HOH A . 
B 2 HOH 13 215 215 HOH HOH A . 
B 2 HOH 14 216 216 HOH HOH A . 
B 2 HOH 15 217 217 HOH HOH A . 
B 2 HOH 16 218 218 HOH HOH A . 
B 2 HOH 17 220 220 HOH HOH A . 
B 2 HOH 18 221 221 HOH HOH A . 
B 2 HOH 19 222 222 HOH HOH A . 
B 2 HOH 20 223 223 HOH HOH A . 
B 2 HOH 21 224 224 HOH HOH A . 
B 2 HOH 22 225 225 HOH HOH A . 
B 2 HOH 23 226 226 HOH HOH A . 
B 2 HOH 24 227 227 HOH HOH A . 
# 
loop_
_software.name 
_software.classification 
_software.version 
_software.citation_id 
_software.pdbx_ordinal 
X-PLOR refinement        3.1 ? 1 
X-PLOR 'model building'  3.1 ? 2 
PROLSQ refinement        .   ? 3 
ROCKS  'data collection' .   ? 4 
X-PLOR phasing           3.1 ? 5 
# 
_cell.entry_id           1BMG 
_cell.length_a           77.270 
_cell.length_b           47.990 
_cell.length_c           34.420 
_cell.angle_alpha        90.00 
_cell.angle_beta         90.00 
_cell.angle_gamma        90.00 
_cell.Z_PDB              4 
_cell.pdbx_unique_axis   ? 
# 
_symmetry.entry_id                         1BMG 
_symmetry.space_group_name_H-M             'P 21 21 21' 
_symmetry.pdbx_full_space_group_name_H-M   ? 
_symmetry.cell_setting                     ? 
_symmetry.Int_Tables_number                19 
# 
_exptl.entry_id          1BMG 
_exptl.method            'X-RAY DIFFRACTION' 
_exptl.crystals_number   ? 
# 
_exptl_crystal.id                    1 
_exptl_crystal.density_meas          ? 
_exptl_crystal.density_Matthews      2.74 
_exptl_crystal.density_percent_sol   55.04 
_exptl_crystal.description           ? 
# 
_diffrn.id                     1 
_diffrn.ambient_temp           ? 
_diffrn.ambient_temp_details   ? 
_diffrn.crystal_id             1 
# 
_diffrn_detector.diffrn_id              1 
_diffrn_detector.detector               FILM 
_diffrn_detector.type                   ? 
_diffrn_detector.pdbx_collection_date   1985 
_diffrn_detector.details                ? 
# 
_diffrn_radiation.diffrn_id                        1 
_diffrn_radiation.wavelength_id                    1 
_diffrn_radiation.pdbx_monochromatic_or_laue_m_l   M 
_diffrn_radiation.monochromator                    ? 
_diffrn_radiation.pdbx_diffrn_protocol             ? 
_diffrn_radiation.pdbx_scattering_type             x-ray 
# 
_diffrn_radiation_wavelength.id           1 
_diffrn_radiation_wavelength.wavelength   1.5418 
_diffrn_radiation_wavelength.wt           1.0 
# 
_diffrn_source.diffrn_id                   1 
_diffrn_source.source                      ? 
_diffrn_source.type                        ? 
_diffrn_source.pdbx_synchrotron_site       ? 
_diffrn_source.pdbx_synchrotron_beamline   ? 
_diffrn_source.pdbx_wavelength             1.5418 
_diffrn_source.pdbx_wavelength_list        ? 
# 
_reflns.entry_id                     1BMG 
_reflns.observed_criterion_sigma_I   0.0 
_reflns.observed_criterion_sigma_F   ? 
_reflns.d_resolution_low             48.0 
_reflns.d_resolution_high            2.34 
_reflns.number_obs                   3960 
_reflns.number_all                   ? 
_reflns.percent_possible_obs         65.0 
_reflns.pdbx_Rmerge_I_obs            0.0943 
_reflns.pdbx_Rsym_value              ? 
_reflns.pdbx_netI_over_sigmaI        ? 
_reflns.B_iso_Wilson_estimate        ? 
_reflns.pdbx_redundancy              18.4 
_reflns.pdbx_diffrn_id               1 
_reflns.pdbx_ordinal                 1 
# 
_refine.entry_id                                 1BMG 
_refine.ls_number_reflns_obs                     3177 
_refine.ls_number_reflns_all                     ? 
_refine.pdbx_ls_sigma_I                          ? 
_refine.pdbx_ls_sigma_F                          2.0 
_refine.pdbx_data_cutoff_high_absF               ? 
_refine.pdbx_data_cutoff_low_absF                ? 
_refine.pdbx_data_cutoff_high_rms_absF           ? 
_refine.ls_d_res_low                             5.0 
_refine.ls_d_res_high                            2.50 
_refine.ls_percent_reflns_obs                    69.3 
_refine.ls_R_factor_obs                          0.1914 
_refine.ls_R_factor_all                          ? 
_refine.ls_R_factor_R_work                       0.1914 
_refine.ls_R_factor_R_free                       0.29 
_refine.ls_R_factor_R_free_error                 ? 
_refine.ls_R_factor_R_free_error_details         ? 
_refine.ls_percent_reflns_R_free                 ? 
_refine.ls_number_reflns_R_free                  ? 
_refine.ls_number_parameters                     ? 
_refine.ls_number_restraints                     ? 
_refine.occupancy_min                            ? 
_refine.occupancy_max                            ? 
_refine.B_iso_mean                               30.0 
_refine.aniso_B[1][1]                            ? 
_refine.aniso_B[2][2]                            ? 
_refine.aniso_B[3][3]                            ? 
_refine.aniso_B[1][2]                            ? 
_refine.aniso_B[1][3]                            ? 
_refine.aniso_B[2][3]                            ? 
_refine.solvent_model_details                    ? 
_refine.solvent_model_param_ksol                 ? 
_refine.solvent_model_param_bsol                 ? 
_refine.pdbx_ls_cross_valid_method               ? 
_refine.details                                  ? 
_refine.pdbx_starting_model                      ? 
_refine.pdbx_method_to_determine_struct          ? 
_refine.pdbx_isotropic_thermal_model             ? 
_refine.pdbx_stereochemistry_target_values       ? 
_refine.pdbx_stereochem_target_val_spec_case     ? 
_refine.pdbx_R_Free_selection_details            ? 
_refine.pdbx_overall_ESU_R                       ? 
_refine.pdbx_overall_ESU_R_Free                  ? 
_refine.overall_SU_ML                            ? 
_refine.overall_SU_B                             ? 
_refine.pdbx_refine_id                           'X-RAY DIFFRACTION' 
_refine.pdbx_diffrn_id                           1 
_refine.pdbx_TLS_residual_ADP_flag               ? 
_refine.correlation_coeff_Fo_to_Fc               ? 
_refine.correlation_coeff_Fo_to_Fc_free          ? 
_refine.pdbx_solvent_vdw_probe_radii             ? 
_refine.pdbx_solvent_ion_probe_radii             ? 
_refine.pdbx_solvent_shrinkage_radii             ? 
_refine.pdbx_overall_phase_error                 ? 
_refine.overall_SU_R_Cruickshank_DPI             ? 
_refine.pdbx_overall_SU_R_free_Cruickshank_DPI   ? 
_refine.pdbx_overall_SU_R_Blow_DPI               ? 
_refine.pdbx_overall_SU_R_free_Blow_DPI          ? 
# 
_refine_hist.pdbx_refine_id                   'X-RAY DIFFRACTION' 
_refine_hist.cycle_id                         LAST 
_refine_hist.pdbx_number_atoms_protein        1014 
_refine_hist.pdbx_number_atoms_nucleic_acid   0 
_refine_hist.pdbx_number_atoms_ligand         0 
_refine_hist.number_atoms_solvent             72 
_refine_hist.number_atoms_total               1086 
_refine_hist.d_res_high                       2.50 
_refine_hist.d_res_low                        5.0 
# 
loop_
_refine_ls_restr.type 
_refine_ls_restr.dev_ideal 
_refine_ls_restr.dev_ideal_target 
_refine_ls_restr.weight 
_refine_ls_restr.number 
_refine_ls_restr.pdbx_refine_id 
_refine_ls_restr.pdbx_restraint_function 
x_bond_d                0.007 ? ? ? 'X-RAY DIFFRACTION' ? 
x_bond_d_na             ?     ? ? ? 'X-RAY DIFFRACTION' ? 
x_bond_d_prot           ?     ? ? ? 'X-RAY DIFFRACTION' ? 
x_angle_d               ?     ? ? ? 'X-RAY DIFFRACTION' ? 
x_angle_d_na            ?     ? ? ? 'X-RAY DIFFRACTION' ? 
x_angle_d_prot          ?     ? ? ? 'X-RAY DIFFRACTION' ? 
x_angle_deg             1.54  ? ? ? 'X-RAY DIFFRACTION' ? 
x_angle_deg_na          ?     ? ? ? 'X-RAY DIFFRACTION' ? 
x_angle_deg_prot        ?     ? ? ? 'X-RAY DIFFRACTION' ? 
x_dihedral_angle_d      27.4  ? ? ? 'X-RAY DIFFRACTION' ? 
x_dihedral_angle_d_na   ?     ? ? ? 'X-RAY DIFFRACTION' ? 
x_dihedral_angle_d_prot ?     ? ? ? 'X-RAY DIFFRACTION' ? 
x_improper_angle_d      1.19  ? ? ? 'X-RAY DIFFRACTION' ? 
x_improper_angle_d_na   ?     ? ? ? 'X-RAY DIFFRACTION' ? 
x_improper_angle_d_prot ?     ? ? ? 'X-RAY DIFFRACTION' ? 
x_mcbond_it             ?     ? ? ? 'X-RAY DIFFRACTION' ? 
x_mcangle_it            ?     ? ? ? 'X-RAY DIFFRACTION' ? 
x_scbond_it             ?     ? ? ? 'X-RAY DIFFRACTION' ? 
x_scangle_it            ?     ? ? ? 'X-RAY DIFFRACTION' ? 
# 
_struct.entry_id                  1BMG 
_struct.title                     'CRYSTAL STRUCTURE OF BOVINE BETA2-MICROGLOBULIN' 
_struct.pdbx_model_details        ? 
_struct.pdbx_CASP_flag            ? 
_struct.pdbx_model_type_details   ? 
# 
_struct_keywords.entry_id        1BMG 
_struct_keywords.pdbx_keywords   'HISTOCOMPATIBILITY ANTIGEN' 
_struct_keywords.text            'LACTOLLIN, MHC-I HISTOCOMPATIBILITY ANTIGEN, LIGHT CHAIN, HISTOCOMPATIBILITY ANTIGEN' 
# 
loop_
_struct_asym.id 
_struct_asym.pdbx_blank_PDB_chainid_flag 
_struct_asym.pdbx_modified 
_struct_asym.entity_id 
_struct_asym.details 
A N N 1 ? 
B N N 2 ? 
# 
_struct_ref.id                         1 
_struct_ref.db_name                    UNP 
_struct_ref.db_code                    B2MG_BOVIN 
_struct_ref.entity_id                  1 
_struct_ref.pdbx_db_accession          P01888 
_struct_ref.pdbx_align_begin           1 
_struct_ref.pdbx_seq_one_letter_code   
;MARFVALVLLGLLSLSGLDAIQRPPKIQVYSRHPPEDGKPNYLNCYVYGFHPPQIEIDLLKNGEKIKSEQSDLSFSKDWS
FYLLSHAEFTPNSKDQYSCRVKHVTLEQPRIVKWDRDL
;
_struct_ref.pdbx_db_isoform            ? 
# 
_struct_ref_seq.align_id                      1 
_struct_ref_seq.ref_id                        1 
_struct_ref_seq.pdbx_PDB_id_code              1BMG 
_struct_ref_seq.pdbx_strand_id                A 
_struct_ref_seq.seq_align_beg                 1 
_struct_ref_seq.pdbx_seq_align_beg_ins_code   ? 
_struct_ref_seq.seq_align_end                 98 
_struct_ref_seq.pdbx_seq_align_end_ins_code   ? 
_struct_ref_seq.pdbx_db_accession             P01888 
_struct_ref_seq.db_align_beg                  21 
_struct_ref_seq.pdbx_db_align_beg_ins_code    ? 
_struct_ref_seq.db_align_end                  118 
_struct_ref_seq.pdbx_db_align_end_ins_code    ? 
_struct_ref_seq.pdbx_auth_seq_align_beg       1 
_struct_ref_seq.pdbx_auth_seq_align_end       98 
# 
_pdbx_struct_assembly.id                   1 
_pdbx_struct_assembly.details              author_defined_assembly 
_pdbx_struct_assembly.method_details       ? 
_pdbx_struct_assembly.oligomeric_details   monomeric 
_pdbx_struct_assembly.oligomeric_count     1 
# 
_pdbx_struct_assembly_gen.assembly_id       1 
_pdbx_struct_assembly_gen.oper_expression   1 
_pdbx_struct_assembly_gen.asym_id_list      A,B 
# 
_pdbx_struct_oper_list.id                   1 
_pdbx_struct_oper_list.type                 'identity operation' 
_pdbx_struct_oper_list.name                 1_555 
_pdbx_struct_oper_list.symmetry_operation   x,y,z 
_pdbx_struct_oper_list.matrix[1][1]         1.0000000000 
_pdbx_struct_oper_list.matrix[1][2]         0.0000000000 
_pdbx_struct_oper_list.matrix[1][3]         0.0000000000 
_pdbx_struct_oper_list.vector[1]            0.0000000000 
_pdbx_struct_oper_list.matrix[2][1]         0.0000000000 
_pdbx_struct_oper_list.matrix[2][2]         1.0000000000 
_pdbx_struct_oper_list.matrix[2][3]         0.0000000000 
_pdbx_struct_oper_list.vector[2]            0.0000000000 
_pdbx_struct_oper_list.matrix[3][1]         0.0000000000 
_pdbx_struct_oper_list.matrix[3][2]         0.0000000000 
_pdbx_struct_oper_list.matrix[3][3]         1.0000000000 
_pdbx_struct_oper_list.vector[3]            0.0000000000 
# 
_struct_biol.id   1 
# 
_struct_conn.id                            disulf1 
_struct_conn.conn_type_id                  disulf 
_struct_conn.pdbx_leaving_atom_flag        ? 
_struct_conn.pdbx_PDB_id                   ? 
_struct_conn.ptnr1_label_asym_id           A 
_struct_conn.ptnr1_label_comp_id           CYS 
_struct_conn.ptnr1_label_seq_id            25 
_struct_conn.ptnr1_label_atom_id           SG 
_struct_conn.pdbx_ptnr1_label_alt_id       ? 
_struct_conn.pdbx_ptnr1_PDB_ins_code       ? 
_struct_conn.pdbx_ptnr1_standard_comp_id   ? 
_struct_conn.ptnr1_symmetry                1_555 
_struct_conn.ptnr2_label_asym_id           A 
_struct_conn.ptnr2_label_comp_id           CYS 
_struct_conn.ptnr2_label_seq_id            79 
_struct_conn.ptnr2_label_atom_id           SG 
_struct_conn.pdbx_ptnr2_label_alt_id       ? 
_struct_conn.pdbx_ptnr2_PDB_ins_code       ? 
_struct_conn.ptnr1_auth_asym_id            A 
_struct_conn.ptnr1_auth_comp_id            CYS 
_struct_conn.ptnr1_auth_seq_id             25 
_struct_conn.ptnr2_auth_asym_id            A 
_struct_conn.ptnr2_auth_comp_id            CYS 
_struct_conn.ptnr2_auth_seq_id             79 
_struct_conn.ptnr2_symmetry                1_555 
_struct_conn.pdbx_ptnr3_label_atom_id      ? 
_struct_conn.pdbx_ptnr3_label_seq_id       ? 
_struct_conn.pdbx_ptnr3_label_comp_id      ? 
_struct_conn.pdbx_ptnr3_label_asym_id      ? 
_struct_conn.pdbx_ptnr3_label_alt_id       ? 
_struct_conn.pdbx_ptnr3_PDB_ins_code       ? 
_struct_conn.details                       ? 
_struct_conn.pdbx_dist_value               2.033 
_struct_conn.pdbx_value_order              ? 
_struct_conn.pdbx_role                     ? 
# 
_struct_conn_type.id          disulf 
_struct_conn_type.criteria    ? 
_struct_conn_type.reference   ? 
# 
_pdbx_modification_feature.ordinal                            1 
_pdbx_modification_feature.label_comp_id                      CYS 
_pdbx_modification_feature.label_asym_id                      A 
_pdbx_modification_feature.label_seq_id                       25 
_pdbx_modification_feature.label_alt_id                       ? 
_pdbx_modification_feature.modified_residue_label_comp_id     CYS 
_pdbx_modification_feature.modified_residue_label_asym_id     A 
_pdbx_modification_feature.modified_residue_label_seq_id      79 
_pdbx_modification_feature.modified_residue_label_alt_id      ? 
_pdbx_modification_feature.auth_comp_id                       CYS 
_pdbx_modification_feature.auth_asym_id                       A 
_pdbx_modification_feature.auth_seq_id                        25 
_pdbx_modification_feature.PDB_ins_code                       ? 
_pdbx_modification_feature.symmetry                           1_555 
_pdbx_modification_feature.modified_residue_auth_comp_id      CYS 
_pdbx_modification_feature.modified_residue_auth_asym_id      A 
_pdbx_modification_feature.modified_residue_auth_seq_id       79 
_pdbx_modification_feature.modified_residue_PDB_ins_code      ? 
_pdbx_modification_feature.modified_residue_symmetry          1_555 
_pdbx_modification_feature.comp_id_linking_atom               SG 
_pdbx_modification_feature.modified_residue_id_linking_atom   SG 
_pdbx_modification_feature.modified_residue_id                . 
_pdbx_modification_feature.ref_pcm_id                         . 
_pdbx_modification_feature.ref_comp_id                        . 
_pdbx_modification_feature.type                               None 
_pdbx_modification_feature.category                           'Disulfide bridge' 
# 
_struct_mon_prot_cis.pdbx_id                1 
_struct_mon_prot_cis.label_comp_id          HIS 
_struct_mon_prot_cis.label_seq_id           31 
_struct_mon_prot_cis.label_asym_id          A 
_struct_mon_prot_cis.label_alt_id           . 
_struct_mon_prot_cis.pdbx_PDB_ins_code      ? 
_struct_mon_prot_cis.auth_comp_id           HIS 
_struct_mon_prot_cis.auth_seq_id            31 
_struct_mon_prot_cis.auth_asym_id           A 
_struct_mon_prot_cis.pdbx_label_comp_id_2   PRO 
_struct_mon_prot_cis.pdbx_label_seq_id_2    32 
_struct_mon_prot_cis.pdbx_label_asym_id_2   A 
_struct_mon_prot_cis.pdbx_PDB_ins_code_2    ? 
_struct_mon_prot_cis.pdbx_auth_comp_id_2    PRO 
_struct_mon_prot_cis.pdbx_auth_seq_id_2     32 
_struct_mon_prot_cis.pdbx_auth_asym_id_2    A 
_struct_mon_prot_cis.pdbx_PDB_model_num     1 
_struct_mon_prot_cis.pdbx_omega_angle       0.01 
# 
loop_
_struct_sheet.id 
_struct_sheet.type 
_struct_sheet.number_strands 
_struct_sheet.details 
S1 ? 4 ? 
S2 ? 4 ? 
S3 ? 3 ? 
# 
loop_
_struct_sheet_order.sheet_id 
_struct_sheet_order.range_id_1 
_struct_sheet_order.range_id_2 
_struct_sheet_order.offset 
_struct_sheet_order.sense 
S1 1 2 ? anti-parallel 
S1 2 3 ? anti-parallel 
S1 3 4 ? anti-parallel 
S2 1 2 ? anti-parallel 
S2 2 3 ? anti-parallel 
S2 3 4 ? anti-parallel 
S3 1 2 ? anti-parallel 
S3 2 3 ? anti-parallel 
# 
loop_
_struct_sheet_range.sheet_id 
_struct_sheet_range.id 
_struct_sheet_range.beg_label_comp_id 
_struct_sheet_range.beg_label_asym_id 
_struct_sheet_range.beg_label_seq_id 
_struct_sheet_range.pdbx_beg_PDB_ins_code 
_struct_sheet_range.end_label_comp_id 
_struct_sheet_range.end_label_asym_id 
_struct_sheet_range.end_label_seq_id 
_struct_sheet_range.pdbx_end_PDB_ins_code 
_struct_sheet_range.beg_auth_comp_id 
_struct_sheet_range.beg_auth_asym_id 
_struct_sheet_range.beg_auth_seq_id 
_struct_sheet_range.end_auth_comp_id 
_struct_sheet_range.end_auth_asym_id 
_struct_sheet_range.end_auth_seq_id 
S1 1 LYS A 6  ? SER A 11 ? LYS A 6  SER A 11 
S1 2 ASN A 21 ? PHE A 30 ? ASN A 21 PHE A 30 
S1 3 SER A 60 ? PHE A 69 ? SER A 60 PHE A 69 
S1 4 SER A 54 ? SER A 56 ? SER A 54 SER A 56 
S2 1 LYS A 6  ? SER A 11 ? LYS A 6  SER A 11 
S2 2 ASN A 21 ? PHE A 30 ? ASN A 21 PHE A 30 
S2 3 SER A 60 ? PHE A 69 ? SER A 60 PHE A 69 
S2 4 GLU A 49 ? GLN A 50 ? GLU A 49 GLN A 50 
S3 1 GLU A 36 ? LYS A 41 ? GLU A 36 LYS A 41 
S3 2 TYR A 77 ? LYS A 82 ? TYR A 77 LYS A 82 
S3 3 ARG A 90 ? LYS A 93 ? ARG A 90 LYS A 93 
# 
loop_
_pdbx_struct_sheet_hbond.sheet_id 
_pdbx_struct_sheet_hbond.range_id_1 
_pdbx_struct_sheet_hbond.range_id_2 
_pdbx_struct_sheet_hbond.range_1_label_atom_id 
_pdbx_struct_sheet_hbond.range_1_label_comp_id 
_pdbx_struct_sheet_hbond.range_1_label_asym_id 
_pdbx_struct_sheet_hbond.range_1_label_seq_id 
_pdbx_struct_sheet_hbond.range_1_PDB_ins_code 
_pdbx_struct_sheet_hbond.range_1_auth_atom_id 
_pdbx_struct_sheet_hbond.range_1_auth_comp_id 
_pdbx_struct_sheet_hbond.range_1_auth_asym_id 
_pdbx_struct_sheet_hbond.range_1_auth_seq_id 
_pdbx_struct_sheet_hbond.range_2_label_atom_id 
_pdbx_struct_sheet_hbond.range_2_label_comp_id 
_pdbx_struct_sheet_hbond.range_2_label_asym_id 
_pdbx_struct_sheet_hbond.range_2_label_seq_id 
_pdbx_struct_sheet_hbond.range_2_PDB_ins_code 
_pdbx_struct_sheet_hbond.range_2_auth_atom_id 
_pdbx_struct_sheet_hbond.range_2_auth_comp_id 
_pdbx_struct_sheet_hbond.range_2_auth_asym_id 
_pdbx_struct_sheet_hbond.range_2_auth_seq_id 
S1 1 2 N TYR A 10 ? N TYR A 10 O ASN A 24 ? O ASN A 24 
S1 2 3 N VAL A 27 ? N VAL A 27 O LEU A 63 ? O LEU A 63 
S1 3 4 N TYR A 62 ? N TYR A 62 O SER A 54 ? O SER A 54 
S2 1 2 N TYR A 10 ? N TYR A 10 O ASN A 24 ? O ASN A 24 
S2 2 3 N VAL A 27 ? N VAL A 27 O LEU A 63 ? O LEU A 63 
S2 3 4 N HIS A 66 ? N HIS A 66 O GLU A 49 ? O GLU A 49 
S3 1 2 N LEU A 40 ? N LEU A 40 O SER A 78 ? O SER A 78 
S3 2 3 N VAL A 81 ? N VAL A 81 O ARG A 90 ? O ARG A 90 
# 
_pdbx_entry_details.entry_id                   1BMG 
_pdbx_entry_details.compound_details           ? 
_pdbx_entry_details.source_details             ? 
_pdbx_entry_details.nonpolymer_details         ? 
_pdbx_entry_details.sequence_details           ? 
_pdbx_entry_details.has_ligand_of_interest     ? 
_pdbx_entry_details.has_protein_modification   Y 
# 
loop_
_pdbx_validate_close_contact.id 
_pdbx_validate_close_contact.PDB_model_num 
_pdbx_validate_close_contact.auth_atom_id_1 
_pdbx_validate_close_contact.auth_asym_id_1 
_pdbx_validate_close_contact.auth_comp_id_1 
_pdbx_validate_close_contact.auth_seq_id_1 
_pdbx_validate_close_contact.PDB_ins_code_1 
_pdbx_validate_close_contact.label_alt_id_1 
_pdbx_validate_close_contact.auth_atom_id_2 
_pdbx_validate_close_contact.auth_asym_id_2 
_pdbx_validate_close_contact.auth_comp_id_2 
_pdbx_validate_close_contact.auth_seq_id_2 
_pdbx_validate_close_contact.PDB_ins_code_2 
_pdbx_validate_close_contact.label_alt_id_2 
_pdbx_validate_close_contact.dist 
1 1 HH21 A ARG 12 ? ? H1   A HOH 212 ? ? 1.26 
2 1 H    A HIS 13 ? ? HD21 A ASN 21  ? ? 1.33 
# 
loop_
_pdbx_validate_torsion.id 
_pdbx_validate_torsion.PDB_model_num 
_pdbx_validate_torsion.auth_comp_id 
_pdbx_validate_torsion.auth_asym_id 
_pdbx_validate_torsion.auth_seq_id 
_pdbx_validate_torsion.PDB_ins_code 
_pdbx_validate_torsion.label_alt_id 
_pdbx_validate_torsion.phi 
_pdbx_validate_torsion.psi 
1 1 GLN A 2  ? ? 38.22   82.04   
2 1 ASN A 21 ? ? -116.37 -149.11 
3 1 HIS A 31 ? ? -170.42 137.75  
4 1 ILE A 46 ? ? -130.15 -129.84 
5 1 SER A 48 ? ? -78.88  40.60   
6 1 SER A 60 ? ? 43.70   -128.96 
7 1 VAL A 84 ? ? -55.91  -7.24   
# 
_pdbx_database_remark.id     700 
_pdbx_database_remark.text   
;SHEET
ONE OF THE TWO BETA-SHEETS OF THIS MOLECULE IS BIFURCATED.
IN ORDER TO REPRESENT THIS FEATURE IN THE SHEET RECORDS
BELOW, TWO SHEETS ARE DEFINED.  STRANDS 1, 2, 3 OF S1 AND
S2 ARE IDENTICAL.
;
# 
loop_
_chem_comp_atom.comp_id 
_chem_comp_atom.atom_id 
_chem_comp_atom.type_symbol 
_chem_comp_atom.pdbx_aromatic_flag 
_chem_comp_atom.pdbx_stereo_config 
_chem_comp_atom.pdbx_ordinal 
ALA N    N N N 1   
ALA CA   C N S 2   
ALA C    C N N 3   
ALA O    O N N 4   
ALA CB   C N N 5   
ALA OXT  O N N 6   
ALA H    H N N 7   
ALA H2   H N N 8   
ALA HA   H N N 9   
ALA HB1  H N N 10  
ALA HB2  H N N 11  
ALA HB3  H N N 12  
ALA HXT  H N N 13  
ARG N    N N N 14  
ARG CA   C N S 15  
ARG C    C N N 16  
ARG O    O N N 17  
ARG CB   C N N 18  
ARG CG   C N N 19  
ARG CD   C N N 20  
ARG NE   N N N 21  
ARG CZ   C N N 22  
ARG NH1  N N N 23  
ARG NH2  N N N 24  
ARG OXT  O N N 25  
ARG H    H N N 26  
ARG H2   H N N 27  
ARG HA   H N N 28  
ARG HB2  H N N 29  
ARG HB3  H N N 30  
ARG HG2  H N N 31  
ARG HG3  H N N 32  
ARG HD2  H N N 33  
ARG HD3  H N N 34  
ARG HE   H N N 35  
ARG HH11 H N N 36  
ARG HH12 H N N 37  
ARG HH21 H N N 38  
ARG HH22 H N N 39  
ARG HXT  H N N 40  
ASN N    N N N 41  
ASN CA   C N S 42  
ASN C    C N N 43  
ASN O    O N N 44  
ASN CB   C N N 45  
ASN CG   C N N 46  
ASN OD1  O N N 47  
ASN ND2  N N N 48  
ASN OXT  O N N 49  
ASN H    H N N 50  
ASN H2   H N N 51  
ASN HA   H N N 52  
ASN HB2  H N N 53  
ASN HB3  H N N 54  
ASN HD21 H N N 55  
ASN HD22 H N N 56  
ASN HXT  H N N 57  
ASP N    N N N 58  
ASP CA   C N S 59  
ASP C    C N N 60  
ASP O    O N N 61  
ASP CB   C N N 62  
ASP CG   C N N 63  
ASP OD1  O N N 64  
ASP OD2  O N N 65  
ASP OXT  O N N 66  
ASP H    H N N 67  
ASP H2   H N N 68  
ASP HA   H N N 69  
ASP HB2  H N N 70  
ASP HB3  H N N 71  
ASP HD2  H N N 72  
ASP HXT  H N N 73  
CYS N    N N N 74  
CYS CA   C N R 75  
CYS C    C N N 76  
CYS O    O N N 77  
CYS CB   C N N 78  
CYS SG   S N N 79  
CYS OXT  O N N 80  
CYS H    H N N 81  
CYS H2   H N N 82  
CYS HA   H N N 83  
CYS HB2  H N N 84  
CYS HB3  H N N 85  
CYS HG   H N N 86  
CYS HXT  H N N 87  
GLN N    N N N 88  
GLN CA   C N S 89  
GLN C    C N N 90  
GLN O    O N N 91  
GLN CB   C N N 92  
GLN CG   C N N 93  
GLN CD   C N N 94  
GLN OE1  O N N 95  
GLN NE2  N N N 96  
GLN OXT  O N N 97  
GLN H    H N N 98  
GLN H2   H N N 99  
GLN HA   H N N 100 
GLN HB2  H N N 101 
GLN HB3  H N N 102 
GLN HG2  H N N 103 
GLN HG3  H N N 104 
GLN HE21 H N N 105 
GLN HE22 H N N 106 
GLN HXT  H N N 107 
GLU N    N N N 108 
GLU CA   C N S 109 
GLU C    C N N 110 
GLU O    O N N 111 
GLU CB   C N N 112 
GLU CG   C N N 113 
GLU CD   C N N 114 
GLU OE1  O N N 115 
GLU OE2  O N N 116 
GLU OXT  O N N 117 
GLU H    H N N 118 
GLU H2   H N N 119 
GLU HA   H N N 120 
GLU HB2  H N N 121 
GLU HB3  H N N 122 
GLU HG2  H N N 123 
GLU HG3  H N N 124 
GLU HE2  H N N 125 
GLU HXT  H N N 126 
GLY N    N N N 127 
GLY CA   C N N 128 
GLY C    C N N 129 
GLY O    O N N 130 
GLY OXT  O N N 131 
GLY H    H N N 132 
GLY H2   H N N 133 
GLY HA2  H N N 134 
GLY HA3  H N N 135 
GLY HXT  H N N 136 
HIS N    N N N 137 
HIS CA   C N S 138 
HIS C    C N N 139 
HIS O    O N N 140 
HIS CB   C N N 141 
HIS CG   C Y N 142 
HIS ND1  N Y N 143 
HIS CD2  C Y N 144 
HIS CE1  C Y N 145 
HIS NE2  N Y N 146 
HIS OXT  O N N 147 
HIS H    H N N 148 
HIS H2   H N N 149 
HIS HA   H N N 150 
HIS HB2  H N N 151 
HIS HB3  H N N 152 
HIS HD1  H N N 153 
HIS HD2  H N N 154 
HIS HE1  H N N 155 
HIS HE2  H N N 156 
HIS HXT  H N N 157 
HOH O    O N N 158 
HOH H1   H N N 159 
HOH H2   H N N 160 
ILE N    N N N 161 
ILE CA   C N S 162 
ILE C    C N N 163 
ILE O    O N N 164 
ILE CB   C N S 165 
ILE CG1  C N N 166 
ILE CG2  C N N 167 
ILE CD1  C N N 168 
ILE OXT  O N N 169 
ILE H    H N N 170 
ILE H2   H N N 171 
ILE HA   H N N 172 
ILE HB   H N N 173 
ILE HG12 H N N 174 
ILE HG13 H N N 175 
ILE HG21 H N N 176 
ILE HG22 H N N 177 
ILE HG23 H N N 178 
ILE HD11 H N N 179 
ILE HD12 H N N 180 
ILE HD13 H N N 181 
ILE HXT  H N N 182 
LEU N    N N N 183 
LEU CA   C N S 184 
LEU C    C N N 185 
LEU O    O N N 186 
LEU CB   C N N 187 
LEU CG   C N N 188 
LEU CD1  C N N 189 
LEU CD2  C N N 190 
LEU OXT  O N N 191 
LEU H    H N N 192 
LEU H2   H N N 193 
LEU HA   H N N 194 
LEU HB2  H N N 195 
LEU HB3  H N N 196 
LEU HG   H N N 197 
LEU HD11 H N N 198 
LEU HD12 H N N 199 
LEU HD13 H N N 200 
LEU HD21 H N N 201 
LEU HD22 H N N 202 
LEU HD23 H N N 203 
LEU HXT  H N N 204 
LYS N    N N N 205 
LYS CA   C N S 206 
LYS C    C N N 207 
LYS O    O N N 208 
LYS CB   C N N 209 
LYS CG   C N N 210 
LYS CD   C N N 211 
LYS CE   C N N 212 
LYS NZ   N N N 213 
LYS OXT  O N N 214 
LYS H    H N N 215 
LYS H2   H N N 216 
LYS HA   H N N 217 
LYS HB2  H N N 218 
LYS HB3  H N N 219 
LYS HG2  H N N 220 
LYS HG3  H N N 221 
LYS HD2  H N N 222 
LYS HD3  H N N 223 
LYS HE2  H N N 224 
LYS HE3  H N N 225 
LYS HZ1  H N N 226 
LYS HZ2  H N N 227 
LYS HZ3  H N N 228 
LYS HXT  H N N 229 
PHE N    N N N 230 
PHE CA   C N S 231 
PHE C    C N N 232 
PHE O    O N N 233 
PHE CB   C N N 234 
PHE CG   C Y N 235 
PHE CD1  C Y N 236 
PHE CD2  C Y N 237 
PHE CE1  C Y N 238 
PHE CE2  C Y N 239 
PHE CZ   C Y N 240 
PHE OXT  O N N 241 
PHE H    H N N 242 
PHE H2   H N N 243 
PHE HA   H N N 244 
PHE HB2  H N N 245 
PHE HB3  H N N 246 
PHE HD1  H N N 247 
PHE HD2  H N N 248 
PHE HE1  H N N 249 
PHE HE2  H N N 250 
PHE HZ   H N N 251 
PHE HXT  H N N 252 
PRO N    N N N 253 
PRO CA   C N S 254 
PRO C    C N N 255 
PRO O    O N N 256 
PRO CB   C N N 257 
PRO CG   C N N 258 
PRO CD   C N N 259 
PRO OXT  O N N 260 
PRO H    H N N 261 
PRO HA   H N N 262 
PRO HB2  H N N 263 
PRO HB3  H N N 264 
PRO HG2  H N N 265 
PRO HG3  H N N 266 
PRO HD2  H N N 267 
PRO HD3  H N N 268 
PRO HXT  H N N 269 
SER N    N N N 270 
SER CA   C N S 271 
SER C    C N N 272 
SER O    O N N 273 
SER CB   C N N 274 
SER OG   O N N 275 
SER OXT  O N N 276 
SER H    H N N 277 
SER H2   H N N 278 
SER HA   H N N 279 
SER HB2  H N N 280 
SER HB3  H N N 281 
SER HG   H N N 282 
SER HXT  H N N 283 
THR N    N N N 284 
THR CA   C N S 285 
THR C    C N N 286 
THR O    O N N 287 
THR CB   C N R 288 
THR OG1  O N N 289 
THR CG2  C N N 290 
THR OXT  O N N 291 
THR H    H N N 292 
THR H2   H N N 293 
THR HA   H N N 294 
THR HB   H N N 295 
THR HG1  H N N 296 
THR HG21 H N N 297 
THR HG22 H N N 298 
THR HG23 H N N 299 
THR HXT  H N N 300 
TRP N    N N N 301 
TRP CA   C N S 302 
TRP C    C N N 303 
TRP O    O N N 304 
TRP CB   C N N 305 
TRP CG   C Y N 306 
TRP CD1  C Y N 307 
TRP CD2  C Y N 308 
TRP NE1  N Y N 309 
TRP CE2  C Y N 310 
TRP CE3  C Y N 311 
TRP CZ2  C Y N 312 
TRP CZ3  C Y N 313 
TRP CH2  C Y N 314 
TRP OXT  O N N 315 
TRP H    H N N 316 
TRP H2   H N N 317 
TRP HA   H N N 318 
TRP HB2  H N N 319 
TRP HB3  H N N 320 
TRP HD1  H N N 321 
TRP HE1  H N N 322 
TRP HE3  H N N 323 
TRP HZ2  H N N 324 
TRP HZ3  H N N 325 
TRP HH2  H N N 326 
TRP HXT  H N N 327 
TYR N    N N N 328 
TYR CA   C N S 329 
TYR C    C N N 330 
TYR O    O N N 331 
TYR CB   C N N 332 
TYR CG   C Y N 333 
TYR CD1  C Y N 334 
TYR CD2  C Y N 335 
TYR CE1  C Y N 336 
TYR CE2  C Y N 337 
TYR CZ   C Y N 338 
TYR OH   O N N 339 
TYR OXT  O N N 340 
TYR H    H N N 341 
TYR H2   H N N 342 
TYR HA   H N N 343 
TYR HB2  H N N 344 
TYR HB3  H N N 345 
TYR HD1  H N N 346 
TYR HD2  H N N 347 
TYR HE1  H N N 348 
TYR HE2  H N N 349 
TYR HH   H N N 350 
TYR HXT  H N N 351 
VAL N    N N N 352 
VAL CA   C N S 353 
VAL C    C N N 354 
VAL O    O N N 355 
VAL CB   C N N 356 
VAL CG1  C N N 357 
VAL CG2  C N N 358 
VAL OXT  O N N 359 
VAL H    H N N 360 
VAL H2   H N N 361 
VAL HA   H N N 362 
VAL HB   H N N 363 
VAL HG11 H N N 364 
VAL HG12 H N N 365 
VAL HG13 H N N 366 
VAL HG21 H N N 367 
VAL HG22 H N N 368 
VAL HG23 H N N 369 
VAL HXT  H N N 370 
# 
loop_
_chem_comp_bond.comp_id 
_chem_comp_bond.atom_id_1 
_chem_comp_bond.atom_id_2 
_chem_comp_bond.value_order 
_chem_comp_bond.pdbx_aromatic_flag 
_chem_comp_bond.pdbx_stereo_config 
_chem_comp_bond.pdbx_ordinal 
ALA N   CA   sing N N 1   
ALA N   H    sing N N 2   
ALA N   H2   sing N N 3   
ALA CA  C    sing N N 4   
ALA CA  CB   sing N N 5   
ALA CA  HA   sing N N 6   
ALA C   O    doub N N 7   
ALA C   OXT  sing N N 8   
ALA CB  HB1  sing N N 9   
ALA CB  HB2  sing N N 10  
ALA CB  HB3  sing N N 11  
ALA OXT HXT  sing N N 12  
ARG N   CA   sing N N 13  
ARG N   H    sing N N 14  
ARG N   H2   sing N N 15  
ARG CA  C    sing N N 16  
ARG CA  CB   sing N N 17  
ARG CA  HA   sing N N 18  
ARG C   O    doub N N 19  
ARG C   OXT  sing N N 20  
ARG CB  CG   sing N N 21  
ARG CB  HB2  sing N N 22  
ARG CB  HB3  sing N N 23  
ARG CG  CD   sing N N 24  
ARG CG  HG2  sing N N 25  
ARG CG  HG3  sing N N 26  
ARG CD  NE   sing N N 27  
ARG CD  HD2  sing N N 28  
ARG CD  HD3  sing N N 29  
ARG NE  CZ   sing N N 30  
ARG NE  HE   sing N N 31  
ARG CZ  NH1  sing N N 32  
ARG CZ  NH2  doub N N 33  
ARG NH1 HH11 sing N N 34  
ARG NH1 HH12 sing N N 35  
ARG NH2 HH21 sing N N 36  
ARG NH2 HH22 sing N N 37  
ARG OXT HXT  sing N N 38  
ASN N   CA   sing N N 39  
ASN N   H    sing N N 40  
ASN N   H2   sing N N 41  
ASN CA  C    sing N N 42  
ASN CA  CB   sing N N 43  
ASN CA  HA   sing N N 44  
ASN C   O    doub N N 45  
ASN C   OXT  sing N N 46  
ASN CB  CG   sing N N 47  
ASN CB  HB2  sing N N 48  
ASN CB  HB3  sing N N 49  
ASN CG  OD1  doub N N 50  
ASN CG  ND2  sing N N 51  
ASN ND2 HD21 sing N N 52  
ASN ND2 HD22 sing N N 53  
ASN OXT HXT  sing N N 54  
ASP N   CA   sing N N 55  
ASP N   H    sing N N 56  
ASP N   H2   sing N N 57  
ASP CA  C    sing N N 58  
ASP CA  CB   sing N N 59  
ASP CA  HA   sing N N 60  
ASP C   O    doub N N 61  
ASP C   OXT  sing N N 62  
ASP CB  CG   sing N N 63  
ASP CB  HB2  sing N N 64  
ASP CB  HB3  sing N N 65  
ASP CG  OD1  doub N N 66  
ASP CG  OD2  sing N N 67  
ASP OD2 HD2  sing N N 68  
ASP OXT HXT  sing N N 69  
CYS N   CA   sing N N 70  
CYS N   H    sing N N 71  
CYS N   H2   sing N N 72  
CYS CA  C    sing N N 73  
CYS CA  CB   sing N N 74  
CYS CA  HA   sing N N 75  
CYS C   O    doub N N 76  
CYS C   OXT  sing N N 77  
CYS CB  SG   sing N N 78  
CYS CB  HB2  sing N N 79  
CYS CB  HB3  sing N N 80  
CYS SG  HG   sing N N 81  
CYS OXT HXT  sing N N 82  
GLN N   CA   sing N N 83  
GLN N   H    sing N N 84  
GLN N   H2   sing N N 85  
GLN CA  C    sing N N 86  
GLN CA  CB   sing N N 87  
GLN CA  HA   sing N N 88  
GLN C   O    doub N N 89  
GLN C   OXT  sing N N 90  
GLN CB  CG   sing N N 91  
GLN CB  HB2  sing N N 92  
GLN CB  HB3  sing N N 93  
GLN CG  CD   sing N N 94  
GLN CG  HG2  sing N N 95  
GLN CG  HG3  sing N N 96  
GLN CD  OE1  doub N N 97  
GLN CD  NE2  sing N N 98  
GLN NE2 HE21 sing N N 99  
GLN NE2 HE22 sing N N 100 
GLN OXT HXT  sing N N 101 
GLU N   CA   sing N N 102 
GLU N   H    sing N N 103 
GLU N   H2   sing N N 104 
GLU CA  C    sing N N 105 
GLU CA  CB   sing N N 106 
GLU CA  HA   sing N N 107 
GLU C   O    doub N N 108 
GLU C   OXT  sing N N 109 
GLU CB  CG   sing N N 110 
GLU CB  HB2  sing N N 111 
GLU CB  HB3  sing N N 112 
GLU CG  CD   sing N N 113 
GLU CG  HG2  sing N N 114 
GLU CG  HG3  sing N N 115 
GLU CD  OE1  doub N N 116 
GLU CD  OE2  sing N N 117 
GLU OE2 HE2  sing N N 118 
GLU OXT HXT  sing N N 119 
GLY N   CA   sing N N 120 
GLY N   H    sing N N 121 
GLY N   H2   sing N N 122 
GLY CA  C    sing N N 123 
GLY CA  HA2  sing N N 124 
GLY CA  HA3  sing N N 125 
GLY C   O    doub N N 126 
GLY C   OXT  sing N N 127 
GLY OXT HXT  sing N N 128 
HIS N   CA   sing N N 129 
HIS N   H    sing N N 130 
HIS N   H2   sing N N 131 
HIS CA  C    sing N N 132 
HIS CA  CB   sing N N 133 
HIS CA  HA   sing N N 134 
HIS C   O    doub N N 135 
HIS C   OXT  sing N N 136 
HIS CB  CG   sing N N 137 
HIS CB  HB2  sing N N 138 
HIS CB  HB3  sing N N 139 
HIS CG  ND1  sing Y N 140 
HIS CG  CD2  doub Y N 141 
HIS ND1 CE1  doub Y N 142 
HIS ND1 HD1  sing N N 143 
HIS CD2 NE2  sing Y N 144 
HIS CD2 HD2  sing N N 145 
HIS CE1 NE2  sing Y N 146 
HIS CE1 HE1  sing N N 147 
HIS NE2 HE2  sing N N 148 
HIS OXT HXT  sing N N 149 
HOH O   H1   sing N N 150 
HOH O   H2   sing N N 151 
ILE N   CA   sing N N 152 
ILE N   H    sing N N 153 
ILE N   H2   sing N N 154 
ILE CA  C    sing N N 155 
ILE CA  CB   sing N N 156 
ILE CA  HA   sing N N 157 
ILE C   O    doub N N 158 
ILE C   OXT  sing N N 159 
ILE CB  CG1  sing N N 160 
ILE CB  CG2  sing N N 161 
ILE CB  HB   sing N N 162 
ILE CG1 CD1  sing N N 163 
ILE CG1 HG12 sing N N 164 
ILE CG1 HG13 sing N N 165 
ILE CG2 HG21 sing N N 166 
ILE CG2 HG22 sing N N 167 
ILE CG2 HG23 sing N N 168 
ILE CD1 HD11 sing N N 169 
ILE CD1 HD12 sing N N 170 
ILE CD1 HD13 sing N N 171 
ILE OXT HXT  sing N N 172 
LEU N   CA   sing N N 173 
LEU N   H    sing N N 174 
LEU N   H2   sing N N 175 
LEU CA  C    sing N N 176 
LEU CA  CB   sing N N 177 
LEU CA  HA   sing N N 178 
LEU C   O    doub N N 179 
LEU C   OXT  sing N N 180 
LEU CB  CG   sing N N 181 
LEU CB  HB2  sing N N 182 
LEU CB  HB3  sing N N 183 
LEU CG  CD1  sing N N 184 
LEU CG  CD2  sing N N 185 
LEU CG  HG   sing N N 186 
LEU CD1 HD11 sing N N 187 
LEU CD1 HD12 sing N N 188 
LEU CD1 HD13 sing N N 189 
LEU CD2 HD21 sing N N 190 
LEU CD2 HD22 sing N N 191 
LEU CD2 HD23 sing N N 192 
LEU OXT HXT  sing N N 193 
LYS N   CA   sing N N 194 
LYS N   H    sing N N 195 
LYS N   H2   sing N N 196 
LYS CA  C    sing N N 197 
LYS CA  CB   sing N N 198 
LYS CA  HA   sing N N 199 
LYS C   O    doub N N 200 
LYS C   OXT  sing N N 201 
LYS CB  CG   sing N N 202 
LYS CB  HB2  sing N N 203 
LYS CB  HB3  sing N N 204 
LYS CG  CD   sing N N 205 
LYS CG  HG2  sing N N 206 
LYS CG  HG3  sing N N 207 
LYS CD  CE   sing N N 208 
LYS CD  HD2  sing N N 209 
LYS CD  HD3  sing N N 210 
LYS CE  NZ   sing N N 211 
LYS CE  HE2  sing N N 212 
LYS CE  HE3  sing N N 213 
LYS NZ  HZ1  sing N N 214 
LYS NZ  HZ2  sing N N 215 
LYS NZ  HZ3  sing N N 216 
LYS OXT HXT  sing N N 217 
PHE N   CA   sing N N 218 
PHE N   H    sing N N 219 
PHE N   H2   sing N N 220 
PHE CA  C    sing N N 221 
PHE CA  CB   sing N N 222 
PHE CA  HA   sing N N 223 
PHE C   O    doub N N 224 
PHE C   OXT  sing N N 225 
PHE CB  CG   sing N N 226 
PHE CB  HB2  sing N N 227 
PHE CB  HB3  sing N N 228 
PHE CG  CD1  doub Y N 229 
PHE CG  CD2  sing Y N 230 
PHE CD1 CE1  sing Y N 231 
PHE CD1 HD1  sing N N 232 
PHE CD2 CE2  doub Y N 233 
PHE CD2 HD2  sing N N 234 
PHE CE1 CZ   doub Y N 235 
PHE CE1 HE1  sing N N 236 
PHE CE2 CZ   sing Y N 237 
PHE CE2 HE2  sing N N 238 
PHE CZ  HZ   sing N N 239 
PHE OXT HXT  sing N N 240 
PRO N   CA   sing N N 241 
PRO N   CD   sing N N 242 
PRO N   H    sing N N 243 
PRO CA  C    sing N N 244 
PRO CA  CB   sing N N 245 
PRO CA  HA   sing N N 246 
PRO C   O    doub N N 247 
PRO C   OXT  sing N N 248 
PRO CB  CG   sing N N 249 
PRO CB  HB2  sing N N 250 
PRO CB  HB3  sing N N 251 
PRO CG  CD   sing N N 252 
PRO CG  HG2  sing N N 253 
PRO CG  HG3  sing N N 254 
PRO CD  HD2  sing N N 255 
PRO CD  HD3  sing N N 256 
PRO OXT HXT  sing N N 257 
SER N   CA   sing N N 258 
SER N   H    sing N N 259 
SER N   H2   sing N N 260 
SER CA  C    sing N N 261 
SER CA  CB   sing N N 262 
SER CA  HA   sing N N 263 
SER C   O    doub N N 264 
SER C   OXT  sing N N 265 
SER CB  OG   sing N N 266 
SER CB  HB2  sing N N 267 
SER CB  HB3  sing N N 268 
SER OG  HG   sing N N 269 
SER OXT HXT  sing N N 270 
THR N   CA   sing N N 271 
THR N   H    sing N N 272 
THR N   H2   sing N N 273 
THR CA  C    sing N N 274 
THR CA  CB   sing N N 275 
THR CA  HA   sing N N 276 
THR C   O    doub N N 277 
THR C   OXT  sing N N 278 
THR CB  OG1  sing N N 279 
THR CB  CG2  sing N N 280 
THR CB  HB   sing N N 281 
THR OG1 HG1  sing N N 282 
THR CG2 HG21 sing N N 283 
THR CG2 HG22 sing N N 284 
THR CG2 HG23 sing N N 285 
THR OXT HXT  sing N N 286 
TRP N   CA   sing N N 287 
TRP N   H    sing N N 288 
TRP N   H2   sing N N 289 
TRP CA  C    sing N N 290 
TRP CA  CB   sing N N 291 
TRP CA  HA   sing N N 292 
TRP C   O    doub N N 293 
TRP C   OXT  sing N N 294 
TRP CB  CG   sing N N 295 
TRP CB  HB2  sing N N 296 
TRP CB  HB3  sing N N 297 
TRP CG  CD1  doub Y N 298 
TRP CG  CD2  sing Y N 299 
TRP CD1 NE1  sing Y N 300 
TRP CD1 HD1  sing N N 301 
TRP CD2 CE2  doub Y N 302 
TRP CD2 CE3  sing Y N 303 
TRP NE1 CE2  sing Y N 304 
TRP NE1 HE1  sing N N 305 
TRP CE2 CZ2  sing Y N 306 
TRP CE3 CZ3  doub Y N 307 
TRP CE3 HE3  sing N N 308 
TRP CZ2 CH2  doub Y N 309 
TRP CZ2 HZ2  sing N N 310 
TRP CZ3 CH2  sing Y N 311 
TRP CZ3 HZ3  sing N N 312 
TRP CH2 HH2  sing N N 313 
TRP OXT HXT  sing N N 314 
TYR N   CA   sing N N 315 
TYR N   H    sing N N 316 
TYR N   H2   sing N N 317 
TYR CA  C    sing N N 318 
TYR CA  CB   sing N N 319 
TYR CA  HA   sing N N 320 
TYR C   O    doub N N 321 
TYR C   OXT  sing N N 322 
TYR CB  CG   sing N N 323 
TYR CB  HB2  sing N N 324 
TYR CB  HB3  sing N N 325 
TYR CG  CD1  doub Y N 326 
TYR CG  CD2  sing Y N 327 
TYR CD1 CE1  sing Y N 328 
TYR CD1 HD1  sing N N 329 
TYR CD2 CE2  doub Y N 330 
TYR CD2 HD2  sing N N 331 
TYR CE1 CZ   doub Y N 332 
TYR CE1 HE1  sing N N 333 
TYR CE2 CZ   sing Y N 334 
TYR CE2 HE2  sing N N 335 
TYR CZ  OH   sing N N 336 
TYR OH  HH   sing N N 337 
TYR OXT HXT  sing N N 338 
VAL N   CA   sing N N 339 
VAL N   H    sing N N 340 
VAL N   H2   sing N N 341 
VAL CA  C    sing N N 342 
VAL CA  CB   sing N N 343 
VAL CA  HA   sing N N 344 
VAL C   O    doub N N 345 
VAL C   OXT  sing N N 346 
VAL CB  CG1  sing N N 347 
VAL CB  CG2  sing N N 348 
VAL CB  HB   sing N N 349 
VAL CG1 HG11 sing N N 350 
VAL CG1 HG12 sing N N 351 
VAL CG1 HG13 sing N N 352 
VAL CG2 HG21 sing N N 353 
VAL CG2 HG22 sing N N 354 
VAL CG2 HG23 sing N N 355 
VAL OXT HXT  sing N N 356 
# 
_atom_sites.entry_id                    1BMG 
_atom_sites.fract_transf_matrix[1][1]   -0.00689522 
_atom_sites.fract_transf_matrix[1][2]   -0.00979127 
_atom_sites.fract_transf_matrix[1][3]   -0.00490737 
_atom_sites.fract_transf_matrix[2][1]   -0.01101426 
_atom_sites.fract_transf_matrix[2][2]   -0.00109241 
_atom_sites.fract_transf_matrix[2][3]   0.01765545 
_atom_sites.fract_transf_matrix[3][1]   -0.01920060 
_atom_sites.fract_transf_matrix[3][2]   0.01893764 
_atom_sites.fract_transf_matrix[3][3]   -0.01080645 
_atom_sites.fract_transf_vector[1]      -0.127090 
_atom_sites.fract_transf_vector[2]      0.384224 
_atom_sites.fract_transf_vector[3]      0.286312 
# 
_atom_sites_footnote.id     1 
_atom_sites_footnote.text   'CIS PROLINE - PRO      32' 
# 
loop_
_atom_type.symbol 
C 
H 
N 
O 
S 
# 
loop_
_atom_site.group_PDB 
_atom_site.id 
_atom_site.type_symbol 
_atom_site.label_atom_id 
_atom_site.label_alt_id 
_atom_site.label_comp_id 
_atom_site.label_asym_id 
_atom_site.label_entity_id 
_atom_site.label_seq_id 
_atom_site.pdbx_PDB_ins_code 
_atom_site.Cartn_x 
_atom_site.Cartn_y 
_atom_site.Cartn_z 
_atom_site.occupancy 
_atom_site.B_iso_or_equiv 
_atom_site.pdbx_formal_charge 
_atom_site.auth_seq_id 
_atom_site.auth_comp_id 
_atom_site.auth_asym_id 
_atom_site.auth_atom_id 
_atom_site.pdbx_PDB_model_num 
ATOM   1    N N    . ILE A 1 1  ? 6.783   21.898  2.599   1.00 36.30 ? 1   ILE A N    1 
ATOM   2    C CA   . ILE A 1 1  ? 5.659   21.440  1.718   1.00 42.19 ? 1   ILE A CA   1 
ATOM   3    C C    . ILE A 1 1  ? 6.226   20.421  0.737   1.00 42.83 ? 1   ILE A C    1 
ATOM   4    O O    . ILE A 1 1  ? 7.411   20.108  0.806   1.00 51.15 ? 1   ILE A O    1 
ATOM   5    C CB   . ILE A 1 1  ? 5.077   22.578  0.870   1.00 40.97 ? 1   ILE A CB   1 
ATOM   6    C CG1  . ILE A 1 1  ? 5.213   23.917  1.588   1.00 35.34 ? 1   ILE A CG1  1 
ATOM   7    C CG2  . ILE A 1 1  ? 3.614   22.271  0.534   1.00 43.97 ? 1   ILE A CG2  1 
ATOM   8    C CD1  . ILE A 1 1  ? 4.995   25.088  0.668   1.00 37.65 ? 1   ILE A CD1  1 
ATOM   9    H H1   . ILE A 1 1  ? 7.524   22.216  1.937   1.00 0.00  ? 1   ILE A H1   1 
ATOM   10   H H2   . ILE A 1 1  ? 6.535   22.626  3.291   1.00 0.00  ? 1   ILE A H2   1 
ATOM   11   H H3   . ILE A 1 1  ? 7.165   21.031  3.038   1.00 0.00  ? 1   ILE A H3   1 
ATOM   12   N N    . GLN A 1 2  ? 5.393   19.937  -0.178  1.00 36.64 ? 2   GLN A N    1 
ATOM   13   C CA   . GLN A 1 2  ? 5.814   18.960  -1.176  1.00 35.32 ? 2   GLN A CA   1 
ATOM   14   C C    . GLN A 1 2  ? 6.789   17.906  -0.659  1.00 31.91 ? 2   GLN A C    1 
ATOM   15   O O    . GLN A 1 2  ? 8.000   18.038  -0.813  1.00 32.08 ? 2   GLN A O    1 
ATOM   16   C CB   . GLN A 1 2  ? 6.412   19.669  -2.383  1.00 36.95 ? 2   GLN A CB   1 
ATOM   17   C CG   . GLN A 1 2  ? 5.418   20.515  -3.146  1.00 48.44 ? 2   GLN A CG   1 
ATOM   18   C CD   . GLN A 1 2  ? 4.594   19.722  -4.136  1.00 48.70 ? 2   GLN A CD   1 
ATOM   19   O OE1  . GLN A 1 2  ? 3.651   20.240  -4.730  1.00 52.23 ? 2   GLN A OE1  1 
ATOM   20   N NE2  . GLN A 1 2  ? 4.967   18.474  -4.350  1.00 57.83 ? 2   GLN A NE2  1 
ATOM   21   H H    . GLN A 1 2  ? 4.465   20.208  -0.257  1.00 0.00  ? 2   GLN A H    1 
ATOM   22   H HE21 . GLN A 1 2  ? 4.408   18.026  -5.019  1.00 0.00  ? 2   GLN A HE21 1 
ATOM   23   H HE22 . GLN A 1 2  ? 5.730   18.058  -3.909  1.00 0.00  ? 2   GLN A HE22 1 
ATOM   24   N N    . ARG A 1 3  ? 6.245   16.881  -0.016  1.00 29.94 ? 3   ARG A N    1 
ATOM   25   C CA   . ARG A 1 3  ? 7.033   15.777  0.506   1.00 23.29 ? 3   ARG A CA   1 
ATOM   26   C C    . ARG A 1 3  ? 6.448   14.530  -0.140  1.00 19.53 ? 3   ARG A C    1 
ATOM   27   O O    . ARG A 1 3  ? 5.226   14.363  -0.182  1.00 19.40 ? 3   ARG A O    1 
ATOM   28   C CB   . ARG A 1 3  ? 6.889   15.688  2.023   1.00 27.10 ? 3   ARG A CB   1 
ATOM   29   C CG   . ARG A 1 3  ? 7.401   16.892  2.794   1.00 29.33 ? 3   ARG A CG   1 
ATOM   30   C CD   . ARG A 1 3  ? 6.951   16.841  4.250   1.00 30.51 ? 3   ARG A CD   1 
ATOM   31   N NE   . ARG A 1 3  ? 7.514   17.941  5.027   1.00 42.40 ? 3   ARG A NE   1 
ATOM   32   C CZ   . ARG A 1 3  ? 7.148   18.264  6.267   1.00 47.87 ? 3   ARG A CZ   1 
ATOM   33   N NH1  . ARG A 1 3  ? 6.187   17.593  6.890   1.00 46.82 ? 3   ARG A NH1  1 
ATOM   34   N NH2  . ARG A 1 3  ? 7.738   19.281  6.884   1.00 48.32 ? 3   ARG A NH2  1 
ATOM   35   H H    . ARG A 1 3  ? 5.283   16.820  0.106   1.00 0.00  ? 3   ARG A H    1 
ATOM   36   H HE   . ARG A 1 3  ? 8.215   18.488  4.621   1.00 0.00  ? 3   ARG A HE   1 
ATOM   37   H HH11 . ARG A 1 3  ? 5.730   16.824  6.442   1.00 0.00  ? 3   ARG A HH11 1 
ATOM   38   H HH12 . ARG A 1 3  ? 5.937   17.850  7.823   1.00 0.00  ? 3   ARG A HH12 1 
ATOM   39   H HH21 . ARG A 1 3  ? 8.462   19.807  6.439   1.00 0.00  ? 3   ARG A HH21 1 
ATOM   40   H HH22 . ARG A 1 3  ? 7.475   19.486  7.824   1.00 0.00  ? 3   ARG A HH22 1 
ATOM   41   N N    . PRO A 1 4  ? 7.300   13.683  -0.728  1.00 18.88 ? 4   PRO A N    1 
ATOM   42   C CA   . PRO A 1 4  ? 6.874   12.443  -1.385  1.00 16.48 ? 4   PRO A CA   1 
ATOM   43   C C    . PRO A 1 4  ? 6.490   11.380  -0.354  1.00 17.26 ? 4   PRO A C    1 
ATOM   44   O O    . PRO A 1 4  ? 7.000   11.368  0.765   1.00 18.85 ? 4   PRO A O    1 
ATOM   45   C CB   . PRO A 1 4  ? 8.131   12.016  -2.154  1.00 12.46 ? 4   PRO A CB   1 
ATOM   46   C CG   . PRO A 1 4  ? 8.919   13.259  -2.292  1.00 17.48 ? 4   PRO A CG   1 
ATOM   47   C CD   . PRO A 1 4  ? 8.736   13.905  -0.950  1.00 20.59 ? 4   PRO A CD   1 
ATOM   48   N N    . PRO A 1 5  ? 5.593   10.462  -0.721  1.00 18.50 ? 5   PRO A N    1 
ATOM   49   C CA   . PRO A 1 5  ? 5.220   9.443   0.252   1.00 21.40 ? 5   PRO A CA   1 
ATOM   50   C C    . PRO A 1 5  ? 6.230   8.314   0.338   1.00 23.07 ? 5   PRO A C    1 
ATOM   51   O O    . PRO A 1 5  ? 6.903   7.994   -0.656  1.00 25.29 ? 5   PRO A O    1 
ATOM   52   C CB   . PRO A 1 5  ? 3.886   8.944   -0.289  1.00 21.17 ? 5   PRO A CB   1 
ATOM   53   C CG   . PRO A 1 5  ? 4.095   9.009   -1.755  1.00 23.76 ? 5   PRO A CG   1 
ATOM   54   C CD   . PRO A 1 5  ? 4.781   10.346  -1.946  1.00 23.58 ? 5   PRO A CD   1 
ATOM   55   N N    . LYS A 1 6  ? 6.367   7.763   1.543   1.00 19.82 ? 6   LYS A N    1 
ATOM   56   C CA   . LYS A 1 6  ? 7.230   6.619   1.802   1.00 18.94 ? 6   LYS A CA   1 
ATOM   57   C C    . LYS A 1 6  ? 6.201   5.504   1.909   1.00 22.24 ? 6   LYS A C    1 
ATOM   58   O O    . LYS A 1 6  ? 5.143   5.702   2.515   1.00 26.56 ? 6   LYS A O    1 
ATOM   59   C CB   . LYS A 1 6  ? 7.994   6.798   3.108   1.00 20.56 ? 6   LYS A CB   1 
ATOM   60   C CG   . LYS A 1 6  ? 8.898   8.017   3.117   1.00 28.86 ? 6   LYS A CG   1 
ATOM   61   C CD   . LYS A 1 6  ? 9.705   8.101   4.393   1.00 38.85 ? 6   LYS A CD   1 
ATOM   62   C CE   . LYS A 1 6  ? 10.608  9.323   4.383   1.00 47.88 ? 6   LYS A CE   1 
ATOM   63   N NZ   . LYS A 1 6  ? 11.195  9.617   5.725   1.00 53.50 ? 6   LYS A NZ   1 
ATOM   64   H H    . LYS A 1 6  ? 5.870   8.146   2.298   1.00 0.00  ? 6   LYS A H    1 
ATOM   65   H HZ1  . LYS A 1 6  ? 11.748  8.788   6.025   1.00 0.00  ? 6   LYS A HZ1  1 
ATOM   66   H HZ2  . LYS A 1 6  ? 11.817  10.453  5.686   1.00 0.00  ? 6   LYS A HZ2  1 
ATOM   67   H HZ3  . LYS A 1 6  ? 10.430  9.781   6.410   1.00 0.00  ? 6   LYS A HZ3  1 
ATOM   68   N N    . ILE A 1 7  ? 6.483   4.357   1.294   1.00 26.94 ? 7   ILE A N    1 
ATOM   69   C CA   . ILE A 1 7  ? 5.537   3.232   1.260   1.00 23.95 ? 7   ILE A CA   1 
ATOM   70   C C    . ILE A 1 7  ? 6.089   1.912   1.776   1.00 20.97 ? 7   ILE A C    1 
ATOM   71   O O    . ILE A 1 7  ? 7.268   1.619   1.603   1.00 22.31 ? 7   ILE A O    1 
ATOM   72   C CB   . ILE A 1 7  ? 5.083   2.984   -0.194  1.00 22.07 ? 7   ILE A CB   1 
ATOM   73   C CG1  . ILE A 1 7  ? 4.482   4.264   -0.786  1.00 18.88 ? 7   ILE A CG1  1 
ATOM   74   C CG2  . ILE A 1 7  ? 4.115   1.821   -0.258  1.00 21.19 ? 7   ILE A CG2  1 
ATOM   75   C CD1  . ILE A 1 7  ? 4.935   4.558   -2.196  1.00 13.97 ? 7   ILE A CD1  1 
ATOM   76   H H    . ILE A 1 7  ? 7.345   4.220   0.839   1.00 0.00  ? 7   ILE A H    1 
ATOM   77   N N    . GLN A 1 8  ? 5.215   1.104   2.367   1.00 18.10 ? 8   GLN A N    1 
ATOM   78   C CA   . GLN A 1 8  ? 5.585   -0.213  2.877   1.00 17.90 ? 8   GLN A CA   1 
ATOM   79   C C    . GLN A 1 8  ? 4.478   -1.200  2.537   1.00 22.07 ? 8   GLN A C    1 
ATOM   80   O O    . GLN A 1 8  ? 3.373   -1.084  3.063   1.00 25.03 ? 8   GLN A O    1 
ATOM   81   C CB   . GLN A 1 8  ? 5.761   -0.196  4.393   1.00 11.35 ? 8   GLN A CB   1 
ATOM   82   C CG   . GLN A 1 8  ? 7.049   0.404   4.879   1.00 26.53 ? 8   GLN A CG   1 
ATOM   83   C CD   . GLN A 1 8  ? 8.283   -0.391  4.466   1.00 31.82 ? 8   GLN A CD   1 
ATOM   84   O OE1  . GLN A 1 8  ? 9.372   0.170   4.371   1.00 38.96 ? 8   GLN A OE1  1 
ATOM   85   N NE2  . GLN A 1 8  ? 8.126   -1.698  4.238   1.00 25.95 ? 8   GLN A NE2  1 
ATOM   86   H H    . GLN A 1 8  ? 4.294   1.416   2.481   1.00 0.00  ? 8   GLN A H    1 
ATOM   87   H HE21 . GLN A 1 8  ? 8.950   -2.154  3.976   1.00 0.00  ? 8   GLN A HE21 1 
ATOM   88   H HE22 . GLN A 1 8  ? 7.267   -2.153  4.325   1.00 0.00  ? 8   GLN A HE22 1 
ATOM   89   N N    . VAL A 1 9  ? 4.758   -2.149  1.643   1.00 23.67 ? 9   VAL A N    1 
ATOM   90   C CA   . VAL A 1 9  ? 3.773   -3.164  1.264   1.00 17.87 ? 9   VAL A CA   1 
ATOM   91   C C    . VAL A 1 9  ? 4.151   -4.443  1.983   1.00 15.86 ? 9   VAL A C    1 
ATOM   92   O O    . VAL A 1 9  ? 5.252   -4.951  1.822   1.00 10.98 ? 9   VAL A O    1 
ATOM   93   C CB   . VAL A 1 9  ? 3.765   -3.402  -0.236  1.00 16.53 ? 9   VAL A CB   1 
ATOM   94   C CG1  . VAL A 1 9  ? 2.607   -4.317  -0.627  1.00 12.87 ? 9   VAL A CG1  1 
ATOM   95   C CG2  . VAL A 1 9  ? 3.649   -2.089  -0.938  1.00 16.34 ? 9   VAL A CG2  1 
ATOM   96   H H    . VAL A 1 9  ? 5.646   -2.199  1.229   1.00 0.00  ? 9   VAL A H    1 
ATOM   97   N N    . TYR A 1 10 ? 3.226   -4.983  2.756   1.00 17.71 ? 10  TYR A N    1 
ATOM   98   C CA   . TYR A 1 10 ? 3.529   -6.168  3.533   1.00 19.07 ? 10  TYR A CA   1 
ATOM   99   C C    . TYR A 1 10 ? 2.255   -6.895  3.895   1.00 20.59 ? 10  TYR A C    1 
ATOM   100  O O    . TYR A 1 10 ? 1.166   -6.333  3.772   1.00 22.04 ? 10  TYR A O    1 
ATOM   101  C CB   . TYR A 1 10 ? 4.239   -5.745  4.827   1.00 20.77 ? 10  TYR A CB   1 
ATOM   102  C CG   . TYR A 1 10 ? 3.405   -4.837  5.715   1.00 11.00 ? 10  TYR A CG   1 
ATOM   103  C CD1  . TYR A 1 10 ? 3.247   -3.479  5.414   1.00 8.39  ? 10  TYR A CD1  1 
ATOM   104  C CD2  . TYR A 1 10 ? 2.749   -5.349  6.838   1.00 12.76 ? 10  TYR A CD2  1 
ATOM   105  C CE1  . TYR A 1 10 ? 2.448   -2.660  6.214   1.00 5.74  ? 10  TYR A CE1  1 
ATOM   106  C CE2  . TYR A 1 10 ? 1.952   -4.544  7.644   1.00 2.00  ? 10  TYR A CE2  1 
ATOM   107  C CZ   . TYR A 1 10 ? 1.804   -3.205  7.330   1.00 10.54 ? 10  TYR A CZ   1 
ATOM   108  O OH   . TYR A 1 10 ? 1.011   -2.413  8.135   1.00 15.04 ? 10  TYR A OH   1 
ATOM   109  H H    . TYR A 1 10 ? 2.332   -4.584  2.822   1.00 0.00  ? 10  TYR A H    1 
ATOM   110  H HH   . TYR A 1 10 ? 1.044   -1.527  7.750   1.00 0.00  ? 10  TYR A HH   1 
ATOM   111  N N    . SER A 1 11 ? 2.404   -8.133  4.360   1.00 18.98 ? 11  SER A N    1 
ATOM   112  C CA   . SER A 1 11 ? 1.271   -8.944  4.763   1.00 20.08 ? 11  SER A CA   1 
ATOM   113  C C    . SER A 1 11 ? 1.186   -9.052  6.283   1.00 22.71 ? 11  SER A C    1 
ATOM   114  O O    . SER A 1 11 ? 2.210   -9.026  6.978   1.00 22.74 ? 11  SER A O    1 
ATOM   115  C CB   . SER A 1 11 ? 1.358   -10.338 4.137   1.00 19.65 ? 11  SER A CB   1 
ATOM   116  O OG   . SER A 1 11 ? 2.634   -10.923 4.329   1.00 21.46 ? 11  SER A OG   1 
ATOM   117  H H    . SER A 1 11 ? 3.287   -8.549  4.437   1.00 0.00  ? 11  SER A H    1 
ATOM   118  H HG   . SER A 1 11 ? 2.862   -11.120 5.254   1.00 0.00  ? 11  SER A HG   1 
ATOM   119  N N    . ARG A 1 12 ? -0.041  -9.170  6.787   1.00 20.63 ? 12  ARG A N    1 
ATOM   120  C CA   . ARG A 1 12 ? -0.279  -9.295  8.217   1.00 16.53 ? 12  ARG A CA   1 
ATOM   121  C C    . ARG A 1 12 ? 0.446   -10.465 8.866   1.00 17.46 ? 12  ARG A C    1 
ATOM   122  O O    . ARG A 1 12 ? 1.021   -10.322 9.940   1.00 22.15 ? 12  ARG A O    1 
ATOM   123  C CB   . ARG A 1 12 ? -1.769  -9.445  8.516   1.00 9.83  ? 12  ARG A CB   1 
ATOM   124  C CG   . ARG A 1 12 ? -2.040  -9.509  10.008  1.00 10.26 ? 12  ARG A CG   1 
ATOM   125  C CD   . ARG A 1 12 ? -3.502  -9.680  10.346  1.00 17.72 ? 12  ARG A CD   1 
ATOM   126  N NE   . ARG A 1 12 ? -4.337  -8.546  9.961   1.00 16.23 ? 12  ARG A NE   1 
ATOM   127  C CZ   . ARG A 1 12 ? -5.665  -8.558  10.024  1.00 18.81 ? 12  ARG A CZ   1 
ATOM   128  N NH1  . ARG A 1 12 ? -6.299  -9.642  10.452  1.00 21.84 ? 12  ARG A NH1  1 
ATOM   129  N NH2  . ARG A 1 12 ? -6.366  -7.502  9.651   1.00 22.46 ? 12  ARG A NH2  1 
ATOM   130  H H    . ARG A 1 12 ? -0.780  -9.115  6.159   1.00 0.00  ? 12  ARG A H    1 
ATOM   131  H HE   . ARG A 1 12 ? -3.909  -7.734  9.618   1.00 0.00  ? 12  ARG A HE   1 
ATOM   132  H HH11 . ARG A 1 12 ? -5.772  -10.444 10.719  1.00 0.00  ? 12  ARG A HH11 1 
ATOM   133  H HH12 . ARG A 1 12 ? -7.291  -9.692  10.503  1.00 0.00  ? 12  ARG A HH12 1 
ATOM   134  H HH21 . ARG A 1 12 ? -5.920  -6.673  9.319   1.00 0.00  ? 12  ARG A HH21 1 
ATOM   135  H HH22 . ARG A 1 12 ? -7.360  -7.535  9.712   1.00 0.00  ? 12  ARG A HH22 1 
ATOM   136  N N    . HIS A 1 13 ? 0.403   -11.624 8.222   1.00 18.67 ? 13  HIS A N    1 
ATOM   137  C CA   . HIS A 1 13 ? 1.014   -12.826 8.770   1.00 23.86 ? 13  HIS A CA   1 
ATOM   138  C C    . HIS A 1 13 ? 1.952   -13.397 7.744   1.00 25.54 ? 13  HIS A C    1 
ATOM   139  O O    . HIS A 1 13 ? 1.811   -13.102 6.564   1.00 30.53 ? 13  HIS A O    1 
ATOM   140  C CB   . HIS A 1 13 ? -0.057  -13.885 9.044   1.00 28.83 ? 13  HIS A CB   1 
ATOM   141  C CG   . HIS A 1 13 ? -1.123  -13.452 10.001  1.00 31.14 ? 13  HIS A CG   1 
ATOM   142  N ND1  . HIS A 1 13 ? -0.877  -13.228 11.339  1.00 30.19 ? 13  HIS A ND1  1 
ATOM   143  C CD2  . HIS A 1 13 ? -2.450  -13.244 9.821   1.00 32.52 ? 13  HIS A CD2  1 
ATOM   144  C CE1  . HIS A 1 13 ? -2.008  -12.903 11.943  1.00 35.38 ? 13  HIS A CE1  1 
ATOM   145  N NE2  . HIS A 1 13 ? -2.976  -12.907 11.045  1.00 33.48 ? 13  HIS A NE2  1 
ATOM   146  H H    . HIS A 1 13 ? 0.138   -11.701 7.293   1.00 0.00  ? 13  HIS A H    1 
ATOM   147  H HD1  . HIS A 1 13 ? -0.008  -13.298 11.785  1.00 0.00  ? 13  HIS A HD1  1 
ATOM   148  H HE2  . HIS A 1 13 ? -3.932  -12.721 11.201  1.00 0.00  ? 13  HIS A HE2  1 
ATOM   149  N N    . PRO A 1 14 ? 2.966   -14.162 8.181   1.00 26.27 ? 14  PRO A N    1 
ATOM   150  C CA   . PRO A 1 14 ? 3.880   -14.739 7.200   1.00 31.35 ? 14  PRO A CA   1 
ATOM   151  C C    . PRO A 1 14 ? 2.989   -15.557 6.277   1.00 38.22 ? 14  PRO A C    1 
ATOM   152  O O    . PRO A 1 14 ? 2.186   -16.376 6.739   1.00 43.63 ? 14  PRO A O    1 
ATOM   153  C CB   . PRO A 1 14 ? 4.785   -15.611 8.062   1.00 29.53 ? 14  PRO A CB   1 
ATOM   154  C CG   . PRO A 1 14 ? 4.908   -14.789 9.294   1.00 27.77 ? 14  PRO A CG   1 
ATOM   155  C CD   . PRO A 1 14 ? 3.467   -14.380 9.547   1.00 23.44 ? 14  PRO A CD   1 
ATOM   156  N N    . PRO A 1 15 ? 3.070   -15.292 4.967   1.00 40.69 ? 15  PRO A N    1 
ATOM   157  C CA   . PRO A 1 15 ? 2.266   -15.977 3.961   1.00 43.14 ? 15  PRO A CA   1 
ATOM   158  C C    . PRO A 1 15 ? 2.591   -17.421 3.624   1.00 48.08 ? 15  PRO A C    1 
ATOM   159  O O    . PRO A 1 15 ? 3.752   -17.846 3.647   1.00 48.47 ? 15  PRO A O    1 
ATOM   160  C CB   . PRO A 1 15 ? 2.447   -15.083 2.741   1.00 39.71 ? 15  PRO A CB   1 
ATOM   161  C CG   . PRO A 1 15 ? 3.876   -14.683 2.867   1.00 35.48 ? 15  PRO A CG   1 
ATOM   162  C CD   . PRO A 1 15 ? 3.965   -14.307 4.329   1.00 40.66 ? 15  PRO A CD   1 
ATOM   163  N N    . GLU A 1 16 ? 1.527   -18.159 3.325   1.00 52.80 ? 16  GLU A N    1 
ATOM   164  C CA   . GLU A 1 16 ? 1.605   -19.542 2.883   1.00 57.74 ? 16  GLU A CA   1 
ATOM   165  C C    . GLU A 1 16 ? 0.507   -19.672 1.838   1.00 54.30 ? 16  GLU A C    1 
ATOM   166  O O    . GLU A 1 16 ? -0.618  -19.211 2.055   1.00 45.51 ? 16  GLU A O    1 
ATOM   167  C CB   . GLU A 1 16 ? 1.374   -20.569 3.998   1.00 64.17 ? 16  GLU A CB   1 
ATOM   168  C CG   . GLU A 1 16 ? 1.360   -22.006 3.415   1.00 73.95 ? 16  GLU A CG   1 
ATOM   169  C CD   . GLU A 1 16 ? 1.224   -23.119 4.444   1.00 77.37 ? 16  GLU A CD   1 
ATOM   170  O OE1  . GLU A 1 16 ? 0.667   -22.875 5.536   1.00 79.79 ? 16  GLU A OE1  1 
ATOM   171  O OE2  . GLU A 1 16 ? 1.671   -24.250 4.143   1.00 76.53 ? 16  GLU A OE2  1 
ATOM   172  H H    . GLU A 1 16 ? 0.632   -17.748 3.386   1.00 0.00  ? 16  GLU A H    1 
ATOM   173  N N    . ASP A 1 17 ? 0.851   -20.269 0.701   1.00 53.91 ? 17  ASP A N    1 
ATOM   174  C CA   . ASP A 1 17 ? -0.097  -20.460 -0.386  1.00 55.86 ? 17  ASP A CA   1 
ATOM   175  C C    . ASP A 1 17 ? -1.288  -21.233 0.135   1.00 53.37 ? 17  ASP A C    1 
ATOM   176  O O    . ASP A 1 17 ? -1.145  -22.386 0.546   1.00 52.55 ? 17  ASP A O    1 
ATOM   177  C CB   . ASP A 1 17 ? 0.551   -21.236 -1.534  1.00 60.55 ? 17  ASP A CB   1 
ATOM   178  C CG   . ASP A 1 17 ? 1.804   -20.560 -2.065  1.00 66.42 ? 17  ASP A CG   1 
ATOM   179  O OD1  . ASP A 1 17 ? 2.398   -19.713 -1.400  1.00 66.40 ? 17  ASP A OD1  1 
ATOM   180  O OD2  . ASP A 1 17 ? 2.214   -20.940 -3.271  1.00 69.39 ? 17  ASP A OD2  1 
ATOM   181  H H    . ASP A 1 17 ? 1.770   -20.578 0.582   1.00 0.00  ? 17  ASP A H    1 
ATOM   182  N N    . GLY A 1 18 ? -2.448  -20.583 0.164   1.00 50.31 ? 18  GLY A N    1 
ATOM   183  C CA   . GLY A 1 18 ? -3.647  -21.239 0.642   1.00 48.80 ? 18  GLY A CA   1 
ATOM   184  C C    . GLY A 1 18 ? -4.336  -20.518 1.777   1.00 48.52 ? 18  GLY A C    1 
ATOM   185  O O    . GLY A 1 18 ? -5.494  -20.126 1.647   1.00 51.18 ? 18  GLY A O    1 
ATOM   186  H H    . GLY A 1 18 ? -2.495  -19.658 -0.149  1.00 0.00  ? 18  GLY A H    1 
ATOM   187  N N    . LYS A 1 19 ? -3.634  -20.345 2.896   1.00 48.93 ? 19  LYS A N    1 
ATOM   188  C CA   . LYS A 1 19 ? -4.204  -19.671 4.064   1.00 50.76 ? 19  LYS A CA   1 
ATOM   189  C C    . LYS A 1 19 ? -4.526  -18.201 3.779   1.00 47.34 ? 19  LYS A C    1 
ATOM   190  O O    . LYS A 1 19 ? -3.673  -17.446 3.302   1.00 48.66 ? 19  LYS A O    1 
ATOM   191  C CB   . LYS A 1 19 ? -3.250  -19.762 5.257   1.00 54.97 ? 19  LYS A CB   1 
ATOM   192  C CG   . LYS A 1 19 ? -3.019  -21.165 5.794   1.00 62.55 ? 19  LYS A CG   1 
ATOM   193  C CD   . LYS A 1 19 ? -1.932  -21.148 6.871   1.00 71.10 ? 19  LYS A CD   1 
ATOM   194  C CE   . LYS A 1 19 ? -1.716  -22.521 7.505   1.00 73.46 ? 19  LYS A CE   1 
ATOM   195  N NZ   . LYS A 1 19 ? -0.506  -22.527 8.382   1.00 76.84 ? 19  LYS A NZ   1 
ATOM   196  H H    . LYS A 1 19 ? -2.700  -20.640 2.894   1.00 0.00  ? 19  LYS A H    1 
ATOM   197  H HZ1  . LYS A 1 19 ? 0.298   -22.247 7.784   1.00 0.00  ? 19  LYS A HZ1  1 
ATOM   198  H HZ2  . LYS A 1 19 ? -0.603  -21.839 9.157   1.00 0.00  ? 19  LYS A HZ2  1 
ATOM   199  H HZ3  . LYS A 1 19 ? -0.320  -23.476 8.775   1.00 0.00  ? 19  LYS A HZ3  1 
ATOM   200  N N    . PRO A 1 20 ? -5.762  -17.775 4.077   1.00 40.88 ? 20  PRO A N    1 
ATOM   201  C CA   . PRO A 1 20 ? -6.183  -16.392 3.853   1.00 38.17 ? 20  PRO A CA   1 
ATOM   202  C C    . PRO A 1 20 ? -5.375  -15.445 4.720   1.00 35.33 ? 20  PRO A C    1 
ATOM   203  O O    . PRO A 1 20 ? -5.270  -15.642 5.931   1.00 36.11 ? 20  PRO A O    1 
ATOM   204  C CB   . PRO A 1 20 ? -7.655  -16.415 4.272   1.00 37.48 ? 20  PRO A CB   1 
ATOM   205  C CG   . PRO A 1 20 ? -7.696  -17.466 5.302   1.00 37.77 ? 20  PRO A CG   1 
ATOM   206  C CD   . PRO A 1 20 ? -6.852  -18.551 4.681   1.00 39.98 ? 20  PRO A CD   1 
ATOM   207  N N    . ASN A 1 21 ? -4.783  -14.436 4.089   1.00 33.30 ? 21  ASN A N    1 
ATOM   208  C CA   . ASN A 1 21 ? -3.970  -13.450 4.794   1.00 27.25 ? 21  ASN A CA   1 
ATOM   209  C C    . ASN A 1 21 ? -4.610  -12.064 4.683   1.00 25.33 ? 21  ASN A C    1 
ATOM   210  O O    . ASN A 1 21 ? -5.827  -11.946 4.557   1.00 27.28 ? 21  ASN A O    1 
ATOM   211  C CB   . ASN A 1 21 ? -2.545  -13.440 4.221   1.00 24.99 ? 21  ASN A CB   1 
ATOM   212  C CG   . ASN A 1 21 ? -1.488  -13.065 5.259   1.00 23.19 ? 21  ASN A CG   1 
ATOM   213  O OD1  . ASN A 1 21 ? -0.473  -13.737 5.394   1.00 19.92 ? 21  ASN A OD1  1 
ATOM   214  N ND2  . ASN A 1 21 ? -1.731  -11.999 6.005   1.00 24.83 ? 21  ASN A ND2  1 
ATOM   215  H H    . ASN A 1 21 ? -4.918  -14.365 3.122   1.00 0.00  ? 21  ASN A H    1 
ATOM   216  H HD21 . ASN A 1 21 ? -0.960  -11.787 6.547   1.00 0.00  ? 21  ASN A HD21 1 
ATOM   217  H HD22 . ASN A 1 21 ? -2.543  -11.471 6.013   1.00 0.00  ? 21  ASN A HD22 1 
ATOM   218  N N    . TYR A 1 22 ? -3.777  -11.028 4.680   1.00 25.25 ? 22  TYR A N    1 
ATOM   219  C CA   . TYR A 1 22 ? -4.212  -9.638  4.600   1.00 20.75 ? 22  TYR A CA   1 
ATOM   220  C C    . TYR A 1 22 ? -3.011  -8.875  4.099   1.00 16.21 ? 22  TYR A C    1 
ATOM   221  O O    . TYR A 1 22 ? -1.908  -9.063  4.617   1.00 8.34  ? 22  TYR A O    1 
ATOM   222  C CB   . TYR A 1 22 ? -4.592  -9.109  5.987   1.00 23.65 ? 22  TYR A CB   1 
ATOM   223  C CG   . TYR A 1 22 ? -6.068  -9.166  6.308   1.00 19.86 ? 22  TYR A CG   1 
ATOM   224  C CD1  . TYR A 1 22 ? -6.907  -8.134  5.931   1.00 21.65 ? 22  TYR A CD1  1 
ATOM   225  C CD2  . TYR A 1 22 ? -6.619  -10.250 6.992   1.00 15.60 ? 22  TYR A CD2  1 
ATOM   226  C CE1  . TYR A 1 22 ? -8.253  -8.167  6.218   1.00 20.68 ? 22  TYR A CE1  1 
ATOM   227  C CE2  . TYR A 1 22 ? -7.963  -10.288 7.286   1.00 13.48 ? 22  TYR A CE2  1 
ATOM   228  C CZ   . TYR A 1 22 ? -8.773  -9.240  6.893   1.00 18.79 ? 22  TYR A CZ   1 
ATOM   229  O OH   . TYR A 1 22 ? -10.115 -9.244  7.181   1.00 34.27 ? 22  TYR A OH   1 
ATOM   230  H H    . TYR A 1 22 ? -2.812  -11.108 4.620   1.00 0.00  ? 22  TYR A H    1 
ATOM   231  H HH   . TYR A 1 22 ? -10.331 -10.085 7.581   1.00 0.00  ? 22  TYR A HH   1 
ATOM   232  N N    . LEU A 1 23 ? -3.221  -8.059  3.069   1.00 18.30 ? 23  LEU A N    1 
ATOM   233  C CA   . LEU A 1 23 ? -2.163  -7.260  2.459   1.00 17.04 ? 23  LEU A CA   1 
ATOM   234  C C    . LEU A 1 23 ? -2.409  -5.816  2.821   1.00 22.80 ? 23  LEU A C    1 
ATOM   235  O O    . LEU A 1 23 ? -3.481  -5.273  2.540   1.00 25.56 ? 23  LEU A O    1 
ATOM   236  C CB   . LEU A 1 23 ? -2.193  -7.393  0.944   1.00 17.31 ? 23  LEU A CB   1 
ATOM   237  C CG   . LEU A 1 23 ? -0.957  -6.897  0.203   1.00 19.97 ? 23  LEU A CG   1 
ATOM   238  C CD1  . LEU A 1 23 ? 0.169   -7.901  0.390   1.00 22.89 ? 23  LEU A CD1  1 
ATOM   239  C CD2  . LEU A 1 23 ? -1.276  -6.736  -1.270  1.00 19.93 ? 23  LEU A CD2  1 
ATOM   240  H H    . LEU A 1 23 ? -4.124  -7.947  2.715   1.00 0.00  ? 23  LEU A H    1 
ATOM   241  N N    . ASN A 1 24 ? -1.415  -5.197  3.443   1.00 25.05 ? 24  ASN A N    1 
ATOM   242  C CA   . ASN A 1 24 ? -1.511  -3.815  3.873   1.00 19.93 ? 24  ASN A CA   1 
ATOM   243  C C    . ASN A 1 24 ? -0.529  -2.961  3.079   1.00 19.82 ? 24  ASN A C    1 
ATOM   244  O O    . ASN A 1 24 ? 0.555   -3.431  2.722   1.00 21.81 ? 24  ASN A O    1 
ATOM   245  C CB   . ASN A 1 24 ? -1.133  -3.723  5.358   1.00 20.49 ? 24  ASN A CB   1 
ATOM   246  C CG   . ASN A 1 24 ? -1.884  -4.713  6.229   1.00 10.72 ? 24  ASN A CG   1 
ATOM   247  O OD1  . ASN A 1 24 ? -1.336  -5.719  6.668   1.00 13.10 ? 24  ASN A OD1  1 
ATOM   248  N ND2  . ASN A 1 24 ? -3.121  -4.401  6.530   1.00 12.47 ? 24  ASN A ND2  1 
ATOM   249  H H    . ASN A 1 24 ? -0.587  -5.687  3.628   1.00 0.00  ? 24  ASN A H    1 
ATOM   250  H HD21 . ASN A 1 24 ? -3.602  -5.067  7.051   1.00 0.00  ? 24  ASN A HD21 1 
ATOM   251  H HD22 . ASN A 1 24 ? -3.479  -3.553  6.224   1.00 0.00  ? 24  ASN A HD22 1 
ATOM   252  N N    . CYS A 1 25 ? -0.900  -1.714  2.805   1.00 16.08 ? 25  CYS A N    1 
ATOM   253  C CA   . CYS A 1 25 ? -0.007  -0.787  2.109   1.00 17.35 ? 25  CYS A CA   1 
ATOM   254  C C    . CYS A 1 25 ? 0.091   0.451   2.980   1.00 15.29 ? 25  CYS A C    1 
ATOM   255  O O    . CYS A 1 25 ? -0.866  1.221   3.076   1.00 15.17 ? 25  CYS A O    1 
ATOM   256  C CB   . CYS A 1 25 ? -0.536  -0.383  0.739   1.00 17.91 ? 25  CYS A CB   1 
ATOM   257  S SG   . CYS A 1 25 ? 0.548   0.865   -0.036  1.00 20.39 ? 25  CYS A SG   1 
ATOM   258  H H    . CYS A 1 25 ? -1.767  -1.381  3.100   1.00 0.00  ? 25  CYS A H    1 
ATOM   259  N N    . TYR A 1 26 ? 1.219   0.608   3.663   1.00 12.85 ? 26  TYR A N    1 
ATOM   260  C CA   . TYR A 1 26 ? 1.422   1.743   4.564   1.00 14.01 ? 26  TYR A CA   1 
ATOM   261  C C    . TYR A 1 26 ? 2.119   2.901   3.870   1.00 15.30 ? 26  TYR A C    1 
ATOM   262  O O    . TYR A 1 26 ? 3.238   2.770   3.369   1.00 20.45 ? 26  TYR A O    1 
ATOM   263  C CB   . TYR A 1 26 ? 2.210   1.308   5.805   1.00 14.40 ? 26  TYR A CB   1 
ATOM   264  C CG   . TYR A 1 26 ? 2.309   2.375   6.864   1.00 12.34 ? 26  TYR A CG   1 
ATOM   265  C CD1  . TYR A 1 26 ? 1.187   3.109   7.235   1.00 9.10  ? 26  TYR A CD1  1 
ATOM   266  C CD2  . TYR A 1 26 ? 3.524   2.655   7.485   1.00 8.39  ? 26  TYR A CD2  1 
ATOM   267  C CE1  . TYR A 1 26 ? 1.265   4.098   8.196   1.00 10.23 ? 26  TYR A CE1  1 
ATOM   268  C CE2  . TYR A 1 26 ? 3.620   3.644   8.455   1.00 10.60 ? 26  TYR A CE2  1 
ATOM   269  C CZ   . TYR A 1 26 ? 2.487   4.361   8.808   1.00 15.79 ? 26  TYR A CZ   1 
ATOM   270  O OH   . TYR A 1 26 ? 2.559   5.329   9.786   1.00 20.98 ? 26  TYR A OH   1 
ATOM   271  H H    . TYR A 1 26 ? 1.946   -0.036  3.544   1.00 0.00  ? 26  TYR A H    1 
ATOM   272  H HH   . TYR A 1 26 ? 1.844   5.964   9.652   1.00 0.00  ? 26  TYR A HH   1 
ATOM   273  N N    . VAL A 1 27 ? 1.460   4.046   3.854   1.00 12.77 ? 27  VAL A N    1 
ATOM   274  C CA   . VAL A 1 27 ? 2.011   5.222   3.198   1.00 15.66 ? 27  VAL A CA   1 
ATOM   275  C C    . VAL A 1 27 ? 2.090   6.358   4.202   1.00 13.31 ? 27  VAL A C    1 
ATOM   276  O O    . VAL A 1 27 ? 1.115   6.642   4.894   1.00 14.36 ? 27  VAL A O    1 
ATOM   277  C CB   . VAL A 1 27 ? 1.118   5.631   2.012   1.00 16.88 ? 27  VAL A CB   1 
ATOM   278  C CG1  . VAL A 1 27 ? 1.708   6.829   1.296   1.00 21.29 ? 27  VAL A CG1  1 
ATOM   279  C CG2  . VAL A 1 27 ? 0.953   4.454   1.061   1.00 12.96 ? 27  VAL A CG2  1 
ATOM   280  H H    . VAL A 1 27 ? 0.590   4.107   4.302   1.00 0.00  ? 27  VAL A H    1 
ATOM   281  N N    . TYR A 1 28 ? 3.240   7.015   4.280   1.00 18.53 ? 28  TYR A N    1 
ATOM   282  C CA   . TYR A 1 28 ? 3.407   8.108   5.239   1.00 20.98 ? 28  TYR A CA   1 
ATOM   283  C C    . TYR A 1 28 ? 4.453   9.152   4.832   1.00 17.64 ? 28  TYR A C    1 
ATOM   284  O O    . TYR A 1 28 ? 5.002   9.096   3.733   1.00 12.36 ? 28  TYR A O    1 
ATOM   285  C CB   . TYR A 1 28 ? 3.772   7.528   6.607   1.00 11.55 ? 28  TYR A CB   1 
ATOM   286  C CG   . TYR A 1 28 ? 5.115   6.849   6.635   1.00 4.92  ? 28  TYR A CG   1 
ATOM   287  C CD1  . TYR A 1 28 ? 5.287   5.578   6.088   1.00 4.18  ? 28  TYR A CD1  1 
ATOM   288  C CD2  . TYR A 1 28 ? 6.216   7.481   7.211   1.00 5.13  ? 28  TYR A CD2  1 
ATOM   289  C CE1  . TYR A 1 28 ? 6.535   4.943   6.111   1.00 11.68 ? 28  TYR A CE1  1 
ATOM   290  C CE2  . TYR A 1 28 ? 7.466   6.866   7.243   1.00 11.33 ? 28  TYR A CE2  1 
ATOM   291  C CZ   . TYR A 1 28 ? 7.621   5.600   6.688   1.00 12.87 ? 28  TYR A CZ   1 
ATOM   292  O OH   . TYR A 1 28 ? 8.858   5.015   6.684   1.00 19.87 ? 28  TYR A OH   1 
ATOM   293  H H    . TYR A 1 28 ? 3.975   6.774   3.668   1.00 0.00  ? 28  TYR A H    1 
ATOM   294  H HH   . TYR A 1 28 ? 8.816   4.168   6.216   1.00 0.00  ? 28  TYR A HH   1 
ATOM   295  N N    . GLY A 1 29 ? 4.682   10.118  5.719   1.00 19.20 ? 29  GLY A N    1 
ATOM   296  C CA   . GLY A 1 29 ? 5.670   11.164  5.496   1.00 18.39 ? 29  GLY A CA   1 
ATOM   297  C C    . GLY A 1 29 ? 5.488   12.037  4.273   1.00 18.33 ? 29  GLY A C    1 
ATOM   298  O O    . GLY A 1 29 ? 6.453   12.619  3.773   1.00 18.88 ? 29  GLY A O    1 
ATOM   299  H H    . GLY A 1 29 ? 4.144   10.141  6.543   1.00 0.00  ? 29  GLY A H    1 
ATOM   300  N N    . PHE A 1 30 ? 4.247   12.185  3.827   1.00 13.97 ? 30  PHE A N    1 
ATOM   301  C CA   . PHE A 1 30 ? 3.968   12.977  2.638   1.00 9.77  ? 30  PHE A CA   1 
ATOM   302  C C    . PHE A 1 30 ? 3.182   14.251  2.925   1.00 8.67  ? 30  PHE A C    1 
ATOM   303  O O    . PHE A 1 30 ? 2.629   14.422  4.013   1.00 8.96  ? 30  PHE A O    1 
ATOM   304  C CB   . PHE A 1 30 ? 3.241   12.119  1.590   1.00 5.54  ? 30  PHE A CB   1 
ATOM   305  C CG   . PHE A 1 30 ? 1.883   11.640  2.024   1.00 3.58  ? 30  PHE A CG   1 
ATOM   306  C CD1  . PHE A 1 30 ? 0.754   12.416  1.800   1.00 3.42  ? 30  PHE A CD1  1 
ATOM   307  C CD2  . PHE A 1 30 ? 1.734   10.419  2.678   1.00 10.54 ? 30  PHE A CD2  1 
ATOM   308  C CE1  . PHE A 1 30 ? -0.502  11.984  2.221   1.00 9.52  ? 30  PHE A CE1  1 
ATOM   309  C CE2  . PHE A 1 30 ? 0.486   9.977   3.102   1.00 2.78  ? 30  PHE A CE2  1 
ATOM   310  C CZ   . PHE A 1 30 ? -0.632  10.761  2.877   1.00 6.20  ? 30  PHE A CZ   1 
ATOM   311  H H    . PHE A 1 30 ? 3.505   11.784  4.329   1.00 0.00  ? 30  PHE A H    1 
ATOM   312  N N    . HIS A 1 31 ? 3.153   15.138  1.934   1.00 9.66  ? 31  HIS A N    1 
ATOM   313  C CA   . HIS A 1 31 ? 2.439   16.407  2.004   1.00 11.91 ? 31  HIS A CA   1 
ATOM   314  C C    . HIS A 1 31 ? 2.425   17.055  0.612   1.00 10.85 ? 31  HIS A C    1 
ATOM   315  O O    . HIS A 1 31 ? 3.428   17.047  -0.078  1.00 17.30 ? 31  HIS A O    1 
ATOM   316  C CB   . HIS A 1 31 ? 3.110   17.360  2.997   1.00 11.39 ? 31  HIS A CB   1 
ATOM   317  C CG   . HIS A 1 31 ? 2.236   18.511  3.386   1.00 14.53 ? 31  HIS A CG   1 
ATOM   318  N ND1  . HIS A 1 31 ? 2.098   19.636  2.601   1.00 14.77 ? 31  HIS A ND1  1 
ATOM   319  C CD2  . HIS A 1 31 ? 1.367   18.660  4.411   1.00 8.95  ? 31  HIS A CD2  1 
ATOM   320  C CE1  . HIS A 1 31 ? 1.177   20.427  3.121   1.00 17.34 ? 31  HIS A CE1  1 
ATOM   321  N NE2  . HIS A 1 31 ? 0.716   19.854  4.219   1.00 15.93 ? 31  HIS A NE2  1 
ATOM   322  H H    . HIS A 1 31 ? 3.634   14.925  1.108   1.00 0.00  ? 31  HIS A H    1 
ATOM   323  H HD1  . HIS A 1 31 ? 2.558   19.838  1.765   1.00 0.00  ? 31  HIS A HD1  1 
ATOM   324  H HE2  . HIS A 1 31 ? 0.057   20.260  4.808   1.00 0.00  ? 31  HIS A HE2  1 
ATOM   325  N N    . PRO A 1 32 ? 1.296   17.629  0.179   1.00 10.61 ? 32  PRO A N    1 
ATOM   326  C CA   . PRO A 1 32 ? -0.015  17.762  0.828   1.00 13.10 ? 32  PRO A CA   1 
ATOM   327  C C    . PRO A 1 32 ? -0.697  16.401  1.070   1.00 18.45 ? 32  PRO A C    1 
ATOM   328  O O    . PRO A 1 32 ? -0.322  15.389  0.473   1.00 16.68 ? 32  PRO A O    1 
ATOM   329  C CB   . PRO A 1 32 ? -0.788  18.639  -0.160  1.00 10.25 ? 32  PRO A CB   1 
ATOM   330  C CG   . PRO A 1 32 ? -0.204  18.286  -1.481  1.00 6.14  ? 32  PRO A CG   1 
ATOM   331  C CD   . PRO A 1 32 ? 1.274   18.200  -1.180  1.00 8.16  ? 32  PRO A CD   1 
ATOM   332  N N    . PRO A 1 33 ? -1.673  16.363  1.990   1.00 21.44 ? 33  PRO A N    1 
ATOM   333  C CA   . PRO A 1 33 ? -2.428  15.158  2.363   1.00 22.78 ? 33  PRO A CA   1 
ATOM   334  C C    . PRO A 1 33 ? -3.204  14.374  1.286   1.00 24.84 ? 33  PRO A C    1 
ATOM   335  O O    . PRO A 1 33 ? -3.313  13.149  1.388   1.00 26.73 ? 33  PRO A O    1 
ATOM   336  C CB   . PRO A 1 33 ? -3.325  15.657  3.495   1.00 24.37 ? 33  PRO A CB   1 
ATOM   337  C CG   . PRO A 1 33 ? -3.423  17.148  3.246   1.00 21.22 ? 33  PRO A CG   1 
ATOM   338  C CD   . PRO A 1 33 ? -2.058  17.513  2.825   1.00 18.78 ? 33  PRO A CD   1 
ATOM   339  N N    . GLN A 1 34 ? -3.732  15.046  0.263   1.00 24.70 ? 34  GLN A N    1 
ATOM   340  C CA   . GLN A 1 34 ? -4.466  14.330  -0.787  1.00 21.39 ? 34  GLN A CA   1 
ATOM   341  C C    . GLN A 1 34 ? -3.525  13.315  -1.439  1.00 21.38 ? 34  GLN A C    1 
ATOM   342  O O    . GLN A 1 34 ? -2.479  13.685  -1.987  1.00 21.91 ? 34  GLN A O    1 
ATOM   343  C CB   . GLN A 1 34 ? -4.994  15.276  -1.873  1.00 20.04 ? 34  GLN A CB   1 
ATOM   344  C CG   . GLN A 1 34 ? -5.652  16.552  -1.384  1.00 21.11 ? 34  GLN A CG   1 
ATOM   345  C CD   . GLN A 1 34 ? -4.639  17.642  -1.114  1.00 20.89 ? 34  GLN A CD   1 
ATOM   346  O OE1  . GLN A 1 34 ? -3.612  17.722  -1.786  1.00 12.31 ? 34  GLN A OE1  1 
ATOM   347  N NE2  . GLN A 1 34 ? -4.906  18.470  -0.113  1.00 15.33 ? 34  GLN A NE2  1 
ATOM   348  H H    . GLN A 1 34 ? -3.559  16.000  0.176   1.00 0.00  ? 34  GLN A H    1 
ATOM   349  H HE21 . GLN A 1 34 ? -4.268  19.195  0.040   1.00 0.00  ? 34  GLN A HE21 1 
ATOM   350  H HE22 . GLN A 1 34 ? -5.727  18.334  0.401   1.00 0.00  ? 34  GLN A HE22 1 
ATOM   351  N N    . ILE A 1 35 ? -3.910  12.045  -1.387  1.00 19.19 ? 35  ILE A N    1 
ATOM   352  C CA   . ILE A 1 35 ? -3.112  10.958  -1.945  1.00 15.12 ? 35  ILE A CA   1 
ATOM   353  C C    . ILE A 1 35 ? -4.052  9.808   -2.303  1.00 14.19 ? 35  ILE A C    1 
ATOM   354  O O    . ILE A 1 35 ? -5.017  9.576   -1.595  1.00 16.53 ? 35  ILE A O    1 
ATOM   355  C CB   . ILE A 1 35 ? -2.087  10.462  -0.889  1.00 8.70  ? 35  ILE A CB   1 
ATOM   356  C CG1  . ILE A 1 35 ? -0.979  9.660   -1.550  1.00 8.42  ? 35  ILE A CG1  1 
ATOM   357  C CG2  . ILE A 1 35 ? -2.778  9.591   0.162   1.00 9.83  ? 35  ILE A CG2  1 
ATOM   358  C CD1  . ILE A 1 35 ? 0.195   9.424   -0.653  1.00 10.84 ? 35  ILE A CD1  1 
ATOM   359  H H    . ILE A 1 35 ? -4.726  11.783  -0.909  1.00 0.00  ? 35  ILE A H    1 
ATOM   360  N N    . GLU A 1 36 ? -3.780  9.082   -3.380  1.00 18.03 ? 36  GLU A N    1 
ATOM   361  C CA   . GLU A 1 36 ? -4.640  7.956   -3.745  1.00 22.06 ? 36  GLU A CA   1 
ATOM   362  C C    . GLU A 1 36 ? -3.837  6.664   -3.663  1.00 20.40 ? 36  GLU A C    1 
ATOM   363  O O    . GLU A 1 36 ? -2.682  6.620   -4.094  1.00 23.48 ? 36  GLU A O    1 
ATOM   364  C CB   . GLU A 1 36 ? -5.229  8.148   -5.144  1.00 28.38 ? 36  GLU A CB   1 
ATOM   365  C CG   . GLU A 1 36 ? -6.299  7.120   -5.495  1.00 40.45 ? 36  GLU A CG   1 
ATOM   366  C CD   . GLU A 1 36 ? -7.121  7.522   -6.703  1.00 48.96 ? 36  GLU A CD   1 
ATOM   367  O OE1  . GLU A 1 36 ? -6.618  7.402   -7.846  1.00 49.71 ? 36  GLU A OE1  1 
ATOM   368  O OE2  . GLU A 1 36 ? -8.274  7.962   -6.502  1.00 53.34 ? 36  GLU A OE2  1 
ATOM   369  H H    . GLU A 1 36 ? -2.985  9.274   -3.924  1.00 0.00  ? 36  GLU A H    1 
ATOM   370  N N    . ILE A 1 37 ? -4.441  5.623   -3.098  1.00 18.47 ? 37  ILE A N    1 
ATOM   371  C CA   . ILE A 1 37 ? -3.770  4.327   -2.941  1.00 19.50 ? 37  ILE A CA   1 
ATOM   372  C C    . ILE A 1 37 ? -4.653  3.179   -3.429  1.00 20.97 ? 37  ILE A C    1 
ATOM   373  O O    . ILE A 1 37 ? -5.745  2.961   -2.897  1.00 19.12 ? 37  ILE A O    1 
ATOM   374  C CB   . ILE A 1 37 ? -3.420  4.062   -1.451  1.00 18.48 ? 37  ILE A CB   1 
ATOM   375  C CG1  . ILE A 1 37 ? -2.658  5.247   -0.855  1.00 14.87 ? 37  ILE A CG1  1 
ATOM   376  C CG2  . ILE A 1 37 ? -2.571  2.814   -1.316  1.00 15.76 ? 37  ILE A CG2  1 
ATOM   377  C CD1  . ILE A 1 37 ? -2.591  5.219   0.649   1.00 14.91 ? 37  ILE A CD1  1 
ATOM   378  H H    . ILE A 1 37 ? -5.357  5.732   -2.807  1.00 0.00  ? 37  ILE A H    1 
ATOM   379  N N    . ASP A 1 38 ? -4.192  2.475   -4.460  1.00 22.68 ? 38  ASP A N    1 
ATOM   380  C CA   . ASP A 1 38 ? -4.916  1.331   -5.014  1.00 26.54 ? 38  ASP A CA   1 
ATOM   381  C C    . ASP A 1 38 ? -4.120  0.059   -4.753  1.00 25.50 ? 38  ASP A C    1 
ATOM   382  O O    . ASP A 1 38 ? -2.891  0.070   -4.794  1.00 28.94 ? 38  ASP A O    1 
ATOM   383  C CB   . ASP A 1 38 ? -5.096  1.479   -6.524  1.00 30.96 ? 38  ASP A CB   1 
ATOM   384  C CG   . ASP A 1 38 ? -6.021  2.617   -6.902  1.00 38.52 ? 38  ASP A CG   1 
ATOM   385  O OD1  . ASP A 1 38 ? -7.133  2.697   -6.332  1.00 42.08 ? 38  ASP A OD1  1 
ATOM   386  O OD2  . ASP A 1 38 ? -5.643  3.424   -7.783  1.00 42.47 ? 38  ASP A OD2  1 
ATOM   387  H H    . ASP A 1 38 ? -3.337  2.718   -4.856  1.00 0.00  ? 38  ASP A H    1 
ATOM   388  N N    . LEU A 1 39 ? -4.809  -1.024  -4.426  1.00 24.98 ? 39  LEU A N    1 
ATOM   389  C CA   . LEU A 1 39 ? -4.134  -2.296  -4.199  1.00 29.69 ? 39  LEU A CA   1 
ATOM   390  C C    . LEU A 1 39 ? -4.321  -3.044  -5.511  1.00 29.62 ? 39  LEU A C    1 
ATOM   391  O O    . LEU A 1 39 ? -5.396  -2.979  -6.105  1.00 27.63 ? 39  LEU A O    1 
ATOM   392  C CB   . LEU A 1 39 ? -4.758  -3.058  -3.018  1.00 26.16 ? 39  LEU A CB   1 
ATOM   393  C CG   . LEU A 1 39 ? -4.546  -2.397  -1.647  1.00 29.54 ? 39  LEU A CG   1 
ATOM   394  C CD1  . LEU A 1 39 ? -5.270  -3.163  -0.565  1.00 32.24 ? 39  LEU A CD1  1 
ATOM   395  C CD2  . LEU A 1 39 ? -3.064  -2.309  -1.320  1.00 30.06 ? 39  LEU A CD2  1 
ATOM   396  H H    . LEU A 1 39 ? -5.781  -0.986  -4.332  1.00 0.00  ? 39  LEU A H    1 
ATOM   397  N N    . LEU A 1 40 ? -3.277  -3.712  -5.988  1.00 26.46 ? 40  LEU A N    1 
ATOM   398  C CA   . LEU A 1 40 ? -3.367  -4.414  -7.257  1.00 20.51 ? 40  LEU A CA   1 
ATOM   399  C C    . LEU A 1 40 ? -3.046  -5.895  -7.207  1.00 21.58 ? 40  LEU A C    1 
ATOM   400  O O    . LEU A 1 40 ? -2.174  -6.333  -6.456  1.00 21.59 ? 40  LEU A O    1 
ATOM   401  C CB   . LEU A 1 40 ? -2.432  -3.761  -8.282  1.00 18.95 ? 40  LEU A CB   1 
ATOM   402  C CG   . LEU A 1 40 ? -2.488  -2.249  -8.543  1.00 20.31 ? 40  LEU A CG   1 
ATOM   403  C CD1  . LEU A 1 40 ? -1.512  -1.879  -9.643  1.00 18.31 ? 40  LEU A CD1  1 
ATOM   404  C CD2  . LEU A 1 40 ? -3.880  -1.815  -8.934  1.00 18.18 ? 40  LEU A CD2  1 
ATOM   405  H H    . LEU A 1 40 ? -2.424  -3.730  -5.508  1.00 0.00  ? 40  LEU A H    1 
ATOM   406  N N    . LYS A 1 41 ? -3.799  -6.670  -7.980  1.00 20.79 ? 41  LYS A N    1 
ATOM   407  C CA   . LYS A 1 41 ? -3.550  -8.094  -8.112  1.00 18.59 ? 41  LYS A CA   1 
ATOM   408  C C    . LYS A 1 41 ? -3.307  -8.280  -9.601  1.00 18.86 ? 41  LYS A C    1 
ATOM   409  O O    . LYS A 1 41 ? -4.182  -7.976  -10.414 1.00 18.69 ? 41  LYS A O    1 
ATOM   410  C CB   . LYS A 1 41 ? -4.747  -8.957  -7.698  1.00 24.27 ? 41  LYS A CB   1 
ATOM   411  C CG   . LYS A 1 41 ? -4.464  -10.463 -7.923  1.00 27.06 ? 41  LYS A CG   1 
ATOM   412  C CD   . LYS A 1 41 ? -5.615  -11.363 -7.579  1.00 21.38 ? 41  LYS A CD   1 
ATOM   413  C CE   . LYS A 1 41 ? -6.665  -11.352 -8.662  1.00 36.29 ? 41  LYS A CE   1 
ATOM   414  N NZ   . LYS A 1 41 ? -7.834  -12.199 -8.268  1.00 42.37 ? 41  LYS A NZ   1 
ATOM   415  H H    . LYS A 1 41 ? -4.539  -6.299  -8.492  1.00 0.00  ? 41  LYS A H    1 
ATOM   416  H HZ1  . LYS A 1 41 ? -8.171  -11.824 -7.356  1.00 0.00  ? 41  LYS A HZ1  1 
ATOM   417  H HZ2  . LYS A 1 41 ? -8.589  -12.131 -8.982  1.00 0.00  ? 41  LYS A HZ2  1 
ATOM   418  H HZ3  . LYS A 1 41 ? -7.537  -13.192 -8.149  1.00 0.00  ? 41  LYS A HZ3  1 
ATOM   419  N N    . ASN A 1 42 ? -2.096  -8.682  -9.967  1.00 17.25 ? 42  ASN A N    1 
ATOM   420  C CA   . ASN A 1 42 ? -1.767  -8.906  -11.368 1.00 17.73 ? 42  ASN A CA   1 
ATOM   421  C C    . ASN A 1 42 ? -2.088  -7.684  -12.217 1.00 16.60 ? 42  ASN A C    1 
ATOM   422  O O    . ASN A 1 42 ? -2.518  -7.817  -13.365 1.00 21.75 ? 42  ASN A O    1 
ATOM   423  C CB   . ASN A 1 42 ? -2.541  -10.115 -11.929 1.00 23.67 ? 42  ASN A CB   1 
ATOM   424  C CG   . ASN A 1 42 ? -2.049  -11.441 -11.386 1.00 23.32 ? 42  ASN A CG   1 
ATOM   425  O OD1  . ASN A 1 42 ? -0.919  -11.563 -10.928 1.00 26.03 ? 42  ASN A OD1  1 
ATOM   426  N ND2  . ASN A 1 42 ? -2.897  -12.453 -11.462 1.00 26.46 ? 42  ASN A ND2  1 
ATOM   427  H H    . ASN A 1 42 ? -1.400  -8.804  -9.298  1.00 0.00  ? 42  ASN A H    1 
ATOM   428  H HD21 . ASN A 1 42 ? -2.602  -13.340 -11.151 1.00 0.00  ? 42  ASN A HD21 1 
ATOM   429  H HD22 . ASN A 1 42 ? -3.773  -12.273 -11.843 1.00 0.00  ? 42  ASN A HD22 1 
ATOM   430  N N    . GLY A 1 43 ? -1.957  -6.500  -11.636 1.00 16.78 ? 43  GLY A N    1 
ATOM   431  C CA   . GLY A 1 43 ? -2.211  -5.288  -12.388 1.00 17.97 ? 43  GLY A CA   1 
ATOM   432  C C    . GLY A 1 43 ? -3.556  -4.601  -12.255 1.00 20.14 ? 43  GLY A C    1 
ATOM   433  O O    . GLY A 1 43 ? -3.648  -3.419  -12.553 1.00 28.08 ? 43  GLY A O    1 
ATOM   434  H H    . GLY A 1 43 ? -1.720  -6.485  -10.694 1.00 0.00  ? 43  GLY A H    1 
ATOM   435  N N    . GLU A 1 44 ? -4.602  -5.311  -11.861 1.00 20.84 ? 44  GLU A N    1 
ATOM   436  C CA   . GLU A 1 44 ? -5.911  -4.681  -11.710 1.00 26.10 ? 44  GLU A CA   1 
ATOM   437  C C    . GLU A 1 44 ? -6.134  -4.426  -10.220 1.00 28.83 ? 44  GLU A C    1 
ATOM   438  O O    . GLU A 1 44 ? -5.573  -5.158  -9.396  1.00 27.68 ? 44  GLU A O    1 
ATOM   439  C CB   . GLU A 1 44 ? -7.014  -5.588  -12.269 1.00 32.35 ? 44  GLU A CB   1 
ATOM   440  C CG   . GLU A 1 44 ? -6.939  -5.861  -13.776 1.00 37.17 ? 44  GLU A CG   1 
ATOM   441  C CD   . GLU A 1 44 ? -7.198  -4.627  -14.637 1.00 42.04 ? 44  GLU A CD   1 
ATOM   442  O OE1  . GLU A 1 44 ? -8.334  -4.105  -14.617 1.00 43.17 ? 44  GLU A OE1  1 
ATOM   443  O OE2  . GLU A 1 44 ? -6.270  -4.191  -15.354 1.00 46.00 ? 44  GLU A OE2  1 
ATOM   444  H H    . GLU A 1 44 ? -4.518  -6.266  -11.635 1.00 0.00  ? 44  GLU A H    1 
ATOM   445  N N    . LYS A 1 45 ? -6.952  -3.429  -9.863  1.00 27.20 ? 45  LYS A N    1 
ATOM   446  C CA   . LYS A 1 45 ? -7.177  -3.123  -8.446  1.00 29.44 ? 45  LYS A CA   1 
ATOM   447  C C    . LYS A 1 45 ? -8.199  -3.990  -7.716  1.00 32.23 ? 45  LYS A C    1 
ATOM   448  O O    . LYS A 1 45 ? -9.019  -4.644  -8.357  1.00 36.85 ? 45  LYS A O    1 
ATOM   449  C CB   . LYS A 1 45 ? -7.433  -1.632  -8.221  1.00 27.20 ? 45  LYS A CB   1 
ATOM   450  C CG   . LYS A 1 45 ? -8.782  -1.118  -8.614  1.00 33.09 ? 45  LYS A CG   1 
ATOM   451  C CD   . LYS A 1 45 ? -8.843  0.370   -8.326  1.00 43.07 ? 45  LYS A CD   1 
ATOM   452  C CE   . LYS A 1 45 ? -10.198 0.964   -8.654  1.00 54.18 ? 45  LYS A CE   1 
ATOM   453  N NZ   . LYS A 1 45 ? -10.152 2.454   -8.609  1.00 62.50 ? 45  LYS A NZ   1 
ATOM   454  H H    . LYS A 1 45 ? -7.445  -2.940  -10.544 1.00 0.00  ? 45  LYS A H    1 
ATOM   455  H HZ1  . LYS A 1 45 ? -9.447  2.801   -9.288  1.00 0.00  ? 45  LYS A HZ1  1 
ATOM   456  H HZ2  . LYS A 1 45 ? -11.085 2.830   -8.869  1.00 0.00  ? 45  LYS A HZ2  1 
ATOM   457  H HZ3  . LYS A 1 45 ? -9.915  2.793   -7.654  1.00 0.00  ? 45  LYS A HZ3  1 
ATOM   458  N N    . ILE A 1 46 ? -8.149  -3.979  -6.377  1.00 36.87 ? 46  ILE A N    1 
ATOM   459  C CA   . ILE A 1 46 ? -9.031  -4.797  -5.529  1.00 37.45 ? 46  ILE A CA   1 
ATOM   460  C C    . ILE A 1 46 ? -9.797  -4.102  -4.351  1.00 43.63 ? 46  ILE A C    1 
ATOM   461  O O    . ILE A 1 46 ? -10.487 -3.100  -4.560  1.00 45.65 ? 46  ILE A O    1 
ATOM   462  C CB   . ILE A 1 46 ? -8.254  -6.032  -5.012  1.00 31.86 ? 46  ILE A CB   1 
ATOM   463  C CG1  . ILE A 1 46 ? -7.011  -5.596  -4.231  1.00 29.01 ? 46  ILE A CG1  1 
ATOM   464  C CG2  . ILE A 1 46 ? -7.831  -6.912  -6.179  1.00 28.55 ? 46  ILE A CG2  1 
ATOM   465  C CD1  . ILE A 1 46 ? -6.242  -6.756  -3.607  1.00 19.91 ? 46  ILE A CD1  1 
ATOM   466  H H    . ILE A 1 46 ? -7.503  -3.373  -5.957  1.00 0.00  ? 46  ILE A H    1 
ATOM   467  N N    . LYS A 1 47 ? -9.718  -4.667  -3.139  1.00 44.59 ? 47  LYS A N    1 
ATOM   468  C CA   . LYS A 1 47 ? -10.403 -4.147  -1.944  1.00 45.02 ? 47  LYS A CA   1 
ATOM   469  C C    . LYS A 1 47 ? -9.882  -2.824  -1.372  1.00 48.90 ? 47  LYS A C    1 
ATOM   470  O O    . LYS A 1 47 ? -8.880  -2.795  -0.649  1.00 47.95 ? 47  LYS A O    1 
ATOM   471  C CB   . LYS A 1 47 ? -10.357 -5.182  -0.818  1.00 49.33 ? 47  LYS A CB   1 
ATOM   472  C CG   . LYS A 1 47 ? -11.448 -6.237  -0.812  1.00 52.28 ? 47  LYS A CG   1 
ATOM   473  C CD   . LYS A 1 47 ? -11.330 -7.116  0.435   1.00 47.32 ? 47  LYS A CD   1 
ATOM   474  C CE   . LYS A 1 47 ? -11.372 -6.290  1.723   1.00 43.83 ? 47  LYS A CE   1 
ATOM   475  N NZ   . LYS A 1 47 ? -11.143 -7.114  2.950   1.00 42.01 ? 47  LYS A NZ   1 
ATOM   476  H H    . LYS A 1 47 ? -9.187  -5.460  -2.976  1.00 0.00  ? 47  LYS A H    1 
ATOM   477  H HZ1  . LYS A 1 47 ? -11.870 -7.854  3.009   1.00 0.00  ? 47  LYS A HZ1  1 
ATOM   478  H HZ2  . LYS A 1 47 ? -10.199 -7.547  2.887   1.00 0.00  ? 47  LYS A HZ2  1 
ATOM   479  H HZ3  . LYS A 1 47 ? -11.195 -6.508  3.794   1.00 0.00  ? 47  LYS A HZ3  1 
ATOM   480  N N    . SER A 1 48 ? -10.647 -1.760  -1.569  1.00 50.69 ? 48  SER A N    1 
ATOM   481  C CA   . SER A 1 48 ? -10.253 -0.444  -1.088  1.00 49.92 ? 48  SER A CA   1 
ATOM   482  C C    . SER A 1 48 ? -10.484 -0.190  0.400   1.00 47.81 ? 48  SER A C    1 
ATOM   483  O O    . SER A 1 48 ? -10.886 0.915   0.778   1.00 53.81 ? 48  SER A O    1 
ATOM   484  C CB   . SER A 1 48 ? -10.959 0.649   -1.911  1.00 53.09 ? 48  SER A CB   1 
ATOM   485  O OG   . SER A 1 48 ? -10.654 0.543   -3.292  1.00 54.47 ? 48  SER A OG   1 
ATOM   486  H H    . SER A 1 48 ? -11.462 -1.828  -2.103  1.00 0.00  ? 48  SER A H    1 
ATOM   487  H HG   . SER A 1 48 ? -11.014 1.305   -3.747  1.00 0.00  ? 48  SER A HG   1 
ATOM   488  N N    . GLU A 1 49 ? -10.213 -1.172  1.255   1.00 40.87 ? 49  GLU A N    1 
ATOM   489  C CA   . GLU A 1 49 ? -10.418 -0.961  2.692   1.00 37.66 ? 49  GLU A CA   1 
ATOM   490  C C    . GLU A 1 49 ? -9.342  -0.001  3.223   1.00 32.00 ? 49  GLU A C    1 
ATOM   491  O O    . GLU A 1 49 ? -8.236  -0.414  3.579   1.00 26.58 ? 49  GLU A O    1 
ATOM   492  C CB   . GLU A 1 49 ? -10.377 -2.292  3.446   1.00 44.27 ? 49  GLU A CB   1 
ATOM   493  C CG   . GLU A 1 49 ? -11.265 -2.337  4.678   1.00 50.56 ? 49  GLU A CG   1 
ATOM   494  C CD   . GLU A 1 49 ? -12.743 -2.483  4.342   1.00 55.41 ? 49  GLU A CD   1 
ATOM   495  O OE1  . GLU A 1 49 ? -13.392 -1.469  4.001   1.00 57.15 ? 49  GLU A OE1  1 
ATOM   496  O OE2  . GLU A 1 49 ? -13.255 -3.620  4.425   1.00 58.51 ? 49  GLU A OE2  1 
ATOM   497  H H    . GLU A 1 49 ? -9.810  -2.013  0.952   1.00 0.00  ? 49  GLU A H    1 
ATOM   498  N N    . GLN A 1 50 ? -9.688  1.283   3.263   1.00 29.35 ? 50  GLN A N    1 
ATOM   499  C CA   . GLN A 1 50 ? -8.774  2.346   3.693   1.00 28.24 ? 50  GLN A CA   1 
ATOM   500  C C    . GLN A 1 50 ? -9.070  2.926   5.077   1.00 27.61 ? 50  GLN A C    1 
ATOM   501  O O    . GLN A 1 50 ? -10.226 3.046   5.474   1.00 28.78 ? 50  GLN A O    1 
ATOM   502  C CB   . GLN A 1 50 ? -8.809  3.467   2.653   1.00 25.25 ? 50  GLN A CB   1 
ATOM   503  C CG   . GLN A 1 50 ? -7.895  4.625   2.933   1.00 27.86 ? 50  GLN A CG   1 
ATOM   504  C CD   . GLN A 1 50 ? -7.772  5.555   1.736   1.00 38.07 ? 50  GLN A CD   1 
ATOM   505  O OE1  . GLN A 1 50 ? -6.755  5.558   1.040   1.00 37.99 ? 50  GLN A OE1  1 
ATOM   506  N NE2  . GLN A 1 50 ? -8.799  6.349   1.498   1.00 46.05 ? 50  GLN A NE2  1 
ATOM   507  H H    . GLN A 1 50 ? -10.595 1.536   2.967   1.00 0.00  ? 50  GLN A H    1 
ATOM   508  H HE21 . GLN A 1 50 ? -8.730  6.959   0.741   1.00 0.00  ? 50  GLN A HE21 1 
ATOM   509  H HE22 . GLN A 1 50 ? -9.607  6.335   2.073   1.00 0.00  ? 50  GLN A HE22 1 
ATOM   510  N N    . SER A 1 51 ? -8.017  3.280   5.805   1.00 25.82 ? 51  SER A N    1 
ATOM   511  C CA   . SER A 1 51 ? -8.169  3.873   7.127   1.00 28.14 ? 51  SER A CA   1 
ATOM   512  C C    . SER A 1 51 ? -8.480  5.361   6.978   1.00 29.91 ? 51  SER A C    1 
ATOM   513  O O    . SER A 1 51 ? -8.599  5.879   5.864   1.00 36.61 ? 51  SER A O    1 
ATOM   514  C CB   . SER A 1 51 ? -6.885  3.709   7.957   1.00 29.80 ? 51  SER A CB   1 
ATOM   515  O OG   . SER A 1 51 ? -5.779  4.392   7.379   1.00 30.06 ? 51  SER A OG   1 
ATOM   516  H H    . SER A 1 51 ? -7.124  3.162   5.431   1.00 0.00  ? 51  SER A H    1 
ATOM   517  H HG   . SER A 1 51 ? -5.106  4.479   8.078   1.00 0.00  ? 51  SER A HG   1 
ATOM   518  N N    . ASP A 1 52 ? -8.634  6.037   8.106   1.00 30.87 ? 52  ASP A N    1 
ATOM   519  C CA   . ASP A 1 52 ? -8.918  7.459   8.099   1.00 28.83 ? 52  ASP A CA   1 
ATOM   520  C C    . ASP A 1 52 ? -7.611  8.237   8.163   1.00 26.68 ? 52  ASP A C    1 
ATOM   521  O O    . ASP A 1 52 ? -6.658  7.833   8.838   1.00 24.84 ? 52  ASP A O    1 
ATOM   522  C CB   . ASP A 1 52 ? -9.836  7.825   9.273   1.00 35.53 ? 52  ASP A CB   1 
ATOM   523  C CG   . ASP A 1 52 ? -11.294 7.453   9.018   1.00 40.01 ? 52  ASP A CG   1 
ATOM   524  O OD1  . ASP A 1 52 ? -11.847 7.792   7.942   1.00 38.51 ? 52  ASP A OD1  1 
ATOM   525  O OD2  . ASP A 1 52 ? -11.894 6.820   9.912   1.00 44.89 ? 52  ASP A OD2  1 
ATOM   526  H H    . ASP A 1 52 ? -8.551  5.571   8.954   1.00 0.00  ? 52  ASP A H    1 
ATOM   527  N N    . LEU A 1 53 ? -7.567  9.340   7.428   1.00 26.89 ? 53  LEU A N    1 
ATOM   528  C CA   . LEU A 1 53 ? -6.382  10.189  7.371   1.00 24.57 ? 53  LEU A CA   1 
ATOM   529  C C    . LEU A 1 53 ? -5.986  10.666  8.760   1.00 24.58 ? 53  LEU A C    1 
ATOM   530  O O    . LEU A 1 53 ? -6.815  11.210  9.493   1.00 27.68 ? 53  LEU A O    1 
ATOM   531  C CB   . LEU A 1 53 ? -6.648  11.390  6.463   1.00 15.89 ? 53  LEU A CB   1 
ATOM   532  C CG   . LEU A 1 53 ? -5.457  12.287  6.141   1.00 16.97 ? 53  LEU A CG   1 
ATOM   533  C CD1  . LEU A 1 53 ? -4.406  11.529  5.320   1.00 13.08 ? 53  LEU A CD1  1 
ATOM   534  C CD2  . LEU A 1 53 ? -5.944  13.505  5.379   1.00 10.04 ? 53  LEU A CD2  1 
ATOM   535  H H    . LEU A 1 53 ? -8.351  9.611   6.918   1.00 0.00  ? 53  LEU A H    1 
ATOM   536  N N    . SER A 1 54 ? -4.729  10.422  9.119   1.00 23.60 ? 54  SER A N    1 
ATOM   537  C CA   . SER A 1 54 ? -4.190  10.828  10.407  1.00 29.16 ? 54  SER A CA   1 
ATOM   538  C C    . SER A 1 54 ? -2.907  11.630  10.224  1.00 24.05 ? 54  SER A C    1 
ATOM   539  O O    . SER A 1 54 ? -2.282  11.578  9.172   1.00 26.60 ? 54  SER A O    1 
ATOM   540  C CB   . SER A 1 54 ? -3.920  9.596   11.279  1.00 38.77 ? 54  SER A CB   1 
ATOM   541  O OG   . SER A 1 54 ? -5.132  8.942   11.642  1.00 53.40 ? 54  SER A OG   1 
ATOM   542  H H    . SER A 1 54 ? -4.132  9.924   8.515   1.00 0.00  ? 54  SER A H    1 
ATOM   543  H HG   . SER A 1 54 ? -4.953  8.093   12.052  1.00 0.00  ? 54  SER A HG   1 
ATOM   544  N N    . PHE A 1 55 ? -2.520  12.380  11.242  1.00 24.41 ? 55  PHE A N    1 
ATOM   545  C CA   . PHE A 1 55 ? -1.297  13.174  11.174  1.00 27.01 ? 55  PHE A CA   1 
ATOM   546  C C    . PHE A 1 55 ? -0.491  13.058  12.465  1.00 27.13 ? 55  PHE A C    1 
ATOM   547  O O    . PHE A 1 55 ? -1.047  12.924  13.556  1.00 28.56 ? 55  PHE A O    1 
ATOM   548  C CB   . PHE A 1 55 ? -1.602  14.658  10.900  1.00 22.31 ? 55  PHE A CB   1 
ATOM   549  C CG   . PHE A 1 55 ? -0.408  15.557  11.089  1.00 22.48 ? 55  PHE A CG   1 
ATOM   550  C CD1  . PHE A 1 55 ? 0.476   15.791  10.047  1.00 20.79 ? 55  PHE A CD1  1 
ATOM   551  C CD2  . PHE A 1 55 ? -0.122  16.099  12.332  1.00 17.38 ? 55  PHE A CD2  1 
ATOM   552  C CE1  . PHE A 1 55 ? 1.626   16.538  10.250  1.00 19.52 ? 55  PHE A CE1  1 
ATOM   553  C CE2  . PHE A 1 55 ? 1.024   16.843  12.535  1.00 18.96 ? 55  PHE A CE2  1 
ATOM   554  C CZ   . PHE A 1 55 ? 1.898   17.062  11.496  1.00 16.25 ? 55  PHE A CZ   1 
ATOM   555  H H    . PHE A 1 55 ? -3.039  12.405  12.076  1.00 0.00  ? 55  PHE A H    1 
ATOM   556  N N    . SER A 1 56 ? 0.823   13.143  12.333  1.00 29.82 ? 56  SER A N    1 
ATOM   557  C CA   . SER A 1 56 ? 1.709   13.067  13.476  1.00 29.44 ? 56  SER A CA   1 
ATOM   558  C C    . SER A 1 56 ? 2.990   13.845  13.231  1.00 32.99 ? 56  SER A C    1 
ATOM   559  O O    . SER A 1 56 ? 3.477   13.936  12.107  1.00 37.88 ? 56  SER A O    1 
ATOM   560  C CB   . SER A 1 56 ? 2.047   11.621  13.787  1.00 22.21 ? 56  SER A CB   1 
ATOM   561  O OG   . SER A 1 56 ? 3.056   11.576  14.770  1.00 30.27 ? 56  SER A OG   1 
ATOM   562  H H    . SER A 1 56 ? 1.228   13.252  11.444  1.00 0.00  ? 56  SER A H    1 
ATOM   563  H HG   . SER A 1 56 ? 2.620   12.023  15.522  1.00 0.00  ? 56  SER A HG   1 
ATOM   564  N N    . LYS A 1 57 ? 3.551   14.370  14.309  1.00 33.43 ? 57  LYS A N    1 
ATOM   565  C CA   . LYS A 1 57 ? 4.777   15.140  14.256  1.00 30.51 ? 57  LYS A CA   1 
ATOM   566  C C    . LYS A 1 57 ? 5.890   14.343  13.592  1.00 29.44 ? 57  LYS A C    1 
ATOM   567  O O    . LYS A 1 57 ? 6.610   14.871  12.750  1.00 29.37 ? 57  LYS A O    1 
ATOM   568  C CB   . LYS A 1 57 ? 5.191   15.513  15.679  1.00 35.10 ? 57  LYS A CB   1 
ATOM   569  C CG   . LYS A 1 57 ? 6.244   16.601  15.793  1.00 46.55 ? 57  LYS A CG   1 
ATOM   570  C CD   . LYS A 1 57 ? 6.457   16.961  17.264  1.00 53.49 ? 57  LYS A CD   1 
ATOM   571  C CE   . LYS A 1 57 ? 7.403   18.142  17.448  1.00 60.44 ? 57  LYS A CE   1 
ATOM   572  N NZ   . LYS A 1 57 ? 7.633   18.458  18.894  1.00 59.79 ? 57  LYS A NZ   1 
ATOM   573  H H    . LYS A 1 57 ? 3.087   14.248  15.172  1.00 0.00  ? 57  LYS A H    1 
ATOM   574  H HZ1  . LYS A 1 57 ? 6.708   18.635  19.336  1.00 0.00  ? 57  LYS A HZ1  1 
ATOM   575  H HZ2  . LYS A 1 57 ? 8.081   17.644  19.362  1.00 0.00  ? 57  LYS A HZ2  1 
ATOM   576  H HZ3  . LYS A 1 57 ? 8.237   19.295  19.006  1.00 0.00  ? 57  LYS A HZ3  1 
ATOM   577  N N    . ASP A 1 58 ? 5.963   13.052  13.908  1.00 31.42 ? 58  ASP A N    1 
ATOM   578  C CA   . ASP A 1 58 ? 7.018   12.180  13.387  1.00 32.51 ? 58  ASP A CA   1 
ATOM   579  C C    . ASP A 1 58 ? 6.885   11.521  11.999  1.00 32.56 ? 58  ASP A C    1 
ATOM   580  O O    . ASP A 1 58 ? 7.890   11.068  11.440  1.00 29.06 ? 58  ASP A O    1 
ATOM   581  C CB   . ASP A 1 58 ? 7.402   11.145  14.450  1.00 36.52 ? 58  ASP A CB   1 
ATOM   582  C CG   . ASP A 1 58 ? 7.890   11.792  15.758  1.00 40.41 ? 58  ASP A CG   1 
ATOM   583  O OD1  . ASP A 1 58 ? 8.849   12.605  15.734  1.00 36.83 ? 58  ASP A OD1  1 
ATOM   584  O OD2  . ASP A 1 58 ? 7.314   11.482  16.820  1.00 41.06 ? 58  ASP A OD2  1 
ATOM   585  H H    . ASP A 1 58 ? 5.279   12.667  14.505  1.00 0.00  ? 58  ASP A H    1 
ATOM   586  N N    . TRP A 1 59 ? 5.672   11.447  11.445  1.00 31.50 ? 59  TRP A N    1 
ATOM   587  C CA   . TRP A 1 59 ? 5.482   10.855  10.112  1.00 26.91 ? 59  TRP A CA   1 
ATOM   588  C C    . TRP A 1 59 ? 4.484   11.631  9.285   1.00 20.44 ? 59  TRP A C    1 
ATOM   589  O O    . TRP A 1 59 ? 3.867   11.053  8.403   1.00 24.82 ? 59  TRP A O    1 
ATOM   590  C CB   . TRP A 1 59 ? 4.992   9.400   10.178  1.00 27.05 ? 59  TRP A CB   1 
ATOM   591  C CG   . TRP A 1 59 ? 5.803   8.500   11.048  1.00 28.45 ? 59  TRP A CG   1 
ATOM   592  C CD1  . TRP A 1 59 ? 6.887   7.734   10.688  1.00 26.38 ? 59  TRP A CD1  1 
ATOM   593  C CD2  . TRP A 1 59 ? 5.620   8.308   12.443  1.00 25.04 ? 59  TRP A CD2  1 
ATOM   594  N NE1  . TRP A 1 59 ? 7.390   7.085   11.792  1.00 26.47 ? 59  TRP A NE1  1 
ATOM   595  C CE2  . TRP A 1 59 ? 6.624   7.421   12.884  1.00 26.03 ? 59  TRP A CE2  1 
ATOM   596  C CE3  . TRP A 1 59 ? 4.696   8.802   13.375  1.00 27.59 ? 59  TRP A CE3  1 
ATOM   597  C CZ2  . TRP A 1 59 ? 6.735   7.026   14.207  1.00 27.22 ? 59  TRP A CZ2  1 
ATOM   598  C CZ3  . TRP A 1 59 ? 4.804   8.412   14.691  1.00 30.88 ? 59  TRP A CZ3  1 
ATOM   599  C CH2  . TRP A 1 59 ? 5.813   7.534   15.096  1.00 35.84 ? 59  TRP A CH2  1 
ATOM   600  H H    . TRP A 1 59 ? 4.891   11.796  11.920  1.00 0.00  ? 59  TRP A H    1 
ATOM   601  H HE1  . TRP A 1 59 ? 8.170   6.496   11.804  1.00 0.00  ? 59  TRP A HE1  1 
ATOM   602  N N    . SER A 1 60 ? 4.360   12.932  9.538   1.00 18.01 ? 60  SER A N    1 
ATOM   603  C CA   . SER A 1 60 ? 3.418   13.797  8.824   1.00 20.99 ? 60  SER A CA   1 
ATOM   604  C C    . SER A 1 60 ? 2.067   13.100  8.683   1.00 21.77 ? 60  SER A C    1 
ATOM   605  O O    . SER A 1 60 ? 1.497   12.623  9.670   1.00 20.78 ? 60  SER A O    1 
ATOM   606  C CB   . SER A 1 60 ? 3.956   14.175  7.440   1.00 18.53 ? 60  SER A CB   1 
ATOM   607  O OG   . SER A 1 60 ? 5.259   14.707  7.528   1.00 36.48 ? 60  SER A OG   1 
ATOM   608  H H    . SER A 1 60 ? 4.928   13.340  10.220  1.00 0.00  ? 60  SER A H    1 
ATOM   609  H HG   . SER A 1 60 ? 5.540   14.929  6.635   1.00 0.00  ? 60  SER A HG   1 
ATOM   610  N N    . PHE A 1 61 ? 1.554   13.063  7.461   1.00 17.95 ? 61  PHE A N    1 
ATOM   611  C CA   . PHE A 1 61 ? 0.307   12.397  7.199   1.00 21.00 ? 61  PHE A CA   1 
ATOM   612  C C    . PHE A 1 61 ? 0.612   10.939  6.855   1.00 23.18 ? 61  PHE A C    1 
ATOM   613  O O    . PHE A 1 61 ? 1.668   10.631  6.285   1.00 23.50 ? 61  PHE A O    1 
ATOM   614  C CB   . PHE A 1 61 ? -0.407  13.086  6.040   1.00 21.87 ? 61  PHE A CB   1 
ATOM   615  C CG   . PHE A 1 61 ? -1.019  14.405  6.405   1.00 24.29 ? 61  PHE A CG   1 
ATOM   616  C CD1  . PHE A 1 61 ? -2.263  14.462  7.033   1.00 24.88 ? 61  PHE A CD1  1 
ATOM   617  C CD2  . PHE A 1 61 ? -0.365  15.593  6.105   1.00 25.38 ? 61  PHE A CD2  1 
ATOM   618  C CE1  . PHE A 1 61 ? -2.839  15.679  7.358   1.00 23.08 ? 61  PHE A CE1  1 
ATOM   619  C CE2  . PHE A 1 61 ? -0.929  16.816  6.425   1.00 22.26 ? 61  PHE A CE2  1 
ATOM   620  C CZ   . PHE A 1 61 ? -2.171  16.862  7.051   1.00 24.73 ? 61  PHE A CZ   1 
ATOM   621  H H    . PHE A 1 61 ? 1.960   13.438  6.659   1.00 0.00  ? 61  PHE A H    1 
ATOM   622  N N    . TYR A 1 62 ? -0.295  10.044  7.234   1.00 20.47 ? 62  TYR A N    1 
ATOM   623  C CA   . TYR A 1 62 ? -0.135  8.630   6.942   1.00 16.68 ? 62  TYR A CA   1 
ATOM   624  C C    . TYR A 1 62 ? -1.476  7.938   6.756   1.00 18.43 ? 62  TYR A C    1 
ATOM   625  O O    . TYR A 1 62 ? -2.491  8.381   7.299   1.00 18.75 ? 62  TYR A O    1 
ATOM   626  C CB   . TYR A 1 62 ? 0.671   7.938   8.033   1.00 14.92 ? 62  TYR A CB   1 
ATOM   627  C CG   . TYR A 1 62 ? 0.105   8.049   9.431   1.00 15.49 ? 62  TYR A CG   1 
ATOM   628  C CD1  . TYR A 1 62 ? -0.822  7.128   9.901   1.00 12.77 ? 62  TYR A CD1  1 
ATOM   629  C CD2  . TYR A 1 62 ? 0.539   9.041   10.302  1.00 15.16 ? 62  TYR A CD2  1 
ATOM   630  C CE1  . TYR A 1 62 ? -1.293  7.190   11.199  1.00 13.55 ? 62  TYR A CE1  1 
ATOM   631  C CE2  . TYR A 1 62 ? 0.074   9.105   11.604  1.00 9.95  ? 62  TYR A CE2  1 
ATOM   632  C CZ   . TYR A 1 62 ? -0.841  8.179   12.049  1.00 14.28 ? 62  TYR A CZ   1 
ATOM   633  O OH   . TYR A 1 62 ? -1.293  8.223   13.354  1.00 19.59 ? 62  TYR A OH   1 
ATOM   634  H H    . TYR A 1 62 ? -1.097  10.320  7.716   1.00 0.00  ? 62  TYR A H    1 
ATOM   635  H HH   . TYR A 1 62 ? -0.835  8.910   13.844  1.00 0.00  ? 62  TYR A HH   1 
ATOM   636  N N    . LEU A 1 63 ? -1.469  6.847   5.994   1.00 18.56 ? 63  LEU A N    1 
ATOM   637  C CA   . LEU A 1 63 ? -2.674  6.064   5.720   1.00 16.42 ? 63  LEU A CA   1 
ATOM   638  C C    . LEU A 1 63 ? -2.338  4.587   5.693   1.00 14.98 ? 63  LEU A C    1 
ATOM   639  O O    . LEU A 1 63 ? -1.164  4.210   5.637   1.00 13.31 ? 63  LEU A O    1 
ATOM   640  C CB   . LEU A 1 63 ? -3.298  6.447   4.372   1.00 16.72 ? 63  LEU A CB   1 
ATOM   641  C CG   . LEU A 1 63 ? -4.351  7.559   4.352   1.00 16.13 ? 63  LEU A CG   1 
ATOM   642  C CD1  . LEU A 1 63 ? -5.053  7.566   3.004   1.00 19.21 ? 63  LEU A CD1  1 
ATOM   643  C CD2  . LEU A 1 63 ? -5.366  7.318   5.431   1.00 16.99 ? 63  LEU A CD2  1 
ATOM   644  H H    . LEU A 1 63 ? -0.623  6.511   5.633   1.00 0.00  ? 63  LEU A H    1 
ATOM   645  N N    . LEU A 1 64 ? -3.374  3.760   5.776   1.00 15.52 ? 64  LEU A N    1 
ATOM   646  C CA   . LEU A 1 64 ? -3.216  2.318   5.724   1.00 17.39 ? 64  LEU A CA   1 
ATOM   647  C C    . LEU A 1 64 ? -4.394  1.743   4.954   1.00 19.97 ? 64  LEU A C    1 
ATOM   648  O O    . LEU A 1 64 ? -5.549  1.955   5.310   1.00 19.00 ? 64  LEU A O    1 
ATOM   649  C CB   . LEU A 1 64 ? -3.122  1.711   7.129   1.00 18.07 ? 64  LEU A CB   1 
ATOM   650  C CG   . LEU A 1 64 ? -2.796  0.211   7.261   1.00 20.73 ? 64  LEU A CG   1 
ATOM   651  C CD1  . LEU A 1 64 ? -1.933  -0.304  6.112   1.00 22.99 ? 64  LEU A CD1  1 
ATOM   652  C CD2  . LEU A 1 64 ? -2.094  -0.033  8.588   1.00 20.15 ? 64  LEU A CD2  1 
ATOM   653  H H    . LEU A 1 64 ? -4.280  4.129   5.895   1.00 0.00  ? 64  LEU A H    1 
ATOM   654  N N    . SER A 1 65 ? -4.073  1.098   3.838   1.00 26.23 ? 65  SER A N    1 
ATOM   655  C CA   . SER A 1 65 ? -5.032  0.463   2.940   1.00 23.10 ? 65  SER A CA   1 
ATOM   656  C C    . SER A 1 65 ? -4.760  -1.033  3.116   1.00 23.96 ? 65  SER A C    1 
ATOM   657  O O    . SER A 1 65 ? -3.602  -1.443  3.266   1.00 26.02 ? 65  SER A O    1 
ATOM   658  C CB   . SER A 1 65 ? -4.722  0.903   1.500   1.00 19.73 ? 65  SER A CB   1 
ATOM   659  O OG   . SER A 1 65 ? -5.785  0.645   0.600   1.00 25.39 ? 65  SER A OG   1 
ATOM   660  H H    . SER A 1 65 ? -3.129  1.013   3.593   1.00 0.00  ? 65  SER A H    1 
ATOM   661  H HG   . SER A 1 65 ? -5.597  1.071   -0.253  1.00 0.00  ? 65  SER A HG   1 
ATOM   662  N N    . HIS A 1 66 ? -5.803  -1.852  3.143   1.00 21.71 ? 66  HIS A N    1 
ATOM   663  C CA   . HIS A 1 66 ? -5.607  -3.287  3.323   1.00 22.34 ? 66  HIS A CA   1 
ATOM   664  C C    . HIS A 1 66 ? -6.725  -4.088  2.704   1.00 19.92 ? 66  HIS A C    1 
ATOM   665  O O    . HIS A 1 66 ? -7.844  -3.605  2.581   1.00 24.01 ? 66  HIS A O    1 
ATOM   666  C CB   . HIS A 1 66 ? -5.475  -3.647  4.810   1.00 28.97 ? 66  HIS A CB   1 
ATOM   667  C CG   . HIS A 1 66 ? -6.710  -3.384  5.609   1.00 27.92 ? 66  HIS A CG   1 
ATOM   668  N ND1  . HIS A 1 66 ? -6.984  -2.154  6.168   1.00 31.03 ? 66  HIS A ND1  1 
ATOM   669  C CD2  . HIS A 1 66 ? -7.768  -4.175  5.898   1.00 29.92 ? 66  HIS A CD2  1 
ATOM   670  C CE1  . HIS A 1 66 ? -8.163  -2.198  6.761   1.00 34.30 ? 66  HIS A CE1  1 
ATOM   671  N NE2  . HIS A 1 66 ? -8.659  -3.412  6.610   1.00 32.27 ? 66  HIS A NE2  1 
ATOM   672  H H    . HIS A 1 66 ? -6.710  -1.519  2.979   1.00 0.00  ? 66  HIS A H    1 
ATOM   673  H HD1  . HIS A 1 66 ? -6.422  -1.348  6.117   1.00 0.00  ? 66  HIS A HD1  1 
ATOM   674  H HE2  . HIS A 1 66 ? -9.529  -3.718  6.949   1.00 0.00  ? 66  HIS A HE2  1 
ATOM   675  N N    . ALA A 1 67 ? -6.429  -5.330  2.362   1.00 14.75 ? 67  ALA A N    1 
ATOM   676  C CA   . ALA A 1 67 ? -7.408  -6.200  1.752   1.00 10.45 ? 67  ALA A CA   1 
ATOM   677  C C    . ALA A 1 67 ? -7.104  -7.616  2.166   1.00 14.49 ? 67  ALA A C    1 
ATOM   678  O O    . ALA A 1 67 ? -5.966  -7.928  2.524   1.00 12.76 ? 67  ALA A O    1 
ATOM   679  C CB   . ALA A 1 67 ? -7.321  -6.086  0.261   1.00 10.72 ? 67  ALA A CB   1 
ATOM   680  H H    . ALA A 1 67 ? -5.519  -5.686  2.482   1.00 0.00  ? 67  ALA A H    1 
ATOM   681  N N    . GLU A 1 68 ? -8.139  -8.448  2.212   1.00 18.09 ? 68  GLU A N    1 
ATOM   682  C CA   . GLU A 1 68 ? -7.952  -9.844  2.551   1.00 22.28 ? 68  GLU A CA   1 
ATOM   683  C C    . GLU A 1 68 ? -7.568  -10.479 1.224   1.00 22.70 ? 68  GLU A C    1 
ATOM   684  O O    . GLU A 1 68 ? -8.067  -10.076 0.175   1.00 27.59 ? 68  GLU A O    1 
ATOM   685  C CB   . GLU A 1 68 ? -9.232  -10.462 3.142   1.00 28.80 ? 68  GLU A CB   1 
ATOM   686  C CG   . GLU A 1 68 ? -10.504 -10.275 2.323   1.00 40.82 ? 68  GLU A CG   1 
ATOM   687  C CD   . GLU A 1 68 ? -11.732 -10.911 2.979   1.00 43.95 ? 68  GLU A CD   1 
ATOM   688  O OE1  . GLU A 1 68 ? -12.197 -10.364 4.001   1.00 42.99 ? 68  GLU A OE1  1 
ATOM   689  O OE2  . GLU A 1 68 ? -12.233 -11.948 2.473   1.00 38.15 ? 68  GLU A OE2  1 
ATOM   690  H H    . GLU A 1 68 ? -9.039  -8.141  1.967   1.00 0.00  ? 68  GLU A H    1 
ATOM   691  N N    . PHE A 1 69 ? -6.596  -11.380 1.250   1.00 26.02 ? 69  PHE A N    1 
ATOM   692  C CA   . PHE A 1 69 ? -6.149  -12.023 0.027   1.00 23.96 ? 69  PHE A CA   1 
ATOM   693  C C    . PHE A 1 69 ? -5.578  -13.392 0.331   1.00 27.97 ? 69  PHE A C    1 
ATOM   694  O O    . PHE A 1 69 ? -5.120  -13.645 1.445   1.00 34.31 ? 69  PHE A O    1 
ATOM   695  C CB   . PHE A 1 69 ? -5.082  -11.177 -0.653  1.00 23.86 ? 69  PHE A CB   1 
ATOM   696  C CG   . PHE A 1 69 ? -3.705  -11.334 -0.061  1.00 27.75 ? 69  PHE A CG   1 
ATOM   697  C CD1  . PHE A 1 69 ? -3.465  -11.069 1.280   1.00 25.20 ? 69  PHE A CD1  1 
ATOM   698  C CD2  . PHE A 1 69 ? -2.633  -11.710 -0.865  1.00 27.36 ? 69  PHE A CD2  1 
ATOM   699  C CE1  . PHE A 1 69 ? -2.170  -11.170 1.808   1.00 30.16 ? 69  PHE A CE1  1 
ATOM   700  C CE2  . PHE A 1 69 ? -1.341  -11.811 -0.345  1.00 28.84 ? 69  PHE A CE2  1 
ATOM   701  C CZ   . PHE A 1 69 ? -1.106  -11.541 0.995   1.00 17.58 ? 69  PHE A CZ   1 
ATOM   702  H H    . PHE A 1 69 ? -6.174  -11.638 2.100   1.00 0.00  ? 69  PHE A H    1 
ATOM   703  N N    . THR A 1 70 ? -5.605  -14.275 -0.657  1.00 29.39 ? 70  THR A N    1 
ATOM   704  C CA   . THR A 1 70 ? -5.069  -15.601 -0.480  1.00 30.14 ? 70  THR A CA   1 
ATOM   705  C C    . THR A 1 70 ? -3.868  -15.799 -1.391  1.00 32.27 ? 70  THR A C    1 
ATOM   706  O O    . THR A 1 70 ? -3.959  -15.654 -2.612  1.00 29.30 ? 70  THR A O    1 
ATOM   707  C CB   . THR A 1 70 ? -6.125  -16.674 -0.734  1.00 32.96 ? 70  THR A CB   1 
ATOM   708  O OG1  . THR A 1 70 ? -7.255  -16.435 0.121   1.00 37.75 ? 70  THR A OG1  1 
ATOM   709  C CG2  . THR A 1 70 ? -5.547  -18.055 -0.436  1.00 27.21 ? 70  THR A CG2  1 
ATOM   710  H H    . THR A 1 70 ? -5.979  -14.029 -1.528  1.00 0.00  ? 70  THR A H    1 
ATOM   711  H HG1  . THR A 1 70 ? -7.856  -17.183 0.066   1.00 0.00  ? 70  THR A HG1  1 
ATOM   712  N N    . PRO A 1 71 ? -2.697  -16.030 -0.788  1.00 33.91 ? 71  PRO A N    1 
ATOM   713  C CA   . PRO A 1 71 ? -1.438  -16.244 -1.501  1.00 36.81 ? 71  PRO A CA   1 
ATOM   714  C C    . PRO A 1 71 ? -1.446  -17.491 -2.384  1.00 39.51 ? 71  PRO A C    1 
ATOM   715  O O    . PRO A 1 71 ? -2.003  -18.527 -2.018  1.00 37.87 ? 71  PRO A O    1 
ATOM   716  C CB   . PRO A 1 71 ? -0.419  -16.380 -0.367  1.00 37.96 ? 71  PRO A CB   1 
ATOM   717  C CG   . PRO A 1 71 ? -1.009  -15.522 0.717   1.00 41.27 ? 71  PRO A CG   1 
ATOM   718  C CD   . PRO A 1 71 ? -2.466  -15.903 0.662   1.00 33.13 ? 71  PRO A CD   1 
ATOM   719  N N    . ASN A 1 72 ? -0.802  -17.360 -3.539  1.00 44.28 ? 72  ASN A N    1 
ATOM   720  C CA   . ASN A 1 72 ? -0.647  -18.407 -4.548  1.00 44.11 ? 72  ASN A CA   1 
ATOM   721  C C    . ASN A 1 72 ? 0.733   -18.127 -5.128  1.00 46.20 ? 72  ASN A C    1 
ATOM   722  O O    . ASN A 1 72 ? 1.204   -16.994 -5.078  1.00 48.91 ? 72  ASN A O    1 
ATOM   723  C CB   . ASN A 1 72 ? -1.664  -18.232 -5.689  1.00 47.28 ? 72  ASN A CB   1 
ATOM   724  C CG   . ASN A 1 72 ? -3.069  -18.711 -5.333  1.00 56.38 ? 72  ASN A CG   1 
ATOM   725  O OD1  . ASN A 1 72 ? -3.942  -18.627 -6.222  1.00 62.72 ? 72  ASN A OD1  1 
ATOM   726  N ND2  . ASN A 1 72 ? -3.316  -19.176 -4.197  1.00 61.68 ? 72  ASN A ND2  1 
ATOM   727  H H    . ASN A 1 72 ? -0.366  -16.501 -3.727  1.00 0.00  ? 72  ASN A H    1 
ATOM   728  H HD21 . ASN A 1 72 ? -4.233  -19.470 -4.018  1.00 0.00  ? 72  ASN A HD21 1 
ATOM   729  H HD22 . ASN A 1 72 ? -2.605  -19.236 -3.525  1.00 0.00  ? 72  ASN A HD22 1 
ATOM   730  N N    . SER A 1 73 ? 1.362   -19.134 -5.719  1.00 48.64 ? 73  SER A N    1 
ATOM   731  C CA   . SER A 1 73 ? 2.682   -18.951 -6.325  1.00 50.82 ? 73  SER A CA   1 
ATOM   732  C C    . SER A 1 73 ? 2.590   -18.277 -7.706  1.00 49.82 ? 73  SER A C    1 
ATOM   733  O O    . SER A 1 73 ? 3.611   -18.062 -8.363  1.00 45.05 ? 73  SER A O    1 
ATOM   734  C CB   . SER A 1 73 ? 3.386   -20.306 -6.479  1.00 54.03 ? 73  SER A CB   1 
ATOM   735  O OG   . SER A 1 73 ? 2.656   -21.171 -7.341  1.00 52.68 ? 73  SER A OG   1 
ATOM   736  H H    . SER A 1 73 ? 0.961   -20.028 -5.788  1.00 0.00  ? 73  SER A H    1 
ATOM   737  H HG   . SER A 1 73 ? 3.248   -21.864 -7.662  1.00 0.00  ? 73  SER A HG   1 
ATOM   738  N N    . LYS A 1 74 ? 1.366   -17.963 -8.136  1.00 49.02 ? 74  LYS A N    1 
ATOM   739  C CA   . LYS A 1 74 ? 1.131   -17.348 -9.439  1.00 48.12 ? 74  LYS A CA   1 
ATOM   740  C C    . LYS A 1 74 ? 0.588   -15.926 -9.429  1.00 44.86 ? 74  LYS A C    1 
ATOM   741  O O    . LYS A 1 74 ? 0.723   -15.206 -10.415 1.00 48.76 ? 74  LYS A O    1 
ATOM   742  C CB   . LYS A 1 74 ? 0.192   -18.222 -10.269 1.00 49.61 ? 74  LYS A CB   1 
ATOM   743  C CG   . LYS A 1 74 ? 0.789   -19.553 -10.700 1.00 57.90 ? 74  LYS A CG   1 
ATOM   744  C CD   . LYS A 1 74 ? 1.989   -19.364 -11.617 1.00 56.82 ? 74  LYS A CD   1 
ATOM   745  C CE   . LYS A 1 74 ? 2.447   -20.707 -12.148 1.00 62.22 ? 74  LYS A CE   1 
ATOM   746  N NZ   . LYS A 1 74 ? 3.700   -20.599 -12.927 1.00 68.62 ? 74  LYS A NZ   1 
ATOM   747  H H    . LYS A 1 74 ? 0.605   -18.156 -7.567  1.00 0.00  ? 74  LYS A H    1 
ATOM   748  H HZ1  . LYS A 1 74 ? 4.431   -20.201 -12.302 1.00 0.00  ? 74  LYS A HZ1  1 
ATOM   749  H HZ2  . LYS A 1 74 ? 3.991   -21.541 -13.262 1.00 0.00  ? 74  LYS A HZ2  1 
ATOM   750  H HZ3  . LYS A 1 74 ? 3.562   -19.969 -13.743 1.00 0.00  ? 74  LYS A HZ3  1 
ATOM   751  N N    . ASP A 1 75 ? -0.095  -15.539 -8.361  1.00 40.57 ? 75  ASP A N    1 
ATOM   752  C CA   . ASP A 1 75 ? -0.643  -14.192 -8.300  1.00 37.28 ? 75  ASP A CA   1 
ATOM   753  C C    . ASP A 1 75 ? 0.350   -13.276 -7.619  1.00 34.15 ? 75  ASP A C    1 
ATOM   754  O O    . ASP A 1 75 ? 0.902   -13.630 -6.577  1.00 35.46 ? 75  ASP A O    1 
ATOM   755  C CB   . ASP A 1 75 ? -1.967  -14.166 -7.518  1.00 41.60 ? 75  ASP A CB   1 
ATOM   756  C CG   . ASP A 1 75 ? -3.100  -14.879 -8.237  1.00 44.95 ? 75  ASP A CG   1 
ATOM   757  O OD1  . ASP A 1 75 ? -2.952  -15.195 -9.437  1.00 48.98 ? 75  ASP A OD1  1 
ATOM   758  O OD2  . ASP A 1 75 ? -4.150  -15.121 -7.596  1.00 45.33 ? 75  ASP A OD2  1 
ATOM   759  H H    . ASP A 1 75 ? -0.192  -16.122 -7.585  1.00 0.00  ? 75  ASP A H    1 
ATOM   760  N N    . GLN A 1 76 ? 0.589   -12.115 -8.219  1.00 31.66 ? 76  GLN A N    1 
ATOM   761  C CA   . GLN A 1 76 ? 1.488   -11.127 -7.637  1.00 30.23 ? 76  GLN A CA   1 
ATOM   762  C C    . GLN A 1 76 ? 0.736   -9.829  -7.354  1.00 24.57 ? 76  GLN A C    1 
ATOM   763  O O    . GLN A 1 76 ? -0.173  -9.455  -8.102  1.00 22.52 ? 76  GLN A O    1 
ATOM   764  C CB   . GLN A 1 76 ? 2.711   -10.908 -8.516  1.00 28.73 ? 76  GLN A CB   1 
ATOM   765  C CG   . GLN A 1 76 ? 3.691   -12.057 -8.405  1.00 37.42 ? 76  GLN A CG   1 
ATOM   766  C CD   . GLN A 1 76 ? 5.048   -11.754 -9.011  1.00 46.25 ? 76  GLN A CD   1 
ATOM   767  O OE1  . GLN A 1 76 ? 6.066   -12.154 -8.397  1.00 49.50 ? 76  GLN A OE1  1 
ATOM   768  N NE2  . GLN A 1 76 ? 5.102   -11.129 -10.097 1.00 48.29 ? 76  GLN A NE2  1 
ATOM   769  H H    . GLN A 1 76 ? 0.140   -11.904 -9.071  1.00 0.00  ? 76  GLN A H    1 
ATOM   770  H HE21 . GLN A 1 76 ? 5.989   -10.946 -10.469 1.00 0.00  ? 76  GLN A HE21 1 
ATOM   771  H HE22 . GLN A 1 76 ? 4.276   -10.844 -10.541 1.00 0.00  ? 76  GLN A HE22 1 
ATOM   772  N N    . TYR A 1 77 ? 1.086   -9.177  -6.247  1.00 18.55 ? 77  TYR A N    1 
ATOM   773  C CA   . TYR A 1 77 ? 0.427   -7.943  -5.822  1.00 19.91 ? 77  TYR A CA   1 
ATOM   774  C C    . TYR A 1 77 ? 1.395   -6.772  -5.696  1.00 19.51 ? 77  TYR A C    1 
ATOM   775  O O    . TYR A 1 77 ? 2.613   -6.954  -5.659  1.00 19.62 ? 77  TYR A O    1 
ATOM   776  C CB   . TYR A 1 77 ? -0.282  -8.137  -4.470  1.00 20.75 ? 77  TYR A CB   1 
ATOM   777  C CG   . TYR A 1 77 ? -1.218  -9.318  -4.408  1.00 24.87 ? 77  TYR A CG   1 
ATOM   778  C CD1  . TYR A 1 77 ? -0.728  -10.609 -4.191  1.00 29.67 ? 77  TYR A CD1  1 
ATOM   779  C CD2  . TYR A 1 77 ? -2.591  -9.160  -4.593  1.00 27.25 ? 77  TYR A CD2  1 
ATOM   780  C CE1  . TYR A 1 77 ? -1.579  -11.704 -4.167  1.00 27.24 ? 77  TYR A CE1  1 
ATOM   781  C CE2  . TYR A 1 77 ? -3.451  -10.256 -4.567  1.00 25.77 ? 77  TYR A CE2  1 
ATOM   782  C CZ   . TYR A 1 77 ? -2.934  -11.520 -4.357  1.00 26.07 ? 77  TYR A CZ   1 
ATOM   783  O OH   . TYR A 1 77 ? -3.766  -12.607 -4.345  1.00 32.50 ? 77  TYR A OH   1 
ATOM   784  H H    . TYR A 1 77 ? 1.831   -9.527  -5.722  1.00 0.00  ? 77  TYR A H    1 
ATOM   785  H HH   . TYR A 1 77 ? -3.256  -13.420 -4.242  1.00 0.00  ? 77  TYR A HH   1 
ATOM   786  N N    . SER A 1 78 ? 0.830   -5.575  -5.572  1.00 17.97 ? 78  SER A N    1 
ATOM   787  C CA   . SER A 1 78 ? 1.603   -4.353  -5.453  1.00 16.61 ? 78  SER A CA   1 
ATOM   788  C C    . SER A 1 78 ? 0.694   -3.205  -5.036  1.00 18.62 ? 78  SER A C    1 
ATOM   789  O O    . SER A 1 78 ? -0.536  -3.311  -5.110  1.00 17.37 ? 78  SER A O    1 
ATOM   790  C CB   . SER A 1 78 ? 2.292   -4.029  -6.780  1.00 15.06 ? 78  SER A CB   1 
ATOM   791  O OG   . SER A 1 78 ? 1.356   -3.707  -7.795  1.00 23.32 ? 78  SER A OG   1 
ATOM   792  H H    . SER A 1 78 ? -0.145  -5.479  -5.578  1.00 0.00  ? 78  SER A H    1 
ATOM   793  H HG   . SER A 1 78 ? 1.820   -3.484  -8.605  1.00 0.00  ? 78  SER A HG   1 
ATOM   794  N N    . CYS A 1 79 ? 1.304   -2.129  -4.544  1.00 18.76 ? 79  CYS A N    1 
ATOM   795  C CA   . CYS A 1 79 ? 0.555   -0.959  -4.114  1.00 14.53 ? 79  CYS A CA   1 
ATOM   796  C C    . CYS A 1 79 ? 0.834   0.184   -5.073  1.00 13.67 ? 79  CYS A C    1 
ATOM   797  O O    . CYS A 1 79 ? 1.985   0.441   -5.426  1.00 11.69 ? 79  CYS A O    1 
ATOM   798  C CB   . CYS A 1 79 ? 0.964   -0.555  -2.695  1.00 20.12 ? 79  CYS A CB   1 
ATOM   799  S SG   . CYS A 1 79 ? 0.014   0.839   -1.997  1.00 27.87 ? 79  CYS A SG   1 
ATOM   800  H H    . CYS A 1 79 ? 2.274   -2.095  -4.476  1.00 0.00  ? 79  CYS A H    1 
ATOM   801  N N    . ARG A 1 80 ? -0.225  0.845   -5.517  1.00 14.71 ? 80  ARG A N    1 
ATOM   802  C CA   . ARG A 1 80 ? -0.089  1.968   -6.420  1.00 18.54 ? 80  ARG A CA   1 
ATOM   803  C C    . ARG A 1 80 ? -0.523  3.242   -5.694  1.00 21.68 ? 80  ARG A C    1 
ATOM   804  O O    . ARG A 1 80 ? -1.652  3.329   -5.179  1.00 18.98 ? 80  ARG A O    1 
ATOM   805  C CB   . ARG A 1 80 ? -0.932  1.762   -7.686  1.00 24.15 ? 80  ARG A CB   1 
ATOM   806  C CG   . ARG A 1 80 ? -0.574  2.726   -8.802  1.00 22.57 ? 80  ARG A CG   1 
ATOM   807  C CD   . ARG A 1 80 ? -1.282  2.392   -10.078 1.00 30.43 ? 80  ARG A CD   1 
ATOM   808  N NE   . ARG A 1 80 ? -2.695  2.755   -10.065 1.00 37.22 ? 80  ARG A NE   1 
ATOM   809  C CZ   . ARG A 1 80 ? -3.688  1.928   -10.385 1.00 39.46 ? 80  ARG A CZ   1 
ATOM   810  N NH1  . ARG A 1 80 ? -3.430  0.669   -10.727 1.00 40.43 ? 80  ARG A NH1  1 
ATOM   811  N NH2  . ARG A 1 80 ? -4.933  2.380   -10.448 1.00 41.30 ? 80  ARG A NH2  1 
ATOM   812  H H    . ARG A 1 80 ? -1.114  0.569   -5.221  1.00 0.00  ? 80  ARG A H    1 
ATOM   813  H HE   . ARG A 1 80 ? -2.917  3.666   -9.796  1.00 0.00  ? 80  ARG A HE   1 
ATOM   814  H HH11 . ARG A 1 80 ? -2.488  0.342   -10.741 1.00 0.00  ? 80  ARG A HH11 1 
ATOM   815  H HH12 . ARG A 1 80 ? -4.180  0.047   -10.959 1.00 0.00  ? 80  ARG A HH12 1 
ATOM   816  H HH21 . ARG A 1 80 ? -5.129  3.342   -10.257 1.00 0.00  ? 80  ARG A HH21 1 
ATOM   817  H HH22 . ARG A 1 80 ? -5.677  1.759   -10.681 1.00 0.00  ? 80  ARG A HH22 1 
ATOM   818  N N    . VAL A 1 81 ? 0.375   4.224   -5.659  1.00 15.29 ? 81  VAL A N    1 
ATOM   819  C CA   . VAL A 1 81 ? 0.118   5.494   -4.995  1.00 14.14 ? 81  VAL A CA   1 
ATOM   820  C C    . VAL A 1 81 ? 0.215   6.655   -6.001  1.00 15.58 ? 81  VAL A C    1 
ATOM   821  O O    . VAL A 1 81 ? 1.146   6.711   -6.808  1.00 18.29 ? 81  VAL A O    1 
ATOM   822  C CB   . VAL A 1 81 ? 1.149   5.710   -3.830  1.00 14.17 ? 81  VAL A CB   1 
ATOM   823  C CG1  . VAL A 1 81 ? 0.932   7.055   -3.144  1.00 14.19 ? 81  VAL A CG1  1 
ATOM   824  C CG2  . VAL A 1 81 ? 1.054   4.581   -2.807  1.00 10.58 ? 81  VAL A CG2  1 
ATOM   825  H H    . VAL A 1 81 ? 1.240   4.090   -6.102  1.00 0.00  ? 81  VAL A H    1 
ATOM   826  N N    . LYS A 1 82 ? -0.741  7.580   -5.947  1.00 18.93 ? 82  LYS A N    1 
ATOM   827  C CA   . LYS A 1 82 ? -0.752  8.748   -6.833  1.00 23.49 ? 82  LYS A CA   1 
ATOM   828  C C    . LYS A 1 82 ? -0.749  10.047  -6.004  1.00 21.84 ? 82  LYS A C    1 
ATOM   829  O O    . LYS A 1 82 ? -1.736  10.362  -5.327  1.00 16.04 ? 82  LYS A O    1 
ATOM   830  C CB   . LYS A 1 82 ? -1.986  8.712   -7.741  1.00 30.97 ? 82  LYS A CB   1 
ATOM   831  C CG   . LYS A 1 82 ? -2.182  7.392   -8.481  1.00 39.84 ? 82  LYS A CG   1 
ATOM   832  C CD   . LYS A 1 82 ? -3.485  7.378   -9.272  1.00 52.10 ? 82  LYS A CD   1 
ATOM   833  C CE   . LYS A 1 82 ? -3.718  6.030   -9.968  1.00 56.50 ? 82  LYS A CE   1 
ATOM   834  N NZ   . LYS A 1 82 ? -4.969  6.026   -10.788 1.00 56.87 ? 82  LYS A NZ   1 
ATOM   835  H H    . LYS A 1 82 ? -1.457  7.472   -5.294  1.00 0.00  ? 82  LYS A H    1 
ATOM   836  H HZ1  . LYS A 1 82 ? -4.903  6.792   -11.488 1.00 0.00  ? 82  LYS A HZ1  1 
ATOM   837  H HZ2  . LYS A 1 82 ? -5.085  5.120   -11.289 1.00 0.00  ? 82  LYS A HZ2  1 
ATOM   838  H HZ3  . LYS A 1 82 ? -5.787  6.179   -10.165 1.00 0.00  ? 82  LYS A HZ3  1 
ATOM   839  N N    . HIS A 1 83 ? 0.349   10.801  -6.082  1.00 20.77 ? 83  HIS A N    1 
ATOM   840  C CA   . HIS A 1 83 ? 0.523   12.053  -5.339  1.00 17.27 ? 83  HIS A CA   1 
ATOM   841  C C    . HIS A 1 83 ? 1.143   13.118  -6.249  1.00 16.97 ? 83  HIS A C    1 
ATOM   842  O O    . HIS A 1 83 ? 1.952   12.788  -7.104  1.00 22.11 ? 83  HIS A O    1 
ATOM   843  C CB   . HIS A 1 83 ? 1.450   11.801  -4.143  1.00 17.97 ? 83  HIS A CB   1 
ATOM   844  C CG   . HIS A 1 83 ? 1.487   12.921  -3.150  1.00 19.46 ? 83  HIS A CG   1 
ATOM   845  N ND1  . HIS A 1 83 ? 2.657   13.514  -2.732  1.00 15.68 ? 83  HIS A ND1  1 
ATOM   846  C CD2  . HIS A 1 83 ? 0.489   13.554  -2.485  1.00 21.00 ? 83  HIS A CD2  1 
ATOM   847  C CE1  . HIS A 1 83 ? 2.382   14.462  -1.857  1.00 21.11 ? 83  HIS A CE1  1 
ATOM   848  N NE2  . HIS A 1 83 ? 1.072   14.505  -1.691  1.00 18.64 ? 83  HIS A NE2  1 
ATOM   849  H H    . HIS A 1 83 ? 1.060   10.520  -6.706  1.00 0.00  ? 83  HIS A H    1 
ATOM   850  H HD1  . HIS A 1 83 ? 3.582   13.279  -2.963  1.00 0.00  ? 83  HIS A HD1  1 
ATOM   851  H HE2  . HIS A 1 83 ? 0.567   15.076  -1.076  1.00 0.00  ? 83  HIS A HE2  1 
ATOM   852  N N    . VAL A 1 84 ? 0.815   14.393  -6.040  1.00 17.42 ? 84  VAL A N    1 
ATOM   853  C CA   . VAL A 1 84 ? 1.365   15.475  -6.869  1.00 19.29 ? 84  VAL A CA   1 
ATOM   854  C C    . VAL A 1 84 ? 2.876   15.546  -6.926  1.00 18.63 ? 84  VAL A C    1 
ATOM   855  O O    . VAL A 1 84 ? 3.405   16.393  -7.635  1.00 20.72 ? 84  VAL A O    1 
ATOM   856  C CB   . VAL A 1 84 ? 0.901   16.907  -6.435  1.00 22.61 ? 84  VAL A CB   1 
ATOM   857  C CG1  . VAL A 1 84 ? -0.608  17.004  -6.420  1.00 34.08 ? 84  VAL A CG1  1 
ATOM   858  C CG2  . VAL A 1 84 ? 1.515   17.305  -5.083  1.00 19.07 ? 84  VAL A CG2  1 
ATOM   859  H H    . VAL A 1 84 ? 0.138   14.611  -5.363  1.00 0.00  ? 84  VAL A H    1 
ATOM   860  N N    . THR A 1 85 ? 3.561   14.739  -6.123  1.00 20.43 ? 85  THR A N    1 
ATOM   861  C CA   . THR A 1 85 ? 5.021   14.744  -6.099  1.00 26.65 ? 85  THR A CA   1 
ATOM   862  C C    . THR A 1 85 ? 5.555   13.658  -7.018  1.00 25.88 ? 85  THR A C    1 
ATOM   863  O O    . THR A 1 85 ? 6.752   13.584  -7.285  1.00 31.20 ? 85  THR A O    1 
ATOM   864  C CB   . THR A 1 85 ? 5.574   14.492  -4.672  1.00 30.48 ? 85  THR A CB   1 
ATOM   865  O OG1  . THR A 1 85 ? 5.024   13.277  -4.144  1.00 36.58 ? 85  THR A OG1  1 
ATOM   866  C CG2  . THR A 1 85 ? 5.229   15.636  -3.737  1.00 28.16 ? 85  THR A CG2  1 
ATOM   867  H H    . THR A 1 85 ? 3.116   14.104  -5.538  1.00 0.00  ? 85  THR A H    1 
ATOM   868  H HG1  . THR A 1 85 ? 5.616   12.575  -4.465  1.00 0.00  ? 85  THR A HG1  1 
ATOM   869  N N    . LEU A 1 86 ? 4.658   12.800  -7.475  1.00 23.16 ? 86  LEU A N    1 
ATOM   870  C CA   . LEU A 1 86 ? 5.016   11.701  -8.346  1.00 25.18 ? 86  LEU A CA   1 
ATOM   871  C C    . LEU A 1 86 ? 4.482   12.023  -9.724  1.00 29.62 ? 86  LEU A C    1 
ATOM   872  O O    . LEU A 1 86 ? 3.269   12.142  -9.899  1.00 28.54 ? 86  LEU A O    1 
ATOM   873  C CB   . LEU A 1 86 ? 4.379   10.413  -7.828  1.00 16.05 ? 86  LEU A CB   1 
ATOM   874  C CG   . LEU A 1 86 ? 4.710   10.065  -6.374  1.00 16.31 ? 86  LEU A CG   1 
ATOM   875  C CD1  . LEU A 1 86 ? 3.834   8.898   -5.890  1.00 13.20 ? 86  LEU A CD1  1 
ATOM   876  C CD2  . LEU A 1 86 ? 6.210   9.753   -6.242  1.00 9.58  ? 86  LEU A CD2  1 
ATOM   877  H H    . LEU A 1 86 ? 3.716   12.929  -7.309  1.00 0.00  ? 86  LEU A H    1 
ATOM   878  N N    . GLU A 1 87 ? 5.391   12.215  -10.681 1.00 35.46 ? 87  GLU A N    1 
ATOM   879  C CA   . GLU A 1 87 ? 5.016   12.528  -12.062 1.00 40.11 ? 87  GLU A CA   1 
ATOM   880  C C    . GLU A 1 87 ? 4.153   11.414  -12.641 1.00 38.99 ? 87  GLU A C    1 
ATOM   881  O O    . GLU A 1 87 ? 3.241   11.654  -13.441 1.00 35.06 ? 87  GLU A O    1 
ATOM   882  C CB   . GLU A 1 87 ? 6.263   12.688  -12.924 1.00 48.06 ? 87  GLU A CB   1 
ATOM   883  C CG   . GLU A 1 87 ? 7.143   13.867  -12.558 1.00 60.91 ? 87  GLU A CG   1 
ATOM   884  C CD   . GLU A 1 87 ? 8.266   14.072  -13.558 1.00 71.29 ? 87  GLU A CD   1 
ATOM   885  O OE1  . GLU A 1 87 ? 9.058   13.121  -13.769 1.00 76.17 ? 87  GLU A OE1  1 
ATOM   886  O OE2  . GLU A 1 87 ? 8.350   15.178  -14.140 1.00 74.68 ? 87  GLU A OE2  1 
ATOM   887  H H    . GLU A 1 87 ? 6.340   12.154  -10.438 1.00 0.00  ? 87  GLU A H    1 
ATOM   888  N N    . GLN A 1 88 ? 4.474   10.191  -12.228 1.00 39.42 ? 88  GLN A N    1 
ATOM   889  C CA   . GLN A 1 88 ? 3.776   8.988   -12.658 1.00 37.21 ? 88  GLN A CA   1 
ATOM   890  C C    . GLN A 1 88 ? 3.543   8.183   -11.380 1.00 31.92 ? 88  GLN A C    1 
ATOM   891  O O    . GLN A 1 88 ? 4.438   8.099   -10.537 1.00 27.78 ? 88  GLN A O    1 
ATOM   892  C CB   . GLN A 1 88 ? 4.674   8.197   -13.609 1.00 40.82 ? 88  GLN A CB   1 
ATOM   893  C CG   . GLN A 1 88 ? 3.929   7.431   -14.680 1.00 55.49 ? 88  GLN A CG   1 
ATOM   894  C CD   . GLN A 1 88 ? 4.801   6.395   -15.370 1.00 66.24 ? 88  GLN A CD   1 
ATOM   895  O OE1  . GLN A 1 88 ? 4.332   5.304   -15.716 1.00 64.57 ? 88  GLN A OE1  1 
ATOM   896  N NE2  . GLN A 1 88 ? 6.080   6.725   -15.566 1.00 70.56 ? 88  GLN A NE2  1 
ATOM   897  H H    . GLN A 1 88 ? 5.198   10.089  -11.582 1.00 0.00  ? 88  GLN A H    1 
ATOM   898  H HE21 . GLN A 1 88 ? 6.606   6.042   -16.027 1.00 0.00  ? 88  GLN A HE21 1 
ATOM   899  H HE22 . GLN A 1 88 ? 6.434   7.585   -15.274 1.00 0.00  ? 88  GLN A HE22 1 
ATOM   900  N N    . PRO A 1 89 ? 2.327   7.637   -11.195 1.00 30.92 ? 89  PRO A N    1 
ATOM   901  C CA   . PRO A 1 89 ? 1.950   6.835   -10.019 1.00 32.09 ? 89  PRO A CA   1 
ATOM   902  C C    . PRO A 1 89 ? 2.986   5.760   -9.664  1.00 31.53 ? 89  PRO A C    1 
ATOM   903  O O    . PRO A 1 89 ? 3.252   4.855   -10.458 1.00 34.82 ? 89  PRO A O    1 
ATOM   904  C CB   . PRO A 1 89 ? 0.624   6.203   -10.455 1.00 29.83 ? 89  PRO A CB   1 
ATOM   905  C CG   . PRO A 1 89 ? 0.016   7.280   -11.276 1.00 29.81 ? 89  PRO A CG   1 
ATOM   906  C CD   . PRO A 1 89 ? 1.182   7.785   -12.111 1.00 29.97 ? 89  PRO A CD   1 
ATOM   907  N N    . ARG A 1 90 ? 3.565   5.867   -8.471  1.00 27.67 ? 90  ARG A N    1 
ATOM   908  C CA   . ARG A 1 90 ? 4.573   4.917   -8.017  1.00 20.66 ? 90  ARG A CA   1 
ATOM   909  C C    . ARG A 1 90 ? 3.964   3.568   -7.641  1.00 20.60 ? 90  ARG A C    1 
ATOM   910  O O    . ARG A 1 90 ? 2.905   3.510   -7.017  1.00 30.54 ? 90  ARG A O    1 
ATOM   911  C CB   . ARG A 1 90 ? 5.345   5.500   -6.838  1.00 16.86 ? 90  ARG A CB   1 
ATOM   912  C CG   . ARG A 1 90 ? 6.407   4.578   -6.287  1.00 22.85 ? 90  ARG A CG   1 
ATOM   913  C CD   . ARG A 1 90 ? 7.314   5.300   -5.325  1.00 30.27 ? 90  ARG A CD   1 
ATOM   914  N NE   . ARG A 1 90 ? 8.176   4.379   -4.595  1.00 38.62 ? 90  ARG A NE   1 
ATOM   915  C CZ   . ARG A 1 90 ? 8.572   4.560   -3.339  1.00 42.77 ? 90  ARG A CZ   1 
ATOM   916  N NH1  . ARG A 1 90 ? 8.185   5.639   -2.661  1.00 43.64 ? 90  ARG A NH1  1 
ATOM   917  N NH2  . ARG A 1 90 ? 9.352   3.660   -2.755  1.00 46.13 ? 90  ARG A NH2  1 
ATOM   918  H H    . ARG A 1 90 ? 3.271   6.594   -7.886  1.00 0.00  ? 90  ARG A H    1 
ATOM   919  H HE   . ARG A 1 90 ? 8.472   3.564   -5.062  1.00 0.00  ? 90  ARG A HE   1 
ATOM   920  H HH11 . ARG A 1 90 ? 7.599   6.325   -3.099  1.00 0.00  ? 90  ARG A HH11 1 
ATOM   921  H HH12 . ARG A 1 90 ? 8.491   5.783   -1.721  1.00 0.00  ? 90  ARG A HH12 1 
ATOM   922  H HH21 . ARG A 1 90 ? 9.641   2.844   -3.252  1.00 0.00  ? 90  ARG A HH21 1 
ATOM   923  H HH22 . ARG A 1 90 ? 9.651   3.807   -1.807  1.00 0.00  ? 90  ARG A HH22 1 
ATOM   924  N N    . ILE A 1 91 ? 4.627   2.489   -8.051  1.00 21.08 ? 91  ILE A N    1 
ATOM   925  C CA   . ILE A 1 91 ? 4.182   1.129   -7.764  1.00 18.09 ? 91  ILE A CA   1 
ATOM   926  C C    . ILE A 1 91 ? 5.257   0.311   -7.075  1.00 20.06 ? 91  ILE A C    1 
ATOM   927  O O    . ILE A 1 91 ? 6.330   0.083   -7.628  1.00 20.55 ? 91  ILE A O    1 
ATOM   928  C CB   . ILE A 1 91 ? 3.758   0.356   -9.024  1.00 16.27 ? 91  ILE A CB   1 
ATOM   929  C CG1  . ILE A 1 91 ? 2.515   1.000   -9.645  1.00 18.58 ? 91  ILE A CG1  1 
ATOM   930  C CG2  . ILE A 1 91 ? 3.483   -1.111  -8.668  1.00 11.18 ? 91  ILE A CG2  1 
ATOM   931  C CD1  . ILE A 1 91 ? 1.611   0.011   -10.375 1.00 10.08 ? 91  ILE A CD1  1 
ATOM   932  H H    . ILE A 1 91 ? 5.446   2.616   -8.563  1.00 0.00  ? 91  ILE A H    1 
ATOM   933  N N    . VAL A 1 92 ? 4.948   -0.132  -5.863  1.00 24.08 ? 92  VAL A N    1 
ATOM   934  C CA   . VAL A 1 92 ? 5.858   -0.945  -5.064  1.00 21.36 ? 92  VAL A CA   1 
ATOM   935  C C    . VAL A 1 92 ? 5.239   -2.335  -4.976  1.00 22.27 ? 92  VAL A C    1 
ATOM   936  O O    . VAL A 1 92 ? 4.052   -2.495  -4.658  1.00 18.29 ? 92  VAL A O    1 
ATOM   937  C CB   . VAL A 1 92 ? 6.070   -0.349  -3.650  1.00 18.51 ? 92  VAL A CB   1 
ATOM   938  C CG1  . VAL A 1 92 ? 6.838   0.953   -3.745  1.00 20.97 ? 92  VAL A CG1  1 
ATOM   939  C CG2  . VAL A 1 92 ? 4.751   -0.056  -3.013  1.00 26.19 ? 92  VAL A CG2  1 
ATOM   940  H H    . VAL A 1 92 ? 4.053   0.077   -5.503  1.00 0.00  ? 92  VAL A H    1 
ATOM   941  N N    . LYS A 1 93 ? 6.036   -3.334  -5.324  1.00 24.53 ? 93  LYS A N    1 
ATOM   942  C CA   . LYS A 1 93 ? 5.593   -4.715  -5.328  1.00 26.93 ? 93  LYS A CA   1 
ATOM   943  C C    . LYS A 1 93 ? 5.742   -5.375  -3.972  1.00 26.88 ? 93  LYS A C    1 
ATOM   944  O O    . LYS A 1 93 ? 6.640   -5.047  -3.198  1.00 30.47 ? 93  LYS A O    1 
ATOM   945  C CB   . LYS A 1 93 ? 6.397   -5.492  -6.363  1.00 32.66 ? 93  LYS A CB   1 
ATOM   946  C CG   . LYS A 1 93 ? 5.938   -6.921  -6.592  1.00 47.70 ? 93  LYS A CG   1 
ATOM   947  C CD   . LYS A 1 93 ? 6.822   -7.574  -7.639  1.00 56.86 ? 93  LYS A CD   1 
ATOM   948  C CE   . LYS A 1 93 ? 6.466   -9.019  -7.887  1.00 56.85 ? 93  LYS A CE   1 
ATOM   949  N NZ   . LYS A 1 93 ? 7.342   -9.560  -8.974  1.00 62.83 ? 93  LYS A NZ   1 
ATOM   950  H H    . LYS A 1 93 ? 6.970   -3.125  -5.546  1.00 0.00  ? 93  LYS A H    1 
ATOM   951  H HZ1  . LYS A 1 93 ? 7.220   -8.944  -9.801  1.00 0.00  ? 93  LYS A HZ1  1 
ATOM   952  H HZ2  . LYS A 1 93 ? 8.340   -9.543  -8.672  1.00 0.00  ? 93  LYS A HZ2  1 
ATOM   953  H HZ3  . LYS A 1 93 ? 7.086   -10.536 -9.228  1.00 0.00  ? 93  LYS A HZ3  1 
ATOM   954  N N    . TRP A 1 94 ? 4.851   -6.311  -3.682  1.00 28.27 ? 94  TRP A N    1 
ATOM   955  C CA   . TRP A 1 94 ? 4.918   -7.032  -2.423  1.00 27.35 ? 94  TRP A CA   1 
ATOM   956  C C    . TRP A 1 94 ? 5.967   -8.121  -2.538  1.00 25.52 ? 94  TRP A C    1 
ATOM   957  O O    . TRP A 1 94 ? 5.758   -9.105  -3.237  1.00 24.17 ? 94  TRP A O    1 
ATOM   958  C CB   . TRP A 1 94 ? 3.571   -7.671  -2.081  1.00 22.71 ? 94  TRP A CB   1 
ATOM   959  C CG   . TRP A 1 94 ? 3.656   -8.619  -0.917  1.00 20.27 ? 94  TRP A CG   1 
ATOM   960  C CD1  . TRP A 1 94 ? 4.221   -8.374  0.294   1.00 20.15 ? 94  TRP A CD1  1 
ATOM   961  C CD2  . TRP A 1 94 ? 3.164   -9.965  -0.864  1.00 24.52 ? 94  TRP A CD2  1 
ATOM   962  N NE1  . TRP A 1 94 ? 4.113   -9.484  1.105   1.00 21.61 ? 94  TRP A NE1  1 
ATOM   963  C CE2  . TRP A 1 94 ? 3.466   -10.473 0.421   1.00 19.13 ? 94  TRP A CE2  1 
ATOM   964  C CE3  . TRP A 1 94 ? 2.490   -10.793 -1.777  1.00 24.24 ? 94  TRP A CE3  1 
ATOM   965  C CZ2  . TRP A 1 94 ? 3.124   -11.759 0.814   1.00 17.84 ? 94  TRP A CZ2  1 
ATOM   966  C CZ3  . TRP A 1 94 ? 2.151   -12.077 -1.383  1.00 23.06 ? 94  TRP A CZ3  1 
ATOM   967  C CH2  . TRP A 1 94 ? 2.469   -12.547 -0.097  1.00 23.58 ? 94  TRP A CH2  1 
ATOM   968  H H    . TRP A 1 94 ? 4.152   -6.544  -4.331  1.00 0.00  ? 94  TRP A H    1 
ATOM   969  H HE1  . TRP A 1 94 ? 4.461   -9.551  2.018   1.00 0.00  ? 94  TRP A HE1  1 
ATOM   970  N N    . ASP A 1 95 ? 7.105   -7.920  -1.892  1.00 31.02 ? 95  ASP A N    1 
ATOM   971  C CA   . ASP A 1 95 ? 8.155   -8.920  -1.903  1.00 40.92 ? 95  ASP A CA   1 
ATOM   972  C C    . ASP A 1 95 ? 7.905   -9.733  -0.659  1.00 46.39 ? 95  ASP A C    1 
ATOM   973  O O    . ASP A 1 95 ? 7.856   -9.173  0.432   1.00 54.82 ? 95  ASP A O    1 
ATOM   974  C CB   . ASP A 1 95 ? 9.534   -8.272  -1.791  1.00 44.28 ? 95  ASP A CB   1 
ATOM   975  C CG   . ASP A 1 95 ? 10.661  -9.256  -2.053  1.00 49.41 ? 95  ASP A CG   1 
ATOM   976  O OD1  . ASP A 1 95 ? 10.576  -10.424 -1.603  1.00 46.24 ? 95  ASP A OD1  1 
ATOM   977  O OD2  . ASP A 1 95 ? 11.631  -8.854  -2.730  1.00 54.44 ? 95  ASP A OD2  1 
ATOM   978  H H    . ASP A 1 95 ? 7.216   -7.100  -1.364  1.00 0.00  ? 95  ASP A H    1 
ATOM   979  N N    . ARG A 1 96 ? 7.790   -11.048 -0.804  1.00 51.12 ? 96  ARG A N    1 
ATOM   980  C CA   . ARG A 1 96 ? 7.538   -11.899 0.352   1.00 52.81 ? 96  ARG A CA   1 
ATOM   981  C C    . ARG A 1 96 ? 8.754   -12.668 0.870   1.00 55.40 ? 96  ARG A C    1 
ATOM   982  O O    . ARG A 1 96 ? 8.632   -13.785 1.356   1.00 59.95 ? 96  ARG A O    1 
ATOM   983  C CB   . ARG A 1 96 ? 6.365   -12.839 0.074   1.00 50.34 ? 96  ARG A CB   1 
ATOM   984  C CG   . ARG A 1 96 ? 6.527   -13.732 -1.135  1.00 48.74 ? 96  ARG A CG   1 
ATOM   985  C CD   . ARG A 1 96 ? 5.264   -14.536 -1.334  1.00 52.34 ? 96  ARG A CD   1 
ATOM   986  N NE   . ARG A 1 96 ? 5.502   -15.784 -2.044  1.00 57.55 ? 96  ARG A NE   1 
ATOM   987  C CZ   . ARG A 1 96 ? 4.793   -16.895 -1.862  1.00 60.91 ? 96  ARG A CZ   1 
ATOM   988  N NH1  . ARG A 1 96 ? 3.787   -16.921 -0.985  1.00 55.88 ? 96  ARG A NH1  1 
ATOM   989  N NH2  . ARG A 1 96 ? 5.087   -17.982 -2.565  1.00 64.72 ? 96  ARG A NH2  1 
ATOM   990  H H    . ARG A 1 96 ? 7.864   -11.447 -1.691  1.00 0.00  ? 96  ARG A H    1 
ATOM   991  H HE   . ARG A 1 96 ? 6.213   -15.811 -2.719  1.00 0.00  ? 96  ARG A HE   1 
ATOM   992  H HH11 . ARG A 1 96 ? 3.538   -16.102 -0.469  1.00 0.00  ? 96  ARG A HH11 1 
ATOM   993  H HH12 . ARG A 1 96 ? 3.260   -17.763 -0.872  1.00 0.00  ? 96  ARG A HH12 1 
ATOM   994  H HH21 . ARG A 1 96 ? 5.828   -17.967 -3.236  1.00 0.00  ? 96  ARG A HH21 1 
ATOM   995  H HH22 . ARG A 1 96 ? 4.557   -18.821 -2.439  1.00 0.00  ? 96  ARG A HH22 1 
ATOM   996  N N    . ASP A 1 97 ? 9.924   -12.045 0.793   1.00 58.62 ? 97  ASP A N    1 
ATOM   997  C CA   . ASP A 1 97 ? 11.162  -12.656 1.274   1.00 62.30 ? 97  ASP A CA   1 
ATOM   998  C C    . ASP A 1 97 ? 11.931  -11.615 2.088   1.00 62.34 ? 97  ASP A C    1 
ATOM   999  O O    . ASP A 1 97 ? 13.059  -11.852 2.527   1.00 60.76 ? 97  ASP A O    1 
ATOM   1000 C CB   . ASP A 1 97 ? 12.014  -13.148 0.099   1.00 64.34 ? 97  ASP A CB   1 
ATOM   1001 C CG   . ASP A 1 97 ? 11.351  -14.276 -0.668  1.00 68.37 ? 97  ASP A CG   1 
ATOM   1002 O OD1  . ASP A 1 97 ? 11.271  -15.400 -0.124  1.00 71.65 ? 97  ASP A OD1  1 
ATOM   1003 O OD2  . ASP A 1 97 ? 10.904  -14.032 -1.810  1.00 72.44 ? 97  ASP A OD2  1 
ATOM   1004 H H    . ASP A 1 97 ? 9.955   -11.119 0.493   1.00 0.00  ? 97  ASP A H    1 
ATOM   1005 N N    . LEU A 1 98 ? 11.273  -10.475 2.298   1.00 62.30 ? 98  LEU A N    1 
ATOM   1006 C CA   . LEU A 1 98 ? 11.818  -9.340  3.031   1.00 59.37 ? 98  LEU A CA   1 
ATOM   1007 C C    . LEU A 1 98 ? 11.291  -9.377  4.453   1.00 59.11 ? 98  LEU A C    1 
ATOM   1008 O O    . LEU A 1 98 ? 12.094  -9.164  5.381   1.00 64.04 ? 98  LEU A O    1 
ATOM   1009 C CB   . LEU A 1 98 ? 11.391  -8.034  2.353   1.00 58.70 ? 98  LEU A CB   1 
ATOM   1010 C CG   . LEU A 1 98 ? 11.894  -7.721  0.940   1.00 63.11 ? 98  LEU A CG   1 
ATOM   1011 C CD1  . LEU A 1 98 ? 11.282  -6.432  0.410   1.00 66.56 ? 98  LEU A CD1  1 
ATOM   1012 C CD2  . LEU A 1 98 ? 13.414  -7.622  0.945   1.00 61.38 ? 98  LEU A CD2  1 
ATOM   1013 O OXT  . LEU A 1 98 ? 10.082  -9.633  4.621   1.00 61.18 ? 98  LEU A OXT  1 
ATOM   1014 H H    . LEU A 1 98 ? 10.329  -10.401 2.084   1.00 0.00  ? 98  LEU A H    1 
HETATM 1015 O O    . HOH B 2 .  ? 3.708   -9.712  -5.667  1.00 17.66 ? 201 HOH A O    1 
HETATM 1016 H H1   . HOH B 2 .  ? 3.880   -8.815  -5.953  1.00 0.00  ? 201 HOH A H1   1 
HETATM 1017 H H2   . HOH B 2 .  ? 4.364   -9.855  -4.967  1.00 0.00  ? 201 HOH A H2   1 
HETATM 1018 O O    . HOH B 2 .  ? -0.749  -16.671 4.278   1.00 17.03 ? 202 HOH A O    1 
HETATM 1019 H H1   . HOH B 2 .  ? -1.701  -16.807 4.168   1.00 0.00  ? 202 HOH A H1   1 
HETATM 1020 H H2   . HOH B 2 .  ? -0.642  -16.308 5.170   1.00 0.00  ? 202 HOH A H2   1 
HETATM 1021 O O    . HOH B 2 .  ? -6.738  5.641   -1.707  1.00 36.96 ? 203 HOH A O    1 
HETATM 1022 H H1   . HOH B 2 .  ? -6.940  4.707   -1.571  1.00 0.00  ? 203 HOH A H1   1 
HETATM 1023 H H2   . HOH B 2 .  ? -6.654  5.960   -0.798  1.00 0.00  ? 203 HOH A H2   1 
HETATM 1024 O O    . HOH B 2 .  ? 9.182   2.648   5.307   1.00 48.27 ? 204 HOH A O    1 
HETATM 1025 H H1   . HOH B 2 .  ? 9.354   2.060   4.559   1.00 0.00  ? 204 HOH A H1   1 
HETATM 1026 H H2   . HOH B 2 .  ? 9.956   2.453   5.860   1.00 0.00  ? 204 HOH A H2   1 
HETATM 1027 O O    . HOH B 2 .  ? -11.470 5.304   4.497   1.00 43.57 ? 205 HOH A O    1 
HETATM 1028 H H1   . HOH B 2 .  ? -10.617 5.304   4.962   1.00 0.00  ? 205 HOH A H1   1 
HETATM 1029 H H2   . HOH B 2 .  ? -11.791 4.422   4.716   1.00 0.00  ? 205 HOH A H2   1 
HETATM 1030 O O    . HOH B 2 .  ? 1.056   10.413  -9.089  1.00 33.37 ? 206 HOH A O    1 
HETATM 1031 H H1   . HOH B 2 .  ? 0.413   10.829  -9.670  1.00 0.00  ? 206 HOH A H1   1 
HETATM 1032 H H2   . HOH B 2 .  ? 1.803   11.021  -9.200  1.00 0.00  ? 206 HOH A H2   1 
HETATM 1033 O O    . HOH B 2 .  ? -5.450  -12.436 10.245  1.00 53.68 ? 207 HOH A O    1 
HETATM 1034 H H1   . HOH B 2 .  ? -6.069  -11.712 10.093  1.00 0.00  ? 207 HOH A H1   1 
HETATM 1035 H H2   . HOH B 2 .  ? -6.062  -13.184 10.325  1.00 0.00  ? 207 HOH A H2   1 
HETATM 1036 O O    . HOH B 2 .  ? 8.575   12.132  -8.760  1.00 60.40 ? 208 HOH A O    1 
HETATM 1037 H H1   . HOH B 2 .  ? 9.374   12.646  -8.899  1.00 0.00  ? 208 HOH A H1   1 
HETATM 1038 H H2   . HOH B 2 .  ? 8.122   12.655  -8.084  1.00 0.00  ? 208 HOH A H2   1 
HETATM 1039 O O    . HOH B 2 .  ? 6.424   18.261  12.094  1.00 49.26 ? 210 HOH A O    1 
HETATM 1040 H H1   . HOH B 2 .  ? 6.697   17.340  11.969  1.00 0.00  ? 210 HOH A H1   1 
HETATM 1041 H H2   . HOH B 2 .  ? 5.893   18.414  11.297  1.00 0.00  ? 210 HOH A H2   1 
HETATM 1042 O O    . HOH B 2 .  ? -4.525  -5.674  8.481   1.00 37.98 ? 212 HOH A O    1 
HETATM 1043 H H1   . HOH B 2 .  ? -4.862  -6.557  8.643   1.00 0.00  ? 212 HOH A H1   1 
HETATM 1044 H H2   . HOH B 2 .  ? -3.645  -5.714  8.871   1.00 0.00  ? 212 HOH A H2   1 
HETATM 1045 O O    . HOH B 2 .  ? 4.845   11.015  16.658  1.00 31.25 ? 213 HOH A O    1 
HETATM 1046 H H1   . HOH B 2 .  ? 5.069   11.185  17.578  1.00 0.00  ? 213 HOH A H1   1 
HETATM 1047 H H2   . HOH B 2 .  ? 4.065   11.570  16.539  1.00 0.00  ? 213 HOH A H2   1 
HETATM 1048 O O    . HOH B 2 .  ? 9.716   -4.933  -4.017  1.00 45.40 ? 214 HOH A O    1 
HETATM 1049 H H1   . HOH B 2 .  ? 9.950   -5.749  -3.574  1.00 0.00  ? 214 HOH A H1   1 
HETATM 1050 H H2   . HOH B 2 .  ? 8.776   -4.825  -3.785  1.00 0.00  ? 214 HOH A H2   1 
HETATM 1051 O O    . HOH B 2 .  ? -7.290  -0.894  -1.415  1.00 24.53 ? 215 HOH A O    1 
HETATM 1052 H H1   . HOH B 2 .  ? -7.081  -0.412  -0.610  1.00 0.00  ? 215 HOH A H1   1 
HETATM 1053 H H2   . HOH B 2 .  ? -7.470  -1.774  -1.074  1.00 0.00  ? 215 HOH A H2   1 
HETATM 1054 O O    . HOH B 2 .  ? 9.422   11.842  2.067   1.00 28.43 ? 216 HOH A O    1 
HETATM 1055 H H1   . HOH B 2 .  ? 8.847   12.185  2.760   1.00 0.00  ? 216 HOH A H1   1 
HETATM 1056 H H2   . HOH B 2 .  ? 8.772   11.363  1.539   1.00 0.00  ? 216 HOH A H2   1 
HETATM 1057 O O    . HOH B 2 .  ? -1.830  -16.058 6.845   1.00 55.49 ? 217 HOH A O    1 
HETATM 1058 H H1   . HOH B 2 .  ? -2.284  -15.650 6.107   1.00 0.00  ? 217 HOH A H1   1 
HETATM 1059 H H2   . HOH B 2 .  ? -2.240  -16.923 6.920   1.00 0.00  ? 217 HOH A H2   1 
HETATM 1060 O O    . HOH B 2 .  ? -2.822  12.983  -5.805  1.00 33.72 ? 218 HOH A O    1 
HETATM 1061 H H1   . HOH B 2 .  ? -2.680  12.070  -5.519  1.00 0.00  ? 218 HOH A H1   1 
HETATM 1062 H H2   . HOH B 2 .  ? -3.759  13.012  -5.993  1.00 0.00  ? 218 HOH A H2   1 
HETATM 1063 O O    . HOH B 2 .  ? 4.525   -11.081 6.049   1.00 35.45 ? 220 HOH A O    1 
HETATM 1064 H H1   . HOH B 2 .  ? 5.403   -10.796 5.812   1.00 0.00  ? 220 HOH A H1   1 
HETATM 1065 H H2   . HOH B 2 .  ? 4.635   -11.306 7.003   1.00 0.00  ? 220 HOH A H2   1 
HETATM 1066 O O    . HOH B 2 .  ? -11.541 7.258   2.682   1.00 43.02 ? 221 HOH A O    1 
HETATM 1067 H H1   . HOH B 2 .  ? -12.238 7.862   2.936   1.00 0.00  ? 221 HOH A H1   1 
HETATM 1068 H H2   . HOH B 2 .  ? -11.633 6.540   3.357   1.00 0.00  ? 221 HOH A H2   1 
HETATM 1069 O O    . HOH B 2 .  ? -16.243 -2.436  4.259   1.00 35.77 ? 222 HOH A O    1 
HETATM 1070 H H1   . HOH B 2 .  ? -15.651 -2.457  5.010   1.00 0.00  ? 222 HOH A H1   1 
HETATM 1071 H H2   . HOH B 2 .  ? -17.040 -2.856  4.586   1.00 0.00  ? 222 HOH A H2   1 
HETATM 1072 O O    . HOH B 2 .  ? 7.419   7.234   -9.265  1.00 32.12 ? 223 HOH A O    1 
HETATM 1073 H H1   . HOH B 2 .  ? 7.936   8.043   -9.173  1.00 0.00  ? 223 HOH A H1   1 
HETATM 1074 H H2   . HOH B 2 .  ? 7.414   7.065   -10.204 1.00 0.00  ? 223 HOH A H2   1 
HETATM 1075 O O    . HOH B 2 .  ? -14.891 -13.516 3.438   1.00 38.78 ? 224 HOH A O    1 
HETATM 1076 H H1   . HOH B 2 .  ? -14.014 -13.641 3.073   1.00 0.00  ? 224 HOH A H1   1 
HETATM 1077 H H2   . HOH B 2 .  ? -15.447 -14.098 2.914   1.00 0.00  ? 224 HOH A H2   1 
HETATM 1078 O O    . HOH B 2 .  ? 9.973   8.834   -2.593  1.00 41.61 ? 225 HOH A O    1 
HETATM 1079 H H1   . HOH B 2 .  ? 10.731  8.587   -2.072  1.00 0.00  ? 225 HOH A H1   1 
HETATM 1080 H H2   . HOH B 2 .  ? 9.216   8.555   -2.068  1.00 0.00  ? 225 HOH A H2   1 
HETATM 1081 O O    . HOH B 2 .  ? 5.567   -8.594  -11.335 1.00 67.63 ? 226 HOH A O    1 
HETATM 1082 H H1   . HOH B 2 .  ? 4.744   -8.476  -11.811 1.00 0.00  ? 226 HOH A H1   1 
HETATM 1083 H H2   . HOH B 2 .  ? 5.837   -7.699  -11.127 1.00 0.00  ? 226 HOH A H2   1 
HETATM 1084 O O    . HOH B 2 .  ? 8.830   -2.493  -4.748  1.00 41.83 ? 227 HOH A O    1 
HETATM 1085 H H1   . HOH B 2 .  ? 9.389   -3.272  -4.523  1.00 0.00  ? 227 HOH A H1   1 
HETATM 1086 H H2   . HOH B 2 .  ? 9.491   -1.847  -5.004  1.00 0.00  ? 227 HOH A H2   1 
# 
